data_1U10
#
_entry.id   1U10
#
_cell.length_a   35.613
_cell.length_b   77.988
_cell.length_c   127.663
_cell.angle_alpha   93.15
_cell.angle_beta   95.93
_cell.angle_gamma   90.75
#
_symmetry.space_group_name_H-M   'P 1'
#
loop_
_entity.id
_entity.type
_entity.pdbx_description
1 polymer 'Penicillin-insensitive murein endopeptidase'
2 non-polymer 'ZINC ION'
3 non-polymer 'SULFATE ION'
4 water water
#
_entity_poly.entity_id   1
_entity_poly.type   'polypeptide(L)'
_entity_poly.pdbx_seq_one_letter_code
;ATPWQKITQPVPGSAQSIGSFSNGCIVGADTLPIQSEHYQV(MSE)RTDQRRYFGHPDLV(MSE)FIQRLSSQVSNLG
(MSE)GTVLIGD(MSE)G(MSE)PAGGRFNGGHASHQTGLDVDIFLQLPKTRWTSAQLLRPQALDLVSRDGKHVVSTLWK
PEIFSLIKLAAQDKDVTRIFVNPAIKQQLCLDAGTDRDWLRKVRPWFQHRAH(MSE)HVRLRCPADSLECEDQPLPPSGD
GCGAELQSWFEPPKPGTTKPEKKTPPPLPPSCQALLDEHVI
;
_entity_poly.pdbx_strand_id   A,B,C,D,E,F
#
loop_
_chem_comp.id
_chem_comp.type
_chem_comp.name
_chem_comp.formula
SO4 non-polymer 'SULFATE ION' 'O4 S -2'
ZN non-polymer 'ZINC ION' 'Zn 2'
#
# COMPACT_ATOMS: atom_id res chain seq x y z
N ALA A 1 -40.53 12.03 62.31
CA ALA A 1 -41.13 12.80 63.44
C ALA A 1 -42.42 12.16 63.92
N THR A 2 -43.16 11.54 63.00
CA THR A 2 -44.40 10.85 63.39
C THR A 2 -43.94 9.68 64.25
N PRO A 3 -44.88 9.04 64.94
CA PRO A 3 -44.44 7.92 65.76
C PRO A 3 -43.87 6.81 64.89
N TRP A 4 -44.57 6.50 63.81
CA TRP A 4 -44.17 5.43 62.91
C TRP A 4 -42.68 5.44 62.62
N GLN A 5 -42.15 6.64 62.47
CA GLN A 5 -40.77 6.80 62.11
C GLN A 5 -39.79 6.66 63.25
N LYS A 6 -40.30 6.59 64.47
CA LYS A 6 -39.44 6.43 65.63
C LYS A 6 -39.38 5.00 66.12
N ILE A 7 -40.54 4.34 66.20
CA ILE A 7 -40.60 2.93 66.65
C ILE A 7 -39.40 2.15 66.09
N THR A 8 -38.90 1.19 66.84
CA THR A 8 -37.73 0.47 66.37
C THR A 8 -37.98 -1.03 66.31
N GLN A 9 -39.05 -1.45 66.96
CA GLN A 9 -39.38 -2.86 67.02
C GLN A 9 -40.76 -3.08 66.43
N PRO A 10 -40.94 -4.15 65.66
CA PRO A 10 -42.25 -4.43 65.08
C PRO A 10 -43.18 -4.76 66.22
N VAL A 11 -44.47 -4.46 66.07
CA VAL A 11 -45.46 -4.77 67.10
C VAL A 11 -45.70 -6.28 67.09
N PRO A 12 -45.42 -6.95 68.20
CA PRO A 12 -45.61 -8.40 68.30
C PRO A 12 -47.05 -8.87 68.16
N GLY A 13 -47.23 -10.02 67.52
CA GLY A 13 -48.56 -10.58 67.31
C GLY A 13 -48.66 -11.23 65.94
N SER A 14 -49.82 -11.78 65.59
CA SER A 14 -50.03 -12.40 64.28
C SER A 14 -49.91 -11.31 63.23
N ALA A 15 -49.24 -11.61 62.13
CA ALA A 15 -49.06 -10.65 61.05
C ALA A 15 -50.38 -10.14 60.47
N GLN A 16 -50.51 -8.82 60.43
CA GLN A 16 -51.72 -8.19 59.89
C GLN A 16 -51.44 -6.86 59.17
N SER A 17 -51.70 -6.84 57.87
CA SER A 17 -51.54 -5.63 57.08
C SER A 17 -52.86 -4.90 57.28
N ILE A 18 -52.80 -3.63 57.63
CA ILE A 18 -54.00 -2.85 57.92
C ILE A 18 -54.09 -1.56 57.13
N GLY A 19 -55.19 -1.39 56.39
CA GLY A 19 -55.38 -0.22 55.57
C GLY A 19 -54.96 -0.53 54.14
N SER A 20 -54.54 0.49 53.40
CA SER A 20 -54.09 0.31 52.02
C SER A 20 -52.62 0.74 51.89
N PHE A 21 -51.99 0.33 50.79
CA PHE A 21 -50.58 0.61 50.52
C PHE A 21 -50.14 2.05 50.80
N SER A 22 -51.04 3.01 50.60
CA SER A 22 -50.69 4.42 50.81
C SER A 22 -51.30 5.05 52.07
N ASN A 23 -51.88 4.22 52.93
CA ASN A 23 -52.46 4.73 54.15
C ASN A 23 -52.90 3.59 55.05
N GLY A 24 -51.95 3.15 55.87
CA GLY A 24 -52.19 2.05 56.79
C GLY A 24 -50.95 1.72 57.60
N CYS A 25 -50.95 0.55 58.20
CA CYS A 25 -49.81 0.13 59.01
C CYS A 25 -49.81 -1.38 59.01
N ILE A 26 -48.93 -1.97 59.82
CA ILE A 26 -48.86 -3.42 59.92
C ILE A 26 -48.46 -3.89 61.30
N VAL A 27 -49.19 -4.90 61.78
CA VAL A 27 -48.95 -5.51 63.07
C VAL A 27 -48.31 -6.87 62.83
N GLY A 28 -47.29 -7.17 63.62
CA GLY A 28 -46.63 -8.44 63.49
C GLY A 28 -45.71 -8.51 62.30
N ALA A 29 -45.12 -7.39 61.94
CA ALA A 29 -44.22 -7.37 60.80
C ALA A 29 -43.03 -8.31 61.02
N ASP A 30 -42.54 -8.85 59.90
CA ASP A 30 -41.39 -9.75 59.94
C ASP A 30 -40.15 -8.97 59.48
N THR A 31 -38.98 -9.42 59.92
CA THR A 31 -37.73 -8.77 59.56
C THR A 31 -36.96 -9.57 58.49
N LEU A 32 -36.53 -8.88 57.44
CA LEU A 32 -35.78 -9.56 56.41
C LEU A 32 -34.43 -9.83 57.01
N PRO A 33 -33.98 -11.08 56.96
CA PRO A 33 -32.67 -11.37 57.54
C PRO A 33 -31.61 -10.61 56.75
N ILE A 34 -30.71 -9.93 57.45
CA ILE A 34 -29.62 -9.18 56.83
C ILE A 34 -28.70 -10.08 56.01
N GLN A 35 -28.24 -11.16 56.62
CA GLN A 35 -27.32 -12.10 55.96
C GLN A 35 -28.07 -13.09 55.10
N SER A 36 -27.69 -13.17 53.82
CA SER A 36 -28.31 -14.08 52.87
C SER A 36 -27.33 -14.41 51.76
N GLU A 37 -27.42 -15.59 51.17
CA GLU A 37 -26.51 -15.93 50.09
C GLU A 37 -27.02 -15.49 48.72
N HIS A 38 -28.24 -14.98 48.64
CA HIS A 38 -28.81 -14.57 47.36
C HIS A 38 -29.09 -13.09 47.24
N TYR A 39 -29.18 -12.39 48.37
CA TYR A 39 -29.49 -10.97 48.32
C TYR A 39 -28.74 -10.25 49.42
N GLN A 40 -28.64 -8.94 49.28
CA GLN A 40 -28.02 -8.09 50.28
C GLN A 40 -29.00 -6.95 50.56
N VAL A 41 -28.83 -6.26 51.68
CA VAL A 41 -29.76 -5.21 52.04
C VAL A 41 -29.17 -3.84 52.09
N MSE A 42 -29.70 -2.93 51.28
CA MSE A 42 -29.21 -1.56 51.23
C MSE A 42 -29.82 -0.70 52.32
O MSE A 42 -30.93 -0.95 52.79
CB MSE A 42 -29.53 -0.94 49.87
CG MSE A 42 -28.91 -1.65 48.72
SE MSE A 42 -29.36 -0.95 46.93
CE MSE A 42 -31.21 -1.24 46.83
N ARG A 43 -29.07 0.32 52.70
CA ARG A 43 -29.45 1.31 53.70
C ARG A 43 -30.15 0.78 54.96
N THR A 44 -29.49 -0.15 55.64
CA THR A 44 -30.04 -0.71 56.86
C THR A 44 -30.18 0.35 57.93
N ASP A 45 -29.43 1.44 57.80
CA ASP A 45 -29.52 2.49 58.81
C ASP A 45 -30.90 3.17 58.84
N GLN A 46 -31.71 3.02 57.79
CA GLN A 46 -33.04 3.62 57.78
C GLN A 46 -34.04 2.73 58.49
N ARG A 47 -33.64 1.50 58.81
CA ARG A 47 -34.52 0.56 59.47
C ARG A 47 -35.83 0.40 58.70
N ARG A 48 -35.70 0.13 57.42
CA ARG A 48 -36.86 -0.06 56.54
C ARG A 48 -36.85 -1.44 55.89
N TYR A 49 -36.37 -2.44 56.61
CA TYR A 49 -36.30 -3.78 56.05
C TYR A 49 -37.29 -4.68 56.78
N PHE A 50 -38.49 -4.17 56.98
CA PHE A 50 -39.54 -4.88 57.70
C PHE A 50 -40.75 -5.00 56.80
N GLY A 51 -41.57 -6.01 57.07
CA GLY A 51 -42.74 -6.18 56.26
C GLY A 51 -43.48 -7.44 56.60
N HIS A 52 -44.58 -7.67 55.91
CA HIS A 52 -45.40 -8.85 56.11
C HIS A 52 -44.60 -10.09 55.75
N PRO A 53 -44.84 -11.22 56.45
CA PRO A 53 -44.12 -12.48 56.19
C PRO A 53 -44.12 -12.81 54.70
N ASP A 54 -45.23 -12.53 54.03
CA ASP A 54 -45.37 -12.79 52.60
C ASP A 54 -44.37 -12.04 51.73
N LEU A 55 -44.04 -10.81 52.13
CA LEU A 55 -43.08 -9.99 51.40
C LEU A 55 -41.70 -10.61 51.59
N VAL A 56 -41.37 -10.96 52.83
CA VAL A 56 -40.10 -11.56 53.13
C VAL A 56 -39.94 -12.88 52.39
N MSE A 57 -41.00 -13.68 52.32
CA MSE A 57 -40.92 -14.96 51.61
C MSE A 57 -40.78 -14.74 50.13
O MSE A 57 -40.11 -15.53 49.46
CB MSE A 57 -42.13 -15.82 51.89
CG MSE A 57 -42.16 -16.22 53.37
SE MSE A 57 -43.29 -17.81 53.79
CE MSE A 57 -45.06 -16.79 53.80
N PHE A 58 -41.42 -13.69 49.61
CA PHE A 58 -41.31 -13.34 48.18
C PHE A 58 -39.88 -12.97 47.81
N ILE A 59 -39.27 -12.12 48.63
CA ILE A 59 -37.89 -11.68 48.42
C ILE A 59 -36.91 -12.86 48.46
N GLN A 60 -37.23 -13.87 49.28
CA GLN A 60 -36.36 -15.04 49.39
C GLN A 60 -36.55 -15.95 48.21
N ARG A 61 -37.79 -16.10 47.79
CA ARG A 61 -38.15 -16.95 46.67
C ARG A 61 -37.51 -16.38 45.37
N LEU A 62 -37.65 -15.07 45.20
CA LEU A 62 -37.12 -14.40 44.03
C LEU A 62 -35.59 -14.43 44.04
N SER A 63 -34.99 -14.02 45.15
CA SER A 63 -33.53 -13.97 45.26
C SER A 63 -32.91 -15.34 44.97
N SER A 64 -33.60 -16.38 45.41
CA SER A 64 -33.15 -17.75 45.20
C SER A 64 -33.13 -18.11 43.73
N GLN A 65 -34.22 -17.76 43.04
CA GLN A 65 -34.35 -17.99 41.61
C GLN A 65 -33.25 -17.25 40.84
N VAL A 66 -33.08 -15.96 41.12
CA VAL A 66 -32.07 -15.16 40.43
C VAL A 66 -30.69 -15.78 40.63
N SER A 67 -30.41 -16.18 41.87
CA SER A 67 -29.13 -16.81 42.18
C SER A 67 -28.93 -18.12 41.39
N ASN A 68 -29.98 -18.94 41.35
CA ASN A 68 -29.90 -20.22 40.65
C ASN A 68 -29.78 -20.10 39.13
N LEU A 69 -29.87 -18.89 38.60
CA LEU A 69 -29.71 -18.68 37.17
C LEU A 69 -28.37 -18.00 36.94
N GLY A 70 -27.60 -17.90 38.02
CA GLY A 70 -26.30 -17.27 37.98
C GLY A 70 -26.34 -15.87 37.43
N MSE A 71 -27.39 -15.13 37.72
CA MSE A 71 -27.53 -13.76 37.24
C MSE A 71 -26.88 -12.71 38.14
O MSE A 71 -26.58 -11.60 37.69
CB MSE A 71 -29.00 -13.42 37.03
CG MSE A 71 -29.70 -14.30 36.00
SE MSE A 71 -31.23 -13.45 35.22
CE MSE A 71 -32.65 -14.44 36.06
N GLY A 72 -26.66 -13.05 39.40
CA GLY A 72 -26.04 -12.11 40.31
C GLY A 72 -26.79 -11.99 41.63
N THR A 73 -26.43 -10.98 42.42
CA THR A 73 -27.04 -10.78 43.72
C THR A 73 -28.11 -9.68 43.71
N VAL A 74 -29.26 -10.00 44.31
CA VAL A 74 -30.36 -9.06 44.40
C VAL A 74 -30.05 -8.08 45.53
N LEU A 75 -30.32 -6.81 45.28
CA LEU A 75 -30.07 -5.77 46.27
C LEU A 75 -31.44 -5.24 46.67
N ILE A 76 -31.75 -5.39 47.96
CA ILE A 76 -33.03 -4.96 48.50
C ILE A 76 -33.02 -3.54 49.07
N GLY A 77 -33.94 -2.72 48.55
CA GLY A 77 -34.04 -1.35 49.00
C GLY A 77 -35.14 -1.18 50.04
N ASP A 78 -35.89 -0.10 49.93
CA ASP A 78 -36.98 0.19 50.86
C ASP A 78 -38.11 -0.84 50.87
N MSE A 79 -38.46 -1.27 52.07
CA MSE A 79 -39.55 -2.23 52.28
C MSE A 79 -40.62 -1.50 53.07
O MSE A 79 -41.52 -0.89 52.51
CB MSE A 79 -39.05 -3.45 53.06
CG MSE A 79 -38.25 -4.44 52.23
SE MSE A 79 -37.45 -5.84 53.28
CE MSE A 79 -39.05 -6.78 53.82
N GLY A 80 -40.49 -1.56 54.40
CA GLY A 80 -41.44 -0.89 55.26
C GLY A 80 -40.82 -0.67 56.62
N MSE A 81 -41.39 0.25 57.39
CA MSE A 81 -40.90 0.52 58.73
C MSE A 81 -41.41 -0.56 59.66
O MSE A 81 -42.32 -1.33 59.31
CB MSE A 81 -41.36 1.91 59.19
CG MSE A 81 -40.79 3.05 58.37
SE MSE A 81 -41.12 4.81 59.08
CE MSE A 81 -42.88 5.09 58.34
N PRO A 82 -40.84 -0.66 60.88
CA PRO A 82 -41.27 -1.68 61.83
C PRO A 82 -42.78 -1.96 61.92
N ALA A 83 -43.58 -0.90 61.95
CA ALA A 83 -45.02 -1.07 62.05
C ALA A 83 -45.74 -0.51 60.83
N GLY A 84 -44.99 -0.17 59.77
CA GLY A 84 -45.59 0.36 58.55
C GLY A 84 -45.78 1.85 58.64
N GLY A 85 -46.75 2.41 57.89
CA GLY A 85 -47.01 3.84 57.95
C GLY A 85 -46.21 4.63 56.93
N ARG A 86 -46.59 5.91 56.72
CA ARG A 86 -45.96 6.76 55.72
C ARG A 86 -44.50 7.02 55.99
N GLY A 90 -38.79 8.98 50.69
CA GLY A 90 -39.02 8.27 49.41
C GLY A 90 -40.45 8.14 48.87
N HIS A 91 -40.78 6.92 48.45
CA HIS A 91 -42.09 6.63 47.87
C HIS A 91 -43.24 6.91 48.84
N ALA A 92 -44.47 6.93 48.32
CA ALA A 92 -45.63 7.24 49.16
C ALA A 92 -46.33 6.05 49.79
N SER A 93 -46.22 4.87 49.17
CA SER A 93 -46.86 3.69 49.73
C SER A 93 -45.91 3.04 50.74
N HIS A 94 -45.71 1.71 50.67
CA HIS A 94 -44.82 0.99 51.61
C HIS A 94 -45.38 0.99 53.05
N GLN A 95 -46.66 1.35 53.19
CA GLN A 95 -47.26 1.46 54.51
C GLN A 95 -47.84 0.20 55.13
N THR A 96 -48.03 -0.85 54.35
CA THR A 96 -48.59 -2.07 54.90
C THR A 96 -47.65 -3.25 54.77
N GLY A 97 -46.36 -2.96 54.66
CA GLY A 97 -45.41 -4.04 54.52
C GLY A 97 -45.67 -5.02 53.38
N LEU A 98 -46.16 -4.49 52.25
CA LEU A 98 -46.46 -5.29 51.06
C LEU A 98 -45.77 -4.76 49.81
N ASP A 99 -44.95 -3.72 49.97
CA ASP A 99 -44.21 -3.10 48.90
C ASP A 99 -42.72 -3.19 49.16
N VAL A 100 -41.92 -3.40 48.10
CA VAL A 100 -40.47 -3.46 48.25
C VAL A 100 -39.73 -2.88 47.03
N ASP A 101 -38.72 -2.06 47.27
CA ASP A 101 -37.95 -1.49 46.17
C ASP A 101 -36.70 -2.33 45.87
N ILE A 102 -36.53 -2.75 44.63
CA ILE A 102 -35.38 -3.55 44.28
C ILE A 102 -34.52 -2.81 43.28
N PHE A 103 -33.24 -2.73 43.59
CA PHE A 103 -32.23 -2.06 42.77
C PHE A 103 -32.11 -2.75 41.41
N LEU A 104 -32.21 -1.99 40.33
CA LEU A 104 -32.11 -2.62 39.02
C LEU A 104 -30.65 -2.79 38.65
N GLN A 105 -29.97 -3.61 39.43
CA GLN A 105 -28.55 -3.88 39.23
C GLN A 105 -28.28 -5.19 39.96
N LEU A 106 -27.59 -6.10 39.31
CA LEU A 106 -27.28 -7.40 39.93
C LEU A 106 -25.80 -7.70 40.03
N PRO A 107 -25.09 -7.06 40.98
CA PRO A 107 -23.66 -7.34 41.11
C PRO A 107 -23.35 -8.84 41.12
N LYS A 108 -22.22 -9.21 40.55
CA LYS A 108 -21.78 -10.59 40.50
C LYS A 108 -20.79 -10.77 41.64
N THR A 109 -20.32 -9.65 42.20
CA THR A 109 -19.43 -9.74 43.38
C THR A 109 -20.03 -8.95 44.53
N ARG A 110 -20.50 -9.70 45.53
CA ARG A 110 -21.11 -9.20 46.73
C ARG A 110 -20.54 -7.80 47.13
N TRP A 111 -21.45 -6.89 47.49
CA TRP A 111 -21.08 -5.54 47.88
C TRP A 111 -20.53 -5.56 49.30
N THR A 112 -19.89 -4.46 49.69
CA THR A 112 -19.33 -4.32 51.03
C THR A 112 -20.36 -3.55 51.87
N SER A 113 -20.13 -3.46 53.18
CA SER A 113 -21.03 -2.74 54.08
C SER A 113 -21.23 -1.30 53.69
N ALA A 114 -20.13 -0.62 53.41
CA ALA A 114 -20.14 0.79 53.04
C ALA A 114 -20.93 1.06 51.76
N GLN A 115 -20.82 0.16 50.79
CA GLN A 115 -21.54 0.30 49.53
C GLN A 115 -23.04 0.19 49.78
N LEU A 116 -23.42 -0.79 50.60
CA LEU A 116 -24.82 -1.03 50.95
C LEU A 116 -25.43 0.14 51.74
N LEU A 117 -24.57 0.80 52.51
CA LEU A 117 -24.98 1.94 53.35
C LEU A 117 -25.09 3.25 52.56
N ARG A 118 -24.25 3.40 51.53
CA ARG A 118 -24.26 4.58 50.66
C ARG A 118 -24.38 4.12 49.21
N PRO A 119 -25.52 3.53 48.86
CA PRO A 119 -25.72 3.03 47.49
C PRO A 119 -25.45 4.07 46.44
N GLN A 120 -25.01 3.61 45.28
CA GLN A 120 -24.77 4.52 44.19
C GLN A 120 -25.86 4.27 43.16
N ALA A 121 -26.95 5.02 43.25
CA ALA A 121 -28.08 4.88 42.33
C ALA A 121 -27.58 4.87 40.89
N LEU A 122 -27.96 3.83 40.15
CA LEU A 122 -27.54 3.71 38.75
C LEU A 122 -28.66 4.12 37.78
N ASP A 123 -28.76 5.42 37.53
CA ASP A 123 -29.78 5.95 36.62
C ASP A 123 -29.73 5.23 35.27
N LEU A 124 -30.76 4.43 35.01
CA LEU A 124 -30.86 3.64 33.79
C LEU A 124 -31.59 4.36 32.65
N VAL A 125 -32.31 5.42 32.99
CA VAL A 125 -33.06 6.17 31.99
C VAL A 125 -32.29 7.29 31.33
N SER A 126 -32.41 7.40 30.01
CA SER A 126 -31.72 8.45 29.26
C SER A 126 -32.10 9.87 29.68
N ARG A 127 -31.18 10.78 29.41
CA ARG A 127 -31.35 12.18 29.75
C ARG A 127 -32.68 12.72 29.19
N ASP A 128 -33.08 12.33 27.99
CA ASP A 128 -34.34 12.90 27.55
C ASP A 128 -35.53 12.16 28.16
N GLY A 129 -35.26 11.01 28.79
CA GLY A 129 -36.29 10.23 29.46
C GLY A 129 -37.12 9.27 28.63
N LYS A 130 -36.79 9.11 27.36
CA LYS A 130 -37.58 8.25 26.51
C LYS A 130 -37.01 6.85 26.25
N HIS A 131 -35.86 6.52 26.81
CA HIS A 131 -35.26 5.22 26.58
C HIS A 131 -34.13 4.96 27.54
N VAL A 132 -33.73 3.70 27.65
CA VAL A 132 -32.68 3.33 28.58
C VAL A 132 -31.29 3.52 27.98
N VAL A 133 -30.33 3.78 28.85
CA VAL A 133 -28.95 3.93 28.44
C VAL A 133 -28.53 2.55 27.97
N SER A 134 -28.43 2.35 26.66
CA SER A 134 -28.08 1.05 26.09
C SER A 134 -26.86 0.38 26.70
N THR A 135 -25.91 1.18 27.15
CA THR A 135 -24.68 0.66 27.75
C THR A 135 -24.83 0.18 29.20
N LEU A 136 -25.91 0.58 29.86
CA LEU A 136 -26.13 0.18 31.24
C LEU A 136 -27.21 -0.89 31.37
N TRP A 137 -28.03 -1.04 30.33
CA TRP A 137 -29.10 -2.02 30.35
C TRP A 137 -28.54 -3.40 30.00
N LYS A 138 -28.69 -4.34 30.92
CA LYS A 138 -28.19 -5.70 30.70
C LYS A 138 -29.40 -6.62 30.55
N PRO A 139 -29.19 -7.83 30.02
CA PRO A 139 -30.25 -8.84 29.84
C PRO A 139 -30.78 -9.34 31.20
N GLU A 140 -29.91 -9.35 32.20
CA GLU A 140 -30.30 -9.78 33.55
C GLU A 140 -31.35 -8.84 34.17
N ILE A 141 -31.32 -7.57 33.81
CA ILE A 141 -32.26 -6.58 34.34
C ILE A 141 -33.63 -6.90 33.81
N PHE A 142 -33.67 -7.32 32.56
CA PHE A 142 -34.92 -7.70 31.92
C PHE A 142 -35.44 -8.95 32.64
N SER A 143 -34.59 -9.95 32.80
CA SER A 143 -35.01 -11.19 33.45
C SER A 143 -35.48 -10.96 34.87
N LEU A 144 -34.76 -10.12 35.60
CA LEU A 144 -35.12 -9.77 36.97
C LEU A 144 -36.55 -9.19 37.07
N ILE A 145 -36.92 -8.30 36.16
CA ILE A 145 -38.26 -7.73 36.23
C ILE A 145 -39.32 -8.76 35.81
N LYS A 146 -38.95 -9.60 34.84
CA LYS A 146 -39.86 -10.63 34.35
C LYS A 146 -40.13 -11.66 35.43
N LEU A 147 -39.08 -12.19 36.04
CA LEU A 147 -39.26 -13.18 37.10
C LEU A 147 -40.21 -12.63 38.17
N ALA A 148 -39.97 -11.41 38.62
CA ALA A 148 -40.81 -10.79 39.63
C ALA A 148 -42.25 -10.69 39.15
N ALA A 149 -42.47 -10.15 37.95
CA ALA A 149 -43.83 -9.99 37.40
C ALA A 149 -44.56 -11.32 37.28
N GLN A 150 -43.81 -12.36 36.97
CA GLN A 150 -44.39 -13.68 36.83
C GLN A 150 -44.76 -14.30 38.17
N ASP A 151 -44.34 -13.70 39.30
CA ASP A 151 -44.68 -14.28 40.60
C ASP A 151 -46.20 -14.13 40.78
N LYS A 152 -46.86 -15.18 41.27
CA LYS A 152 -48.31 -15.13 41.40
C LYS A 152 -48.75 -14.18 42.48
N ASP A 153 -47.86 -13.88 43.43
CA ASP A 153 -48.21 -12.95 44.50
C ASP A 153 -47.99 -11.49 44.13
N VAL A 154 -47.29 -11.22 43.03
CA VAL A 154 -47.06 -9.84 42.60
C VAL A 154 -48.26 -9.37 41.78
N THR A 155 -48.70 -8.13 42.00
CA THR A 155 -49.84 -7.58 41.27
C THR A 155 -49.39 -6.41 40.40
N ARG A 156 -48.38 -5.68 40.88
CA ARG A 156 -47.89 -4.51 40.17
C ARG A 156 -46.42 -4.23 40.39
N ILE A 157 -45.75 -3.78 39.34
CA ILE A 157 -44.37 -3.40 39.45
C ILE A 157 -44.24 -2.06 38.78
N PHE A 158 -43.85 -1.05 39.56
CA PHE A 158 -43.69 0.28 39.06
C PHE A 158 -42.26 0.52 38.61
N VAL A 159 -42.12 1.05 37.40
CA VAL A 159 -40.83 1.40 36.84
C VAL A 159 -40.99 2.67 36.00
N ASN A 160 -39.87 3.30 35.67
CA ASN A 160 -39.92 4.49 34.83
C ASN A 160 -40.50 4.07 33.50
N PRO A 161 -41.25 4.96 32.85
CA PRO A 161 -41.87 4.69 31.55
C PRO A 161 -40.86 4.14 30.55
N ALA A 162 -39.68 4.75 30.51
CA ALA A 162 -38.65 4.33 29.57
C ALA A 162 -38.19 2.88 29.79
N ILE A 163 -38.24 2.42 31.04
CA ILE A 163 -37.84 1.04 31.33
C ILE A 163 -38.93 0.08 30.83
N LYS A 164 -40.18 0.45 31.01
CA LYS A 164 -41.25 -0.41 30.50
C LYS A 164 -41.16 -0.43 28.97
N GLN A 165 -40.81 0.70 28.39
CA GLN A 165 -40.68 0.78 26.94
C GLN A 165 -39.67 -0.28 26.48
N GLN A 166 -38.51 -0.31 27.15
CA GLN A 166 -37.47 -1.27 26.82
C GLN A 166 -37.99 -2.71 26.99
N LEU A 167 -38.71 -2.97 28.08
CA LEU A 167 -39.24 -4.30 28.31
C LEU A 167 -40.20 -4.68 27.20
N CYS A 168 -40.97 -3.72 26.70
CA CYS A 168 -41.92 -4.00 25.63
C CYS A 168 -41.23 -4.47 24.33
N LEU A 169 -40.02 -3.94 24.09
CA LEU A 169 -39.25 -4.30 22.91
C LEU A 169 -38.61 -5.68 23.06
N ASP A 170 -38.07 -5.97 24.25
CA ASP A 170 -37.41 -7.24 24.49
C ASP A 170 -38.34 -8.41 24.75
N ALA A 171 -39.59 -8.15 25.10
CA ALA A 171 -40.49 -9.24 25.44
C ALA A 171 -40.71 -10.31 24.39
N GLY A 172 -40.92 -9.91 23.14
CA GLY A 172 -41.17 -10.90 22.10
C GLY A 172 -42.59 -11.43 22.22
N THR A 173 -42.77 -12.73 22.04
CA THR A 173 -44.08 -13.38 22.11
C THR A 173 -44.64 -13.61 23.52
N ASP A 174 -43.74 -13.86 24.47
CA ASP A 174 -44.09 -14.11 25.87
C ASP A 174 -44.14 -12.75 26.56
N ARG A 175 -45.32 -12.09 26.50
CA ARG A 175 -45.47 -10.74 27.04
C ARG A 175 -46.64 -10.41 27.95
N ASP A 176 -47.49 -11.40 28.22
CA ASP A 176 -48.64 -11.16 29.08
C ASP A 176 -48.29 -10.52 30.44
N TRP A 177 -47.12 -10.87 30.97
CA TRP A 177 -46.68 -10.34 32.24
C TRP A 177 -46.49 -8.84 32.19
N LEU A 178 -46.32 -8.29 30.99
CA LEU A 178 -46.11 -6.86 30.85
C LEU A 178 -47.26 -6.06 31.45
N ARG A 179 -48.43 -6.68 31.50
CA ARG A 179 -49.59 -6.03 32.07
C ARG A 179 -49.37 -5.58 33.52
N LYS A 180 -48.53 -6.31 34.27
CA LYS A 180 -48.27 -5.96 35.66
C LYS A 180 -47.29 -4.80 35.77
N VAL A 181 -46.47 -4.59 34.75
CA VAL A 181 -45.51 -3.50 34.79
C VAL A 181 -46.24 -2.16 34.59
N ARG A 182 -46.06 -1.25 35.52
CA ARG A 182 -46.74 0.03 35.45
C ARG A 182 -45.81 1.23 35.43
N PRO A 183 -46.03 2.15 34.49
CA PRO A 183 -45.20 3.36 34.37
C PRO A 183 -45.46 4.30 35.54
N TRP A 184 -44.44 5.05 35.95
CA TRP A 184 -44.61 6.03 37.01
C TRP A 184 -43.37 6.90 37.09
N PHE A 185 -43.53 8.12 37.61
CA PHE A 185 -42.41 9.07 37.74
C PHE A 185 -41.26 8.44 38.47
N GLN A 186 -40.05 8.90 38.18
CA GLN A 186 -38.85 8.37 38.81
C GLN A 186 -38.71 6.88 38.55
N HIS A 187 -38.27 6.13 39.57
CA HIS A 187 -38.06 4.71 39.43
C HIS A 187 -37.07 4.47 38.30
N ARG A 188 -36.09 5.36 38.22
CA ARG A 188 -35.04 5.27 37.21
C ARG A 188 -33.97 4.31 37.69
N ALA A 189 -34.01 3.93 38.96
CA ALA A 189 -33.02 3.03 39.51
C ALA A 189 -33.63 1.88 40.31
N HIS A 190 -34.90 2.00 40.65
CA HIS A 190 -35.58 0.96 41.41
C HIS A 190 -36.85 0.50 40.72
N MSE A 191 -37.21 -0.76 40.97
CA MSE A 191 -38.45 -1.31 40.42
C MSE A 191 -39.31 -1.50 41.66
O MSE A 191 -38.89 -2.16 42.61
CB MSE A 191 -38.20 -2.66 39.73
CG MSE A 191 -38.14 -3.86 40.66
SE MSE A 191 -38.35 -5.53 39.72
CE MSE A 191 -36.77 -6.44 40.37
N HIS A 192 -40.48 -0.90 41.67
CA HIS A 192 -41.36 -1.02 42.82
C HIS A 192 -42.27 -2.24 42.71
N VAL A 193 -42.02 -3.24 43.55
CA VAL A 193 -42.83 -4.45 43.53
C VAL A 193 -43.90 -4.41 44.62
N ARG A 194 -45.15 -4.63 44.22
CA ARG A 194 -46.27 -4.63 45.15
C ARG A 194 -46.97 -5.98 45.15
N LEU A 195 -47.23 -6.51 46.36
CA LEU A 195 -47.91 -7.80 46.49
C LEU A 195 -49.41 -7.63 46.73
N ARG A 196 -50.15 -8.70 46.50
CA ARG A 196 -51.58 -8.69 46.72
C ARG A 196 -51.78 -8.79 48.22
N CYS A 197 -52.94 -8.36 48.68
CA CYS A 197 -53.23 -8.43 50.10
C CYS A 197 -53.24 -9.89 50.58
N PRO A 198 -52.60 -10.16 51.74
CA PRO A 198 -52.57 -11.51 52.28
C PRO A 198 -54.02 -11.97 52.55
N ALA A 199 -54.33 -13.22 52.23
CA ALA A 199 -55.67 -13.77 52.42
C ALA A 199 -56.30 -13.49 53.79
N ASP A 200 -55.57 -13.78 54.87
CA ASP A 200 -56.12 -13.58 56.19
C ASP A 200 -56.01 -12.16 56.79
N SER A 201 -55.43 -11.21 56.05
CA SER A 201 -55.34 -9.84 56.56
C SER A 201 -56.64 -9.16 56.14
N LEU A 202 -57.71 -9.49 56.83
CA LEU A 202 -59.04 -8.97 56.50
C LEU A 202 -59.18 -7.44 56.43
N GLU A 203 -58.35 -6.70 57.16
CA GLU A 203 -58.45 -5.23 57.11
C GLU A 203 -57.55 -4.60 56.03
N CYS A 204 -57.06 -5.44 55.12
CA CYS A 204 -56.19 -4.99 54.03
C CYS A 204 -57.05 -4.65 52.83
N GLU A 205 -56.73 -3.53 52.17
CA GLU A 205 -57.49 -3.10 50.99
C GLU A 205 -56.70 -3.24 49.71
N ASP A 206 -57.17 -4.09 48.81
CA ASP A 206 -56.51 -4.31 47.53
C ASP A 206 -56.85 -3.23 46.51
N GLN A 207 -56.16 -3.27 45.38
CA GLN A 207 -56.38 -2.35 44.27
C GLN A 207 -57.02 -3.18 43.19
N PRO A 208 -57.68 -2.51 42.21
CA PRO A 208 -58.35 -3.19 41.09
C PRO A 208 -57.29 -3.75 40.16
N LEU A 209 -57.67 -4.62 39.23
CA LEU A 209 -56.67 -5.15 38.30
C LEU A 209 -56.26 -4.03 37.35
N PRO A 210 -55.03 -4.11 36.82
CA PRO A 210 -54.49 -3.12 35.88
C PRO A 210 -55.22 -3.15 34.53
N PRO A 211 -55.16 -2.04 33.77
CA PRO A 211 -55.84 -2.03 32.47
C PRO A 211 -55.45 -3.30 31.71
N SER A 212 -56.23 -3.66 30.70
CA SER A 212 -55.95 -4.88 29.93
C SER A 212 -54.95 -4.67 28.80
N GLY A 213 -54.29 -5.76 28.39
CA GLY A 213 -53.29 -5.69 27.32
C GLY A 213 -51.90 -5.43 27.88
N ASP A 214 -50.89 -5.38 27.02
CA ASP A 214 -49.55 -5.13 27.54
C ASP A 214 -49.32 -3.68 27.96
N GLY A 215 -50.22 -2.79 27.56
CA GLY A 215 -50.08 -1.39 27.94
C GLY A 215 -48.91 -0.67 27.28
N CYS A 216 -48.36 -1.27 26.23
CA CYS A 216 -47.23 -0.67 25.53
C CYS A 216 -47.72 0.36 24.52
N GLY A 217 -49.03 0.50 24.37
CA GLY A 217 -49.56 1.44 23.41
C GLY A 217 -49.80 2.88 23.82
N ALA A 218 -51.01 3.36 23.56
CA ALA A 218 -51.40 4.72 23.88
C ALA A 218 -51.03 5.15 25.31
N GLU A 219 -51.25 4.25 26.27
CA GLU A 219 -50.96 4.58 27.66
C GLU A 219 -49.48 4.82 27.93
N LEU A 220 -48.65 3.90 27.47
CA LEU A 220 -47.22 4.05 27.70
C LEU A 220 -46.69 5.31 27.01
N GLN A 221 -47.30 5.66 25.89
CA GLN A 221 -46.87 6.83 25.12
C GLN A 221 -47.29 8.15 25.73
N SER A 222 -48.44 8.19 26.40
CA SER A 222 -48.89 9.43 27.02
C SER A 222 -47.86 9.97 28.01
N TRP A 223 -47.02 9.08 28.54
CA TRP A 223 -46.00 9.47 29.50
C TRP A 223 -44.79 10.18 28.91
N PHE A 224 -44.53 9.95 27.63
CA PHE A 224 -43.37 10.59 27.00
C PHE A 224 -43.61 12.04 26.52
N GLU A 225 -44.82 12.55 26.74
CA GLU A 225 -45.12 13.91 26.34
C GLU A 225 -45.58 14.75 27.54
N LEU A 242 -56.60 8.38 58.53
CA LEU A 242 -55.87 7.22 59.14
C LEU A 242 -56.80 6.16 59.72
N PRO A 243 -56.56 4.89 59.37
CA PRO A 243 -57.39 3.78 59.85
C PRO A 243 -57.34 3.73 61.38
N PRO A 244 -58.50 3.70 62.06
CA PRO A 244 -58.62 3.65 63.52
C PRO A 244 -57.67 2.67 64.22
N SER A 245 -57.56 1.45 63.69
CA SER A 245 -56.70 0.44 64.29
C SER A 245 -55.23 0.88 64.23
N CYS A 246 -54.89 1.67 63.22
CA CYS A 246 -53.52 2.17 63.08
C CYS A 246 -53.33 3.33 64.06
N GLN A 247 -54.34 4.18 64.15
CA GLN A 247 -54.26 5.33 65.04
C GLN A 247 -54.12 4.85 66.48
N ALA A 248 -54.41 3.57 66.71
CA ALA A 248 -54.34 2.97 68.02
C ALA A 248 -52.93 2.52 68.40
N LEU A 249 -52.17 2.05 67.41
CA LEU A 249 -50.81 1.59 67.67
C LEU A 249 -49.95 2.75 68.12
N LEU A 250 -50.29 3.94 67.64
CA LEU A 250 -49.58 5.16 68.02
C LEU A 250 -49.96 5.46 69.46
N ASP A 251 -50.72 4.54 70.07
CA ASP A 251 -51.19 4.69 71.43
C ASP A 251 -52.24 5.77 71.43
N ALA B 1 -24.74 9.29 -15.44
CA ALA B 1 -23.68 9.21 -16.47
C ALA B 1 -23.75 7.88 -17.22
N THR B 2 -24.38 6.88 -16.61
CA THR B 2 -24.49 5.58 -17.27
C THR B 2 -25.65 5.55 -18.26
N PRO B 3 -25.57 4.61 -19.21
CA PRO B 3 -26.65 4.51 -20.20
C PRO B 3 -27.99 4.27 -19.50
N TRP B 4 -27.95 3.56 -18.39
CA TRP B 4 -29.14 3.23 -17.60
C TRP B 4 -29.85 4.50 -17.08
N GLN B 5 -29.06 5.50 -16.73
CA GLN B 5 -29.58 6.74 -16.21
C GLN B 5 -29.95 7.71 -17.31
N LYS B 6 -29.75 7.31 -18.56
CA LYS B 6 -30.06 8.19 -19.67
C LYS B 6 -31.24 7.80 -20.55
N ILE B 7 -31.49 6.49 -20.63
CA ILE B 7 -32.59 5.97 -21.45
C ILE B 7 -33.91 6.50 -20.88
N THR B 8 -34.89 6.76 -21.74
CA THR B 8 -36.16 7.26 -21.27
C THR B 8 -37.30 6.29 -21.55
N GLN B 9 -37.03 5.25 -22.34
CA GLN B 9 -38.07 4.28 -22.65
C GLN B 9 -37.65 2.88 -22.23
N PRO B 10 -38.58 2.08 -21.73
CA PRO B 10 -38.18 0.73 -21.34
C PRO B 10 -37.76 -0.11 -22.54
N VAL B 11 -36.90 -1.09 -22.29
CA VAL B 11 -36.45 -2.01 -23.31
C VAL B 11 -37.62 -2.96 -23.58
N PRO B 12 -38.16 -2.94 -24.81
CA PRO B 12 -39.29 -3.81 -25.15
C PRO B 12 -38.93 -5.30 -25.06
N GLY B 13 -39.84 -6.08 -24.48
CA GLY B 13 -39.62 -7.51 -24.32
C GLY B 13 -40.58 -8.12 -23.33
N SER B 14 -40.30 -9.35 -22.90
CA SER B 14 -41.11 -9.98 -21.88
C SER B 14 -40.60 -9.42 -20.56
N ALA B 15 -41.51 -9.07 -19.65
CA ALA B 15 -41.10 -8.58 -18.35
C ALA B 15 -40.13 -9.58 -17.70
N GLN B 16 -38.91 -9.11 -17.44
CA GLN B 16 -37.89 -9.94 -16.82
C GLN B 16 -36.96 -9.15 -15.88
N SER B 17 -37.01 -9.46 -14.59
CA SER B 17 -36.12 -8.84 -13.63
C SER B 17 -34.85 -9.68 -13.71
N ILE B 18 -33.72 -9.02 -13.84
CA ILE B 18 -32.44 -9.71 -14.01
C ILE B 18 -31.38 -9.27 -13.01
N GLY B 19 -30.84 -10.23 -12.27
CA GLY B 19 -29.84 -9.94 -11.26
C GLY B 19 -30.50 -9.85 -9.92
N SER B 20 -29.86 -9.08 -9.08
CA SER B 20 -30.30 -8.85 -7.72
C SER B 20 -30.72 -7.40 -7.56
N PHE B 21 -31.40 -7.14 -6.45
CA PHE B 21 -31.90 -5.83 -6.10
C PHE B 21 -30.83 -4.74 -6.15
N SER B 22 -29.60 -5.11 -5.79
CA SER B 22 -28.49 -4.17 -5.74
C SER B 22 -27.46 -4.30 -6.86
N ASN B 23 -27.82 -4.98 -7.95
CA ASN B 23 -26.91 -5.17 -9.10
C ASN B 23 -27.69 -5.90 -10.18
N GLY B 24 -28.33 -5.14 -11.06
CA GLY B 24 -29.10 -5.79 -12.10
C GLY B 24 -29.84 -4.83 -12.98
N CYS B 25 -30.82 -5.36 -13.69
CA CYS B 25 -31.59 -4.52 -14.56
C CYS B 25 -32.92 -5.19 -14.83
N ILE B 26 -33.74 -4.58 -15.68
CA ILE B 26 -35.01 -5.18 -15.99
C ILE B 26 -35.35 -4.89 -17.43
N VAL B 27 -35.79 -5.94 -18.11
CA VAL B 27 -36.18 -5.84 -19.51
C VAL B 27 -37.70 -5.90 -19.56
N GLY B 28 -38.27 -5.08 -20.41
CA GLY B 28 -39.71 -5.03 -20.55
C GLY B 28 -40.41 -4.47 -19.33
N ALA B 29 -39.81 -3.48 -18.70
CA ALA B 29 -40.39 -2.86 -17.53
C ALA B 29 -41.74 -2.25 -17.88
N ASP B 30 -42.66 -2.31 -16.93
CA ASP B 30 -43.98 -1.72 -17.08
C ASP B 30 -43.90 -0.27 -16.53
N THR B 31 -44.87 0.57 -16.89
CA THR B 31 -44.91 1.95 -16.41
C THR B 31 -46.15 2.16 -15.54
N LEU B 32 -45.95 2.66 -14.32
CA LEU B 32 -47.04 2.93 -13.39
C LEU B 32 -47.89 4.06 -13.96
N PRO B 33 -49.21 3.83 -14.11
CA PRO B 33 -50.08 4.89 -14.63
C PRO B 33 -49.93 6.13 -13.72
N ILE B 34 -49.85 7.31 -14.32
CA ILE B 34 -49.70 8.51 -13.52
C ILE B 34 -50.99 8.92 -12.81
N GLN B 35 -52.11 8.80 -13.51
CA GLN B 35 -53.42 9.15 -12.95
C GLN B 35 -54.08 7.92 -12.35
N SER B 36 -54.51 8.06 -11.10
CA SER B 36 -55.17 6.97 -10.38
C SER B 36 -56.04 7.57 -9.28
N GLU B 37 -57.04 6.83 -8.86
CA GLU B 37 -57.92 7.31 -7.81
C GLU B 37 -57.43 6.90 -6.42
N HIS B 38 -56.46 6.00 -6.37
CA HIS B 38 -55.96 5.54 -5.08
C HIS B 38 -54.53 5.97 -4.73
N TYR B 39 -53.78 6.50 -5.70
CA TYR B 39 -52.43 6.91 -5.38
C TYR B 39 -51.96 8.02 -6.31
N GLN B 40 -50.85 8.63 -5.94
CA GLN B 40 -50.24 9.67 -6.74
C GLN B 40 -48.73 9.46 -6.84
N VAL B 41 -48.12 9.94 -7.93
CA VAL B 41 -46.69 9.75 -8.17
C VAL B 41 -45.88 11.01 -7.92
N MSE B 42 -44.90 10.86 -7.03
CA MSE B 42 -44.00 11.93 -6.65
C MSE B 42 -42.75 11.95 -7.54
O MSE B 42 -42.36 10.93 -8.08
CB MSE B 42 -43.55 11.76 -5.21
CG MSE B 42 -44.67 11.90 -4.20
SE MSE B 42 -43.95 11.76 -2.35
CE MSE B 42 -43.19 9.95 -2.36
N ARG B 43 -42.18 13.14 -7.69
CA ARG B 43 -40.96 13.35 -8.48
C ARG B 43 -40.86 12.61 -9.79
N THR B 44 -41.90 12.73 -10.62
CA THR B 44 -41.90 12.07 -11.90
C THR B 44 -40.78 12.65 -12.76
N ASP B 45 -40.26 13.79 -12.37
CA ASP B 45 -39.21 14.38 -13.18
C ASP B 45 -37.94 13.55 -13.12
N GLN B 46 -37.87 12.63 -12.17
CA GLN B 46 -36.69 11.77 -12.08
C GLN B 46 -36.84 10.60 -13.05
N ARG B 47 -38.08 10.33 -13.46
CA ARG B 47 -38.36 9.23 -14.35
C ARG B 47 -37.92 7.93 -13.68
N ARG B 48 -38.52 7.66 -12.54
CA ARG B 48 -38.22 6.47 -11.76
C ARG B 48 -39.53 5.79 -11.38
N TYR B 49 -40.49 5.85 -12.28
CA TYR B 49 -41.77 5.21 -12.02
C TYR B 49 -41.99 4.01 -12.92
N PHE B 50 -40.93 3.25 -13.14
CA PHE B 50 -41.01 2.07 -13.99
C PHE B 50 -40.73 0.85 -13.12
N GLY B 51 -41.11 -0.34 -13.60
CA GLY B 51 -40.86 -1.54 -12.81
C GLY B 51 -41.53 -2.79 -13.36
N HIS B 52 -41.34 -3.89 -12.64
CA HIS B 52 -41.91 -5.13 -13.05
C HIS B 52 -43.43 -5.13 -12.85
N PRO B 53 -44.17 -5.77 -13.75
CA PRO B 53 -45.62 -5.82 -13.64
C PRO B 53 -46.06 -6.11 -12.21
N ASP B 54 -45.35 -7.00 -11.54
CA ASP B 54 -45.66 -7.34 -10.16
C ASP B 54 -45.60 -6.14 -9.20
N LEU B 55 -44.59 -5.29 -9.37
CA LEU B 55 -44.44 -4.09 -8.56
C LEU B 55 -45.63 -3.18 -8.85
N VAL B 56 -45.92 -2.94 -10.14
CA VAL B 56 -47.06 -2.11 -10.50
C VAL B 56 -48.39 -2.61 -9.88
N MSE B 57 -48.63 -3.93 -9.96
CA MSE B 57 -49.84 -4.53 -9.41
C MSE B 57 -49.92 -4.46 -7.89
O MSE B 57 -51.02 -4.32 -7.32
CB MSE B 57 -49.93 -5.99 -9.83
CG MSE B 57 -50.35 -6.20 -11.28
SE MSE B 57 -50.64 -8.16 -11.76
CE MSE B 57 -48.76 -8.57 -12.26
N PHE B 58 -48.78 -4.57 -7.24
CA PHE B 58 -48.73 -4.46 -5.79
C PHE B 58 -49.14 -3.02 -5.41
N ILE B 59 -48.69 -2.04 -6.16
CA ILE B 59 -49.00 -0.66 -5.83
C ILE B 59 -50.47 -0.44 -6.04
N GLN B 60 -50.99 -0.95 -7.15
CA GLN B 60 -52.42 -0.79 -7.40
C GLN B 60 -53.26 -1.49 -6.34
N ARG B 61 -52.82 -2.66 -5.92
CA ARG B 61 -53.48 -3.49 -4.91
C ARG B 61 -53.40 -2.85 -3.51
N LEU B 62 -52.25 -2.29 -3.18
CA LEU B 62 -52.07 -1.69 -1.86
C LEU B 62 -52.82 -0.37 -1.74
N SER B 63 -52.79 0.42 -2.81
CA SER B 63 -53.45 1.71 -2.86
C SER B 63 -54.98 1.62 -2.84
N SER B 64 -55.48 0.57 -3.48
CA SER B 64 -56.91 0.35 -3.52
C SER B 64 -57.40 -0.02 -2.10
N GLN B 65 -56.61 -0.83 -1.38
CA GLN B 65 -56.98 -1.25 -0.03
C GLN B 65 -57.01 -0.06 0.91
N VAL B 66 -55.97 0.76 0.90
CA VAL B 66 -55.89 1.95 1.76
C VAL B 66 -57.10 2.84 1.48
N SER B 67 -57.40 3.03 0.20
CA SER B 67 -58.51 3.86 -0.18
C SER B 67 -59.82 3.33 0.39
N ASN B 68 -60.08 2.03 0.25
CA ASN B 68 -61.31 1.43 0.75
C ASN B 68 -61.42 1.43 2.27
N LEU B 69 -60.34 1.77 2.96
CA LEU B 69 -60.37 1.84 4.41
C LEU B 69 -60.51 3.32 4.78
N GLY B 70 -60.58 4.16 3.75
CA GLY B 70 -60.72 5.58 3.95
C GLY B 70 -59.56 6.18 4.71
N MSE B 71 -58.35 5.72 4.43
CA MSE B 71 -57.17 6.24 5.12
C MSE B 71 -56.44 7.32 4.34
O MSE B 71 -55.54 7.98 4.86
CB MSE B 71 -56.21 5.09 5.43
CG MSE B 71 -56.85 3.92 6.16
SE MSE B 71 -55.60 2.54 6.66
CE MSE B 71 -55.35 1.71 4.95
N GLY B 72 -56.83 7.51 3.08
CA GLY B 72 -56.19 8.54 2.28
C GLY B 72 -55.61 8.08 0.95
N THR B 73 -54.73 8.90 0.39
CA THR B 73 -54.10 8.63 -0.89
C THR B 73 -52.63 8.22 -0.73
N VAL B 74 -52.25 7.15 -1.42
CA VAL B 74 -50.89 6.67 -1.38
C VAL B 74 -50.00 7.56 -2.22
N LEU B 75 -48.80 7.81 -1.73
CA LEU B 75 -47.80 8.64 -2.40
C LEU B 75 -46.64 7.71 -2.77
N ILE B 76 -46.39 7.60 -4.07
CA ILE B 76 -45.36 6.71 -4.57
C ILE B 76 -44.06 7.44 -4.90
N GLY B 77 -42.98 6.97 -4.28
CA GLY B 77 -41.67 7.54 -4.50
C GLY B 77 -40.92 6.78 -5.57
N ASP B 78 -39.62 6.61 -5.39
CA ASP B 78 -38.79 5.91 -6.37
C ASP B 78 -39.13 4.42 -6.54
N MSE B 79 -39.20 4.00 -7.78
CA MSE B 79 -39.47 2.60 -8.13
C MSE B 79 -38.20 2.11 -8.81
O MSE B 79 -37.28 1.59 -8.17
CB MSE B 79 -40.67 2.48 -9.08
CG MSE B 79 -42.02 2.61 -8.39
SE MSE B 79 -43.52 2.82 -9.62
CE MSE B 79 -43.60 1.01 -10.33
N GLY B 80 -38.14 2.30 -10.12
CA GLY B 80 -36.98 1.90 -10.89
C GLY B 80 -36.91 2.70 -12.17
N MSE B 81 -35.73 2.76 -12.78
CA MSE B 81 -35.56 3.49 -14.02
C MSE B 81 -36.12 2.67 -15.17
O MSE B 81 -36.43 1.50 -15.01
CB MSE B 81 -34.07 3.82 -14.24
CG MSE B 81 -33.50 4.70 -13.12
SE MSE B 81 -31.71 5.38 -13.42
CE MSE B 81 -30.71 3.80 -12.93
N PRO B 82 -36.27 3.29 -16.35
CA PRO B 82 -36.82 2.57 -17.51
C PRO B 82 -36.32 1.15 -17.76
N ALA B 83 -35.05 0.90 -17.47
CA ALA B 83 -34.45 -0.42 -17.62
C ALA B 83 -33.75 -0.84 -16.33
N GLY B 84 -34.12 -0.22 -15.20
CA GLY B 84 -33.48 -0.58 -13.94
C GLY B 84 -32.05 -0.03 -13.89
N GLY B 85 -31.20 -0.64 -13.07
CA GLY B 85 -29.84 -0.14 -12.94
C GLY B 85 -29.66 0.72 -11.69
N ARG B 86 -28.41 0.98 -11.33
CA ARG B 86 -28.11 1.77 -10.12
C ARG B 86 -28.50 3.20 -10.27
N PHE B 87 -29.09 3.78 -9.26
CA PHE B 87 -29.57 5.15 -9.26
C PHE B 87 -28.47 6.23 -9.19
N ASN B 88 -28.44 7.22 -10.04
CA ASN B 88 -27.46 8.27 -9.73
C ASN B 88 -28.07 9.14 -8.59
N GLY B 89 -27.88 8.74 -7.32
CA GLY B 89 -28.45 9.51 -6.18
C GLY B 89 -29.75 8.83 -5.70
N GLY B 90 -29.81 8.43 -4.43
CA GLY B 90 -31.00 7.76 -3.92
C GLY B 90 -30.60 6.44 -3.27
N HIS B 91 -31.56 5.58 -2.99
CA HIS B 91 -31.23 4.30 -2.39
C HIS B 91 -30.31 3.49 -3.32
N ALA B 92 -29.63 2.50 -2.77
CA ALA B 92 -28.70 1.69 -3.55
C ALA B 92 -29.30 0.53 -4.39
N SER B 93 -30.48 0.04 -4.02
CA SER B 93 -31.08 -1.06 -4.79
C SER B 93 -31.99 -0.54 -5.88
N HIS B 94 -33.22 -1.03 -5.96
CA HIS B 94 -34.18 -0.59 -6.98
C HIS B 94 -33.69 -0.91 -8.38
N GLN B 95 -32.75 -1.84 -8.49
CA GLN B 95 -32.17 -2.14 -9.79
C GLN B 95 -32.91 -3.13 -10.67
N THR B 96 -33.81 -3.91 -10.09
CA THR B 96 -34.53 -4.88 -10.91
C THR B 96 -36.04 -4.67 -11.01
N GLY B 97 -36.51 -3.48 -10.64
CA GLY B 97 -37.93 -3.19 -10.72
C GLY B 97 -38.82 -3.90 -9.70
N LEU B 98 -38.25 -4.28 -8.57
CA LEU B 98 -38.98 -4.98 -7.53
C LEU B 98 -38.98 -4.23 -6.22
N ASP B 99 -38.41 -3.03 -6.20
CA ASP B 99 -38.36 -2.18 -4.99
C ASP B 99 -39.15 -0.88 -5.17
N VAL B 100 -39.93 -0.48 -4.17
CA VAL B 100 -40.68 0.77 -4.28
C VAL B 100 -40.72 1.55 -2.96
N ASP B 101 -40.37 2.83 -3.04
CA ASP B 101 -40.39 3.70 -1.85
C ASP B 101 -41.76 4.33 -1.75
N ILE B 102 -42.31 4.34 -0.56
CA ILE B 102 -43.63 4.89 -0.35
C ILE B 102 -43.56 5.90 0.79
N PHE B 103 -44.07 7.10 0.53
CA PHE B 103 -44.09 8.15 1.54
C PHE B 103 -44.87 7.70 2.77
N LEU B 104 -44.40 8.07 3.95
CA LEU B 104 -45.10 7.71 5.18
C LEU B 104 -46.06 8.82 5.62
N GLN B 105 -46.87 9.28 4.67
CA GLN B 105 -47.84 10.35 4.85
C GLN B 105 -49.01 10.02 3.94
N LEU B 106 -50.22 9.97 4.48
CA LEU B 106 -51.37 9.67 3.66
C LEU B 106 -52.31 10.87 3.53
N PRO B 107 -52.14 11.69 2.49
CA PRO B 107 -53.02 12.86 2.36
C PRO B 107 -54.46 12.45 2.15
N LYS B 108 -55.40 13.20 2.73
CA LYS B 108 -56.80 12.88 2.58
C LYS B 108 -57.37 13.66 1.41
N THR B 109 -56.54 14.55 0.89
CA THR B 109 -56.86 15.36 -0.26
C THR B 109 -55.70 15.18 -1.23
N ARG B 110 -56.01 14.96 -2.49
CA ARG B 110 -54.98 14.80 -3.50
C ARG B 110 -54.08 16.02 -3.55
N TRP B 111 -52.78 15.75 -3.74
CA TRP B 111 -51.79 16.81 -3.86
C TRP B 111 -51.82 17.37 -5.29
N THR B 112 -51.30 18.59 -5.47
CA THR B 112 -51.20 19.24 -6.78
C THR B 112 -49.90 18.75 -7.46
N SER B 113 -49.73 19.07 -8.74
CA SER B 113 -48.54 18.66 -9.45
C SER B 113 -47.30 19.24 -8.81
N ALA B 114 -47.35 20.51 -8.46
CA ALA B 114 -46.20 21.17 -7.84
C ALA B 114 -45.80 20.47 -6.55
N GLN B 115 -46.78 20.09 -5.75
CA GLN B 115 -46.49 19.40 -4.49
C GLN B 115 -45.84 18.03 -4.76
N LEU B 116 -46.35 17.30 -5.75
CA LEU B 116 -45.79 16.00 -6.10
C LEU B 116 -44.38 16.12 -6.71
N LEU B 117 -44.17 17.20 -7.45
CA LEU B 117 -42.90 17.44 -8.09
C LEU B 117 -41.77 17.72 -7.09
N ARG B 118 -42.10 18.46 -6.03
CA ARG B 118 -41.12 18.80 -5.02
C ARG B 118 -41.77 18.52 -3.66
N PRO B 119 -41.85 17.25 -3.28
CA PRO B 119 -42.46 16.85 -2.02
C PRO B 119 -41.80 17.49 -0.84
N GLN B 120 -42.59 17.81 0.17
CA GLN B 120 -42.02 18.37 1.38
C GLN B 120 -41.91 17.17 2.33
N ALA B 121 -40.69 16.63 2.44
CA ALA B 121 -40.45 15.47 3.29
C ALA B 121 -40.87 15.70 4.75
N LEU B 122 -41.60 14.73 5.31
CA LEU B 122 -42.08 14.83 6.70
C LEU B 122 -41.26 13.94 7.63
N ASP B 123 -40.14 14.47 8.12
CA ASP B 123 -39.22 13.73 9.02
C ASP B 123 -39.94 13.20 10.25
N LEU B 124 -40.16 11.89 10.28
CA LEU B 124 -40.86 11.26 11.39
C LEU B 124 -39.99 10.95 12.60
N VAL B 125 -38.77 10.49 12.31
CA VAL B 125 -37.83 10.08 13.34
C VAL B 125 -37.36 11.23 14.20
N SER B 126 -37.26 10.95 15.48
CA SER B 126 -36.80 11.91 16.45
C SER B 126 -35.40 12.44 16.15
N ARG B 127 -35.15 13.60 16.74
CA ARG B 127 -33.94 14.38 16.65
C ARG B 127 -32.71 13.60 17.04
N ASP B 128 -32.87 12.61 17.91
CA ASP B 128 -31.73 11.82 18.31
C ASP B 128 -31.72 10.47 17.61
N GLY B 129 -32.83 10.12 16.98
CA GLY B 129 -32.87 8.88 16.25
C GLY B 129 -33.34 7.67 17.03
N LYS B 130 -33.92 7.83 18.22
CA LYS B 130 -34.34 6.59 18.90
C LYS B 130 -35.87 6.46 19.01
N HIS B 131 -36.59 7.50 18.60
CA HIS B 131 -38.03 7.48 18.69
C HIS B 131 -38.69 8.27 17.55
N VAL B 132 -40.00 8.20 17.46
CA VAL B 132 -40.70 8.94 16.44
C VAL B 132 -41.34 10.16 17.04
N VAL B 133 -41.44 11.23 16.25
CA VAL B 133 -42.10 12.45 16.72
C VAL B 133 -43.58 12.15 16.94
N SER B 134 -44.00 12.06 18.19
CA SER B 134 -45.39 11.72 18.55
C SER B 134 -46.45 12.59 17.91
N THR B 135 -46.13 13.86 17.66
CA THR B 135 -47.12 14.75 17.08
C THR B 135 -47.27 14.59 15.56
N LEU B 136 -46.43 13.76 14.95
CA LEU B 136 -46.53 13.56 13.51
C LEU B 136 -46.98 12.14 13.20
N TRP B 137 -46.64 11.21 14.09
CA TRP B 137 -47.01 9.83 13.91
C TRP B 137 -48.52 9.70 13.98
N LYS B 138 -49.12 9.15 12.95
CA LYS B 138 -50.58 8.96 12.92
C LYS B 138 -50.87 7.46 12.89
N PRO B 139 -52.04 7.05 13.38
CA PRO B 139 -52.37 5.62 13.37
C PRO B 139 -52.38 5.07 11.95
N GLU B 140 -52.70 5.91 10.98
CA GLU B 140 -52.77 5.49 9.59
C GLU B 140 -51.43 5.01 9.06
N ILE B 141 -50.32 5.56 9.54
CA ILE B 141 -49.00 5.15 9.08
C ILE B 141 -48.73 3.72 9.60
N PHE B 142 -49.18 3.45 10.81
CA PHE B 142 -49.00 2.12 11.40
C PHE B 142 -49.72 1.12 10.49
N SER B 143 -50.96 1.46 10.14
CA SER B 143 -51.80 0.60 9.30
C SER B 143 -51.21 0.38 7.94
N LEU B 144 -50.64 1.47 7.39
CA LEU B 144 -50.06 1.42 6.07
C LEU B 144 -48.94 0.41 5.99
N ILE B 145 -48.05 0.44 6.97
CA ILE B 145 -46.92 -0.46 6.97
C ILE B 145 -47.30 -1.91 7.23
N LYS B 146 -48.29 -2.11 8.11
CA LYS B 146 -48.79 -3.44 8.44
C LYS B 146 -49.47 -4.07 7.24
N LEU B 147 -50.26 -3.28 6.52
CA LEU B 147 -50.94 -3.77 5.30
C LEU B 147 -49.89 -4.24 4.30
N ALA B 148 -48.89 -3.41 4.06
CA ALA B 148 -47.83 -3.75 3.13
C ALA B 148 -47.15 -5.02 3.59
N ALA B 149 -46.69 -5.04 4.84
CA ALA B 149 -45.99 -6.20 5.34
C ALA B 149 -46.82 -7.48 5.24
N GLN B 150 -48.14 -7.34 5.19
CA GLN B 150 -49.02 -8.51 5.08
C GLN B 150 -49.20 -9.08 3.68
N ASP B 151 -48.80 -8.35 2.64
CA ASP B 151 -48.94 -8.86 1.26
C ASP B 151 -47.96 -10.03 1.11
N LYS B 152 -48.43 -11.12 0.53
CA LYS B 152 -47.59 -12.30 0.37
C LYS B 152 -46.43 -12.06 -0.57
N ASP B 153 -46.57 -11.08 -1.45
CA ASP B 153 -45.49 -10.80 -2.39
C ASP B 153 -44.33 -9.99 -1.81
N VAL B 154 -44.56 -9.34 -0.66
CA VAL B 154 -43.56 -8.52 0.01
C VAL B 154 -42.66 -9.34 0.92
N THR B 155 -41.35 -9.23 0.71
CA THR B 155 -40.40 -9.98 1.52
C THR B 155 -39.83 -9.13 2.64
N ARG B 156 -39.54 -7.88 2.31
CA ARG B 156 -38.93 -6.95 3.25
C ARG B 156 -39.39 -5.50 3.17
N ILE B 157 -39.47 -4.86 4.32
CA ILE B 157 -39.82 -3.45 4.38
C ILE B 157 -38.79 -2.73 5.27
N PHE B 158 -37.99 -1.89 4.64
CA PHE B 158 -36.97 -1.11 5.31
C PHE B 158 -37.49 0.26 5.80
N VAL B 159 -37.27 0.51 7.09
CA VAL B 159 -37.64 1.76 7.74
C VAL B 159 -36.56 2.09 8.78
N ASN B 160 -36.52 3.34 9.20
CA ASN B 160 -35.55 3.80 10.19
C ASN B 160 -35.77 2.96 11.44
N PRO B 161 -34.70 2.76 12.24
CA PRO B 161 -34.85 1.96 13.45
C PRO B 161 -35.92 2.52 14.40
N ALA B 162 -36.06 3.83 14.43
CA ALA B 162 -37.04 4.45 15.31
C ALA B 162 -38.45 4.14 14.87
N ILE B 163 -38.66 4.06 13.57
CA ILE B 163 -40.00 3.78 13.10
C ILE B 163 -40.38 2.35 13.45
N LYS B 164 -39.46 1.41 13.27
CA LYS B 164 -39.78 0.03 13.62
C LYS B 164 -40.03 -0.09 15.11
N GLN B 165 -39.33 0.72 15.88
CA GLN B 165 -39.48 0.73 17.33
C GLN B 165 -40.92 1.17 17.68
N GLN B 166 -41.44 2.17 16.98
CA GLN B 166 -42.81 2.62 17.28
C GLN B 166 -43.79 1.53 16.86
N LEU B 167 -43.43 0.76 15.84
CA LEU B 167 -44.29 -0.34 15.37
C LEU B 167 -44.30 -1.49 16.38
N CYS B 168 -43.12 -1.80 16.92
CA CYS B 168 -42.98 -2.88 17.89
C CYS B 168 -43.88 -2.56 19.08
N LEU B 169 -43.89 -1.28 19.47
CA LEU B 169 -44.71 -0.86 20.60
C LEU B 169 -46.20 -0.98 20.37
N ASP B 170 -46.68 -0.62 19.18
CA ASP B 170 -48.12 -0.67 18.88
C ASP B 170 -48.68 -2.02 18.39
N ALA B 171 -47.80 -2.95 18.03
CA ALA B 171 -48.24 -4.23 17.49
C ALA B 171 -49.09 -5.10 18.39
N GLY B 172 -48.83 -5.07 19.69
CA GLY B 172 -49.63 -5.90 20.58
C GLY B 172 -49.46 -7.38 20.31
N THR B 173 -50.56 -8.10 20.12
CA THR B 173 -50.51 -9.54 19.87
C THR B 173 -50.16 -9.93 18.44
N ASP B 174 -50.83 -9.29 17.48
CA ASP B 174 -50.60 -9.58 16.09
C ASP B 174 -49.27 -8.95 15.69
N ARG B 175 -48.18 -9.72 15.74
CA ARG B 175 -46.88 -9.16 15.42
C ARG B 175 -45.88 -10.00 14.62
N ASP B 176 -46.31 -11.12 14.06
CA ASP B 176 -45.36 -11.91 13.27
C ASP B 176 -44.91 -11.08 12.05
N TRP B 177 -45.80 -10.23 11.53
CA TRP B 177 -45.48 -9.41 10.38
C TRP B 177 -44.26 -8.54 10.60
N LEU B 178 -43.98 -8.22 11.87
CA LEU B 178 -42.82 -7.39 12.20
C LEU B 178 -41.51 -7.91 11.64
N ARG B 179 -41.43 -9.23 11.47
CA ARG B 179 -40.23 -9.87 10.94
C ARG B 179 -39.82 -9.30 9.56
N LYS B 180 -40.82 -8.96 8.75
CA LYS B 180 -40.55 -8.40 7.43
C LYS B 180 -40.00 -6.97 7.49
N VAL B 181 -40.21 -6.30 8.61
CA VAL B 181 -39.72 -4.95 8.79
C VAL B 181 -38.26 -4.96 9.22
N ARG B 182 -37.39 -4.42 8.37
CA ARG B 182 -35.98 -4.39 8.65
C ARG B 182 -35.49 -2.95 8.87
N PRO B 183 -34.65 -2.74 9.87
CA PRO B 183 -34.11 -1.41 10.19
C PRO B 183 -33.02 -1.01 9.18
N TRP B 184 -32.82 0.28 8.99
CA TRP B 184 -31.77 0.73 8.07
C TRP B 184 -31.57 2.23 8.20
N PHE B 185 -30.40 2.69 7.75
CA PHE B 185 -30.04 4.11 7.79
C PHE B 185 -31.07 4.95 7.06
N GLN B 186 -31.28 6.17 7.53
CA GLN B 186 -32.25 7.06 6.91
C GLN B 186 -33.65 6.45 6.87
N HIS B 187 -34.28 6.44 5.70
CA HIS B 187 -35.63 5.91 5.59
C HIS B 187 -36.47 6.53 6.70
N ARG B 188 -36.35 7.83 6.86
CA ARG B 188 -37.07 8.52 7.91
C ARG B 188 -38.45 8.99 7.44
N ALA B 189 -38.60 9.18 6.13
CA ALA B 189 -39.85 9.65 5.57
C ALA B 189 -40.51 8.64 4.63
N HIS B 190 -39.75 7.65 4.18
CA HIS B 190 -40.30 6.63 3.28
C HIS B 190 -40.07 5.24 3.84
N MSE B 191 -40.93 4.32 3.44
CA MSE B 191 -40.78 2.93 3.85
C MSE B 191 -40.32 2.28 2.54
O MSE B 191 -40.89 2.55 1.47
CB MSE B 191 -42.11 2.33 4.33
CG MSE B 191 -43.03 1.88 3.21
SE MSE B 191 -44.59 0.93 3.84
CE MSE B 191 -45.94 2.04 3.02
N HIS B 192 -39.29 1.45 2.59
CA HIS B 192 -38.79 0.79 1.39
C HIS B 192 -39.37 -0.62 1.27
N VAL B 193 -40.19 -0.83 0.25
CA VAL B 193 -40.82 -2.12 0.03
C VAL B 193 -40.11 -2.94 -1.05
N ARG B 194 -39.78 -4.18 -0.72
CA ARG B 194 -39.12 -5.07 -1.65
C ARG B 194 -39.97 -6.32 -1.86
N LEU B 195 -40.19 -6.67 -3.12
CA LEU B 195 -40.99 -7.86 -3.47
C LEU B 195 -40.09 -9.05 -3.79
N ARG B 196 -40.67 -10.25 -3.72
CA ARG B 196 -39.97 -11.50 -4.03
C ARG B 196 -39.78 -11.55 -5.55
N CYS B 197 -38.84 -12.38 -6.02
CA CYS B 197 -38.63 -12.47 -7.44
C CYS B 197 -39.85 -13.09 -8.13
N PRO B 198 -40.23 -12.54 -9.29
CA PRO B 198 -41.38 -13.04 -10.05
C PRO B 198 -41.16 -14.51 -10.41
N ALA B 199 -42.20 -15.31 -10.23
CA ALA B 199 -42.13 -16.74 -10.52
C ALA B 199 -41.45 -17.05 -11.85
N ASP B 200 -41.95 -16.50 -12.94
CA ASP B 200 -41.39 -16.77 -14.25
C ASP B 200 -40.04 -16.12 -14.59
N SER B 201 -39.54 -15.25 -13.70
CA SER B 201 -38.25 -14.59 -13.97
C SER B 201 -37.15 -15.56 -13.64
N LEU B 202 -36.50 -16.12 -14.66
CA LEU B 202 -35.43 -17.08 -14.42
C LEU B 202 -34.07 -16.54 -14.01
N GLU B 203 -33.72 -15.32 -14.42
CA GLU B 203 -32.42 -14.77 -14.02
C GLU B 203 -32.54 -13.76 -12.88
N CYS B 204 -33.37 -14.07 -11.90
CA CYS B 204 -33.59 -13.17 -10.76
C CYS B 204 -33.05 -13.86 -9.54
N GLU B 205 -32.29 -13.13 -8.73
CA GLU B 205 -31.72 -13.71 -7.54
C GLU B 205 -32.43 -13.28 -6.26
N ASP B 206 -33.02 -14.25 -5.55
CA ASP B 206 -33.74 -13.96 -4.31
C ASP B 206 -32.86 -13.87 -3.07
N GLN B 207 -33.43 -13.39 -1.97
CA GLN B 207 -32.70 -13.25 -0.72
C GLN B 207 -33.17 -14.28 0.30
N PRO B 208 -32.31 -14.67 1.23
CA PRO B 208 -32.75 -15.65 2.24
C PRO B 208 -33.86 -14.94 3.03
N LEU B 209 -34.52 -15.66 3.93
CA LEU B 209 -35.56 -15.02 4.73
C LEU B 209 -34.84 -14.17 5.76
N PRO B 210 -35.56 -13.24 6.40
CA PRO B 210 -34.92 -12.39 7.41
C PRO B 210 -34.87 -13.16 8.71
N PRO B 211 -34.08 -12.67 9.69
CA PRO B 211 -33.98 -13.37 10.98
C PRO B 211 -35.36 -13.69 11.58
N SER B 212 -35.41 -14.74 12.40
CA SER B 212 -36.67 -15.14 13.02
C SER B 212 -37.02 -14.24 14.21
N GLY B 213 -38.32 -14.09 14.45
CA GLY B 213 -38.78 -13.25 15.55
C GLY B 213 -39.10 -11.84 15.13
N ASP B 214 -39.86 -11.13 15.96
CA ASP B 214 -40.22 -9.76 15.62
C ASP B 214 -39.01 -8.86 15.43
N GLY B 215 -37.85 -9.30 15.90
CA GLY B 215 -36.64 -8.51 15.77
C GLY B 215 -36.63 -7.23 16.59
N CYS B 216 -37.58 -7.11 17.50
CA CYS B 216 -37.69 -5.92 18.32
C CYS B 216 -36.71 -5.72 19.47
N GLY B 217 -35.95 -6.77 19.79
CA GLY B 217 -35.02 -6.69 20.89
C GLY B 217 -33.61 -6.27 20.56
N ALA B 218 -32.66 -7.15 20.82
CA ALA B 218 -31.24 -6.87 20.59
C ALA B 218 -30.85 -6.33 19.23
N GLU B 219 -31.23 -7.02 18.15
CA GLU B 219 -30.84 -6.54 16.84
C GLU B 219 -31.29 -5.10 16.61
N LEU B 220 -32.54 -4.81 16.93
CA LEU B 220 -33.05 -3.46 16.73
C LEU B 220 -32.24 -2.50 17.59
N GLN B 221 -31.95 -2.95 18.81
CA GLN B 221 -31.19 -2.16 19.76
C GLN B 221 -29.79 -1.81 19.29
N SER B 222 -29.17 -2.72 18.53
CA SER B 222 -27.83 -2.48 18.03
C SER B 222 -27.85 -1.21 17.18
N TRP B 223 -29.01 -0.91 16.61
CA TRP B 223 -29.16 0.27 15.76
C TRP B 223 -29.21 1.56 16.55
N PHE B 224 -29.67 1.47 17.79
CA PHE B 224 -29.77 2.66 18.62
C PHE B 224 -28.45 2.98 19.30
N GLU B 225 -27.39 2.28 18.93
CA GLU B 225 -26.08 2.55 19.51
C GLU B 225 -24.96 2.38 18.48
N LEU B 242 -21.65 -6.99 -13.41
CA LEU B 242 -23.04 -6.89 -13.81
C LEU B 242 -23.47 -8.20 -14.47
N PRO B 243 -24.71 -8.64 -14.24
CA PRO B 243 -25.14 -9.89 -14.87
C PRO B 243 -24.87 -9.86 -16.38
N PRO B 244 -24.33 -10.97 -16.93
CA PRO B 244 -24.01 -11.06 -18.35
C PRO B 244 -25.17 -10.61 -19.22
N SER B 245 -26.36 -11.04 -18.85
CA SER B 245 -27.52 -10.65 -19.61
C SER B 245 -27.71 -9.13 -19.63
N CYS B 246 -27.46 -8.46 -18.51
CA CYS B 246 -27.60 -7.01 -18.48
C CYS B 246 -26.50 -6.35 -19.30
N GLN B 247 -25.27 -6.80 -19.08
CA GLN B 247 -24.11 -6.26 -19.77
C GLN B 247 -24.31 -6.37 -21.27
N ALA B 248 -24.91 -7.48 -21.69
CA ALA B 248 -25.19 -7.73 -23.10
C ALA B 248 -25.98 -6.56 -23.72
N LEU B 249 -26.95 -6.06 -22.98
CA LEU B 249 -27.75 -4.93 -23.42
C LEU B 249 -26.82 -3.75 -23.69
N LEU B 250 -25.77 -3.62 -22.89
CA LEU B 250 -24.78 -2.56 -23.07
C LEU B 250 -23.90 -2.86 -24.28
N ASP B 251 -23.25 -4.03 -24.24
CA ASP B 251 -22.34 -4.45 -25.31
C ASP B 251 -22.94 -4.34 -26.71
N GLU B 252 -24.27 -4.36 -26.80
CA GLU B 252 -24.93 -4.28 -28.09
C GLU B 252 -25.70 -3.00 -28.35
N HIS B 253 -25.54 -2.04 -27.45
CA HIS B 253 -26.18 -0.73 -27.58
C HIS B 253 -27.70 -0.75 -27.61
N VAL B 254 -28.31 -1.53 -26.72
CA VAL B 254 -29.76 -1.65 -26.66
C VAL B 254 -30.32 -0.68 -25.62
N ILE B 255 -29.46 -0.19 -24.73
CA ILE B 255 -29.90 0.71 -23.66
C ILE B 255 -29.90 2.19 -24.07
N ALA C 1 -1.42 13.20 41.10
CA ALA C 1 -2.09 13.62 42.36
C ALA C 1 -3.13 12.60 42.83
N THR C 2 -3.94 12.10 41.91
CA THR C 2 -4.99 11.14 42.23
C THR C 2 -4.50 9.92 43.03
N PRO C 3 -5.40 9.27 43.76
CA PRO C 3 -5.08 8.09 44.57
C PRO C 3 -4.58 6.91 43.74
N TRP C 4 -5.04 6.86 42.47
CA TRP C 4 -4.62 5.81 41.54
C TRP C 4 -3.14 5.99 41.18
N GLN C 5 -2.72 7.25 41.08
CA GLN C 5 -1.34 7.57 40.73
C GLN C 5 -0.38 7.50 41.92
N LYS C 6 -0.87 7.16 43.10
CA LYS C 6 0.00 7.08 44.28
C LYS C 6 0.15 5.65 44.79
N ILE C 7 -0.92 4.87 44.68
CA ILE C 7 -0.89 3.49 45.13
C ILE C 7 0.34 2.76 44.56
N THR C 8 1.05 2.04 45.42
CA THR C 8 2.25 1.37 44.97
C THR C 8 2.09 -0.14 44.83
N GLN C 9 1.07 -0.70 45.48
CA GLN C 9 0.85 -2.15 45.41
C GLN C 9 -0.51 -2.42 44.79
N PRO C 10 -0.65 -3.53 44.08
CA PRO C 10 -1.92 -3.88 43.43
C PRO C 10 -2.96 -4.13 44.50
N VAL C 11 -4.23 -4.14 44.10
CA VAL C 11 -5.30 -4.42 45.05
C VAL C 11 -5.45 -5.93 45.12
N PRO C 12 -5.50 -6.45 46.40
CA PRO C 12 -5.55 -7.90 46.66
C PRO C 12 -6.79 -8.53 46.03
N GLY C 13 -6.71 -9.75 45.44
CA GLY C 13 -7.92 -10.45 45.03
C GLY C 13 -7.92 -11.06 43.63
N SER C 14 -9.08 -11.57 43.19
CA SER C 14 -9.24 -12.14 41.86
C SER C 14 -9.09 -11.03 40.87
N ALA C 15 -8.27 -11.23 39.85
CA ALA C 15 -8.07 -10.21 38.83
C ALA C 15 -9.37 -9.88 38.11
N GLN C 16 -9.72 -8.59 38.09
CA GLN C 16 -10.93 -8.12 37.42
C GLN C 16 -10.64 -6.73 36.87
N SER C 17 -10.85 -6.59 35.57
CA SER C 17 -10.68 -5.32 34.86
C SER C 17 -12.04 -4.69 34.93
N ILE C 18 -12.11 -3.49 35.48
CA ILE C 18 -13.41 -2.86 35.60
C ILE C 18 -13.58 -1.61 34.76
N GLY C 19 -14.64 -1.58 33.96
CA GLY C 19 -14.90 -0.44 33.09
C GLY C 19 -14.33 -0.61 31.70
N SER C 20 -13.94 0.51 31.10
CA SER C 20 -13.39 0.52 29.75
C SER C 20 -11.96 1.03 29.74
N PHE C 21 -11.28 0.77 28.63
CA PHE C 21 -9.87 1.17 28.45
C PHE C 21 -9.54 2.62 28.80
N SER C 22 -10.47 3.54 28.55
CA SER C 22 -10.24 4.96 28.86
C SER C 22 -11.00 5.47 30.09
N ASN C 23 -11.58 4.57 30.89
CA ASN C 23 -12.31 4.98 32.09
C ASN C 23 -12.64 3.76 32.91
N GLY C 24 -11.70 3.40 33.77
CA GLY C 24 -11.87 2.24 34.61
C GLY C 24 -10.71 1.98 35.53
N CYS C 25 -10.62 0.75 36.01
CA CYS C 25 -9.55 0.40 36.91
C CYS C 25 -9.47 -1.09 36.88
N ILE C 26 -8.64 -1.63 37.75
CA ILE C 26 -8.47 -3.07 37.82
C ILE C 26 -8.07 -3.52 39.19
N VAL C 27 -8.73 -4.58 39.63
CA VAL C 27 -8.50 -5.19 40.92
C VAL C 27 -7.70 -6.45 40.70
N GLY C 28 -6.82 -6.77 41.65
CA GLY C 28 -6.01 -7.97 41.53
C GLY C 28 -5.06 -7.97 40.34
N ALA C 29 -4.59 -6.78 39.93
CA ALA C 29 -3.68 -6.69 38.81
C ALA C 29 -2.47 -7.57 39.10
N ASP C 30 -1.79 -8.00 38.05
CA ASP C 30 -0.60 -8.82 38.20
C ASP C 30 0.64 -7.95 37.90
N THR C 31 1.83 -8.44 38.23
CA THR C 31 3.05 -7.66 37.99
C THR C 31 3.88 -8.37 36.94
N LEU C 32 4.40 -7.62 35.96
CA LEU C 32 5.23 -8.23 34.91
C LEU C 32 6.62 -8.38 35.55
N PRO C 33 7.15 -9.63 35.56
CA PRO C 33 8.48 -9.86 36.15
C PRO C 33 9.52 -8.99 35.47
N ILE C 34 10.26 -8.22 36.25
CA ILE C 34 11.29 -7.36 35.69
C ILE C 34 12.34 -8.16 34.92
N GLN C 35 12.82 -9.25 35.50
CA GLN C 35 13.86 -10.04 34.84
C GLN C 35 13.31 -11.11 33.92
N SER C 36 13.71 -11.06 32.65
CA SER C 36 13.30 -12.05 31.66
C SER C 36 14.39 -12.17 30.61
N GLU C 37 14.49 -13.33 29.97
CA GLU C 37 15.49 -13.49 28.93
C GLU C 37 15.04 -12.89 27.60
N HIS C 38 13.72 -12.75 27.45
CA HIS C 38 13.14 -12.28 26.20
C HIS C 38 12.68 -10.82 26.12
N TYR C 39 12.58 -10.15 27.24
CA TYR C 39 12.18 -8.77 27.19
C TYR C 39 12.82 -8.00 28.34
N GLN C 40 12.79 -6.68 28.25
CA GLN C 40 13.27 -5.79 29.30
C GLN C 40 12.18 -4.72 29.52
N VAL C 41 12.06 -4.23 30.75
CA VAL C 41 11.04 -3.26 31.07
C VAL C 41 11.62 -1.85 31.17
N MSE C 42 10.98 -0.91 30.48
CA MSE C 42 11.45 0.45 30.46
C MSE C 42 10.77 1.29 31.53
O MSE C 42 9.69 0.95 31.98
CB MSE C 42 11.19 1.06 29.10
CG MSE C 42 12.00 0.41 28.00
SE MSE C 42 11.75 1.36 26.33
CE MSE C 42 9.85 1.09 25.98
N ARG C 43 11.46 2.35 31.93
CA ARG C 43 10.94 3.29 32.93
C ARG C 43 10.28 2.67 34.17
N THR C 44 10.90 1.65 34.74
CA THR C 44 10.33 1.03 35.94
C THR C 44 10.12 2.02 37.06
N ASP C 45 10.81 3.16 37.02
CA ASP C 45 10.62 4.13 38.08
C ASP C 45 9.19 4.67 38.05
N GLN C 46 8.51 4.60 36.90
CA GLN C 46 7.13 5.09 36.79
C GLN C 46 6.13 4.16 37.49
N ARG C 47 6.52 2.90 37.62
CA ARG C 47 5.67 1.91 38.26
C ARG C 47 4.40 1.69 37.46
N ARG C 48 4.56 1.50 36.16
CA ARG C 48 3.43 1.27 35.28
C ARG C 48 3.64 -0.08 34.61
N TYR C 49 4.10 -1.06 35.38
CA TYR C 49 4.35 -2.37 34.81
C TYR C 49 3.43 -3.45 35.36
N PHE C 50 2.20 -3.04 35.61
CA PHE C 50 1.15 -3.89 36.17
C PHE C 50 0.00 -4.00 35.14
N GLY C 51 -0.79 -5.06 35.27
CA GLY C 51 -1.91 -5.25 34.38
C GLY C 51 -2.62 -6.55 34.70
N HIS C 52 -3.57 -6.90 33.85
CA HIS C 52 -4.29 -8.14 34.02
C HIS C 52 -3.36 -9.33 33.69
N PRO C 53 -3.60 -10.50 34.31
CA PRO C 53 -2.75 -11.67 34.02
C PRO C 53 -2.72 -11.98 32.52
N ASP C 54 -3.83 -11.74 31.84
CA ASP C 54 -3.88 -11.94 30.40
C ASP C 54 -2.86 -11.05 29.67
N LEU C 55 -2.70 -9.79 30.11
CA LEU C 55 -1.75 -8.87 29.49
C LEU C 55 -0.34 -9.36 29.76
N VAL C 56 -0.12 -9.86 30.99
CA VAL C 56 1.18 -10.37 31.39
C VAL C 56 1.56 -11.58 30.55
N MSE C 57 0.63 -12.51 30.39
CA MSE C 57 0.88 -13.71 29.59
C MSE C 57 1.11 -13.37 28.11
O MSE C 57 1.95 -14.00 27.43
CB MSE C 57 -0.26 -14.68 29.76
CG MSE C 57 -0.32 -15.25 31.17
SE MSE C 57 -1.58 -16.76 31.36
CE MSE C 57 -3.25 -15.78 31.87
N PHE C 58 0.35 -12.39 27.63
CA PHE C 58 0.49 -11.96 26.24
C PHE C 58 1.93 -11.48 26.03
N ILE C 59 2.41 -10.61 26.89
CA ILE C 59 3.77 -10.11 26.79
C ILE C 59 4.82 -11.25 26.82
N GLN C 60 4.63 -12.23 27.70
CA GLN C 60 5.56 -13.35 27.80
C GLN C 60 5.48 -14.17 26.51
N ARG C 61 4.27 -14.40 26.05
CA ARG C 61 4.04 -15.16 24.82
C ARG C 61 4.72 -14.50 23.60
N LEU C 62 4.44 -13.22 23.40
CA LEU C 62 5.01 -12.47 22.29
C LEU C 62 6.54 -12.39 22.37
N SER C 63 7.07 -11.99 23.53
CA SER C 63 8.51 -11.87 23.70
C SER C 63 9.22 -13.18 23.45
N SER C 64 8.62 -14.24 23.94
CA SER C 64 9.17 -15.56 23.77
C SER C 64 9.35 -15.83 22.28
N GLN C 65 8.28 -15.68 21.50
CA GLN C 65 8.35 -15.92 20.06
C GLN C 65 9.43 -15.07 19.38
N VAL C 66 9.39 -13.77 19.60
CA VAL C 66 10.36 -12.86 18.98
C VAL C 66 11.81 -13.23 19.29
N SER C 67 12.06 -13.63 20.54
CA SER C 67 13.38 -14.04 20.95
C SER C 67 13.80 -15.38 20.33
N ASN C 68 12.92 -16.38 20.35
CA ASN C 68 13.26 -17.67 19.75
C ASN C 68 13.57 -17.52 18.26
N LEU C 69 12.89 -16.61 17.57
CA LEU C 69 13.14 -16.40 16.14
C LEU C 69 14.44 -15.61 15.95
N GLY C 70 15.07 -15.24 17.06
CA GLY C 70 16.32 -14.49 17.01
C GLY C 70 16.20 -13.11 16.38
N MSE C 71 15.13 -12.39 16.71
CA MSE C 71 14.92 -11.06 16.16
C MSE C 71 15.39 -9.99 17.15
O MSE C 71 15.50 -8.81 16.80
CB MSE C 71 13.45 -10.85 15.82
CG MSE C 71 12.91 -11.81 14.78
SE MSE C 71 11.09 -11.44 14.30
CE MSE C 71 10.20 -12.43 15.69
N GLY C 72 15.64 -10.41 18.38
CA GLY C 72 16.09 -9.49 19.39
C GLY C 72 15.28 -9.56 20.67
N THR C 73 15.44 -8.57 21.53
CA THR C 73 14.74 -8.52 22.80
C THR C 73 13.67 -7.43 22.79
N VAL C 74 12.46 -7.78 23.25
CA VAL C 74 11.37 -6.83 23.30
C VAL C 74 11.53 -5.76 24.41
N LEU C 75 11.19 -4.52 24.06
CA LEU C 75 11.26 -3.40 24.99
C LEU C 75 9.83 -3.01 25.40
N ILE C 76 9.51 -3.26 26.67
CA ILE C 76 8.18 -2.98 27.21
C ILE C 76 8.05 -1.61 27.87
N GLY C 77 6.97 -0.90 27.52
CA GLY C 77 6.74 0.42 28.06
C GLY C 77 5.57 0.45 29.02
N ASP C 78 4.82 1.54 29.00
CA ASP C 78 3.68 1.69 29.89
C ASP C 78 2.63 0.59 29.74
N MSE C 79 2.21 0.04 30.87
CA MSE C 79 1.17 -0.98 30.90
C MSE C 79 0.02 -0.33 31.64
O MSE C 79 -0.85 0.29 31.03
CB MSE C 79 1.66 -2.22 31.67
CG MSE C 79 2.48 -3.19 30.81
SE MSE C 79 3.39 -4.54 31.84
CE MSE C 79 1.86 -5.63 32.31
N GLY C 80 0.04 -0.44 32.96
CA GLY C 80 -1.00 0.16 33.77
C GLY C 80 -0.46 0.38 35.15
N MSE C 81 -1.14 1.22 35.93
CA MSE C 81 -0.71 1.48 37.29
C MSE C 81 -1.20 0.32 38.14
O MSE C 81 -2.08 -0.44 37.72
CB MSE C 81 -1.26 2.83 37.77
CG MSE C 81 -0.68 4.00 36.97
SE MSE C 81 -1.15 5.79 37.59
CE MSE C 81 -2.95 5.87 36.90
N PRO C 82 -0.65 0.16 39.36
CA PRO C 82 -1.06 -0.94 40.25
C PRO C 82 -2.53 -1.31 40.29
N ALA C 83 -3.41 -0.33 40.10
CA ALA C 83 -4.83 -0.61 40.09
C ALA C 83 -5.53 0.09 38.93
N GLY C 84 -4.81 0.36 37.85
CA GLY C 84 -5.45 1.01 36.72
C GLY C 84 -5.59 2.50 36.97
N GLY C 85 -6.46 3.18 36.23
CA GLY C 85 -6.66 4.61 36.40
C GLY C 85 -5.98 5.45 35.33
N ARG C 86 -6.41 6.71 35.17
CA ARG C 86 -5.77 7.52 34.17
C ARG C 86 -4.35 7.91 34.56
N PHE C 87 -3.44 7.82 33.60
CA PHE C 87 -2.04 8.18 33.81
C PHE C 87 -1.92 9.68 34.04
N ASN C 88 -0.86 10.12 34.68
CA ASN C 88 -0.53 11.53 34.76
C ASN C 88 0.61 11.66 33.78
N GLY C 89 0.30 11.90 32.51
CA GLY C 89 1.31 11.98 31.47
C GLY C 89 1.34 10.67 30.71
N GLY C 90 1.16 10.72 29.40
CA GLY C 90 1.14 9.51 28.60
C GLY C 90 -0.25 9.27 28.05
N HIS C 91 -0.44 8.18 27.34
CA HIS C 91 -1.74 7.89 26.75
C HIS C 91 -2.92 8.02 27.74
N ALA C 92 -4.13 8.15 27.20
CA ALA C 92 -5.34 8.31 27.99
C ALA C 92 -6.03 7.03 28.39
N SER C 93 -5.67 5.91 27.75
CA SER C 93 -6.29 4.63 28.11
C SER C 93 -5.38 3.94 29.14
N HIS C 94 -5.13 2.63 28.98
CA HIS C 94 -4.28 1.86 29.89
C HIS C 94 -4.88 1.78 31.27
N GLN C 95 -6.18 1.94 31.37
CA GLN C 95 -6.81 2.00 32.67
C GLN C 95 -7.29 0.69 33.23
N THR C 96 -7.42 -0.33 32.39
CA THR C 96 -7.89 -1.63 32.88
C THR C 96 -6.88 -2.77 32.79
N GLY C 97 -5.60 -2.43 32.71
CA GLY C 97 -4.59 -3.48 32.62
C GLY C 97 -4.74 -4.36 31.40
N LEU C 98 -5.23 -3.80 30.30
CA LEU C 98 -5.39 -4.55 29.05
C LEU C 98 -4.67 -3.84 27.87
N ASP C 99 -3.90 -2.80 28.18
CA ASP C 99 -3.15 -2.04 27.16
C ASP C 99 -1.66 -2.07 27.45
N VAL C 100 -0.84 -2.15 26.42
CA VAL C 100 0.60 -2.13 26.62
C VAL C 100 1.30 -1.44 25.44
N ASP C 101 2.15 -0.48 25.74
CA ASP C 101 2.97 0.22 24.75
C ASP C 101 4.26 -0.56 24.56
N ILE C 102 4.65 -0.77 23.32
CA ILE C 102 5.87 -1.51 23.07
C ILE C 102 6.76 -0.74 22.12
N PHE C 103 8.05 -0.67 22.47
CA PHE C 103 9.04 0.01 21.64
C PHE C 103 9.20 -0.66 20.27
N LEU C 104 9.25 0.13 19.19
CA LEU C 104 9.42 -0.46 17.88
C LEU C 104 10.91 -0.54 17.57
N GLN C 105 11.65 -1.13 18.49
CA GLN C 105 13.09 -1.35 18.43
C GLN C 105 13.42 -2.72 19.07
N LEU C 106 14.21 -3.56 18.41
CA LEU C 106 14.55 -4.86 18.99
C LEU C 106 16.08 -5.03 19.17
N PRO C 107 16.62 -4.55 20.28
CA PRO C 107 18.07 -4.69 20.49
C PRO C 107 18.55 -6.13 20.55
N LYS C 108 19.66 -6.39 19.87
CA LYS C 108 20.26 -7.70 19.81
C LYS C 108 21.20 -7.93 20.99
N THR C 109 21.37 -6.91 21.82
CA THR C 109 22.21 -6.99 23.01
C THR C 109 21.40 -6.26 24.08
N ARG C 110 21.25 -6.87 25.25
CA ARG C 110 20.45 -6.27 26.31
C ARG C 110 20.83 -4.86 26.70
N TRP C 111 19.81 -4.01 26.85
CA TRP C 111 19.98 -2.63 27.26
C TRP C 111 20.36 -2.60 28.76
N THR C 112 21.11 -1.58 29.19
CA THR C 112 21.53 -1.46 30.58
C THR C 112 20.39 -0.85 31.38
N SER C 113 20.54 -0.79 32.70
CA SER C 113 19.54 -0.18 33.54
C SER C 113 19.33 1.30 33.20
N ALA C 114 20.42 2.00 32.91
CA ALA C 114 20.32 3.43 32.62
C ALA C 114 19.57 3.71 31.34
N GLN C 115 19.82 2.87 30.33
CA GLN C 115 19.13 3.02 29.06
C GLN C 115 17.64 2.77 29.26
N LEU C 116 17.30 1.73 30.01
CA LEU C 116 15.90 1.39 30.21
C LEU C 116 15.15 2.48 30.97
N LEU C 117 15.86 3.15 31.87
CA LEU C 117 15.29 4.22 32.69
C LEU C 117 15.04 5.49 31.87
N ARG C 118 15.94 5.80 30.94
CA ARG C 118 15.82 6.98 30.09
C ARG C 118 15.93 6.54 28.64
N PRO C 119 14.89 5.84 28.14
CA PRO C 119 14.85 5.33 26.76
C PRO C 119 14.90 6.38 25.64
N GLN C 120 15.79 6.17 24.68
CA GLN C 120 15.87 7.09 23.56
C GLN C 120 15.00 6.48 22.46
N ALA C 121 13.86 7.10 22.23
CA ALA C 121 12.94 6.64 21.20
C ALA C 121 13.59 6.78 19.83
N LEU C 122 13.21 5.89 18.92
CA LEU C 122 13.73 5.94 17.57
C LEU C 122 12.60 6.23 16.60
N ASP C 123 12.45 7.50 16.23
CA ASP C 123 11.42 7.92 15.28
C ASP C 123 11.59 7.19 13.94
N LEU C 124 10.58 6.44 13.55
CA LEU C 124 10.65 5.69 12.31
C LEU C 124 9.95 6.39 11.15
N VAL C 125 9.13 7.38 11.47
CA VAL C 125 8.38 8.10 10.45
C VAL C 125 9.10 9.31 9.90
N SER C 126 9.24 9.35 8.58
CA SER C 126 9.90 10.45 7.90
C SER C 126 9.25 11.77 8.28
N ARG C 127 9.97 12.85 8.06
CA ARG C 127 9.51 14.20 8.43
C ARG C 127 8.17 14.61 7.81
N ASP C 128 7.90 14.20 6.56
CA ASP C 128 6.62 14.56 5.96
C ASP C 128 5.46 13.70 6.48
N GLY C 129 5.80 12.71 7.31
CA GLY C 129 4.81 11.84 7.93
C GLY C 129 3.98 10.98 6.99
N LYS C 130 4.52 10.63 5.83
CA LYS C 130 3.77 9.84 4.87
C LYS C 130 4.38 8.47 4.59
N HIS C 131 5.57 8.22 5.12
CA HIS C 131 6.24 6.96 4.90
C HIS C 131 7.33 6.79 5.94
N VAL C 132 7.81 5.57 6.14
CA VAL C 132 8.83 5.34 7.13
C VAL C 132 10.23 5.58 6.58
N VAL C 133 11.15 5.96 7.47
CA VAL C 133 12.52 6.19 7.05
C VAL C 133 13.08 4.84 6.63
N SER C 134 13.10 4.63 5.31
CA SER C 134 13.60 3.41 4.68
C SER C 134 14.89 2.83 5.24
N THR C 135 15.79 3.68 5.70
CA THR C 135 17.06 3.21 6.24
C THR C 135 16.98 2.81 7.72
N LEU C 136 15.86 3.14 8.37
CA LEU C 136 15.67 2.80 9.77
C LEU C 136 14.75 1.60 9.95
N TRP C 137 13.86 1.40 8.98
CA TRP C 137 12.91 0.30 9.08
C TRP C 137 13.55 -1.04 8.82
N LYS C 138 13.38 -1.97 9.76
CA LYS C 138 13.93 -3.32 9.65
C LYS C 138 12.77 -4.29 9.54
N PRO C 139 12.93 -5.39 8.78
CA PRO C 139 11.89 -6.41 8.61
C PRO C 139 11.47 -6.97 9.97
N GLU C 140 12.35 -6.91 10.96
CA GLU C 140 12.00 -7.39 12.30
C GLU C 140 10.82 -6.59 12.89
N ILE C 141 10.76 -5.29 12.64
CA ILE C 141 9.66 -4.49 13.16
C ILE C 141 8.36 -4.92 12.50
N PHE C 142 8.44 -5.26 11.22
CA PHE C 142 7.27 -5.75 10.48
C PHE C 142 6.78 -7.02 11.16
N SER C 143 7.70 -7.94 11.41
CA SER C 143 7.35 -9.21 12.03
C SER C 143 6.81 -8.99 13.43
N LEU C 144 7.44 -8.09 14.18
CA LEU C 144 7.01 -7.82 15.54
C LEU C 144 5.55 -7.46 15.60
N ILE C 145 5.12 -6.56 14.72
CA ILE C 145 3.75 -6.08 14.68
C ILE C 145 2.78 -7.12 14.14
N LYS C 146 3.25 -7.94 13.21
CA LYS C 146 2.41 -8.99 12.65
C LYS C 146 2.20 -10.08 13.71
N LEU C 147 3.23 -10.36 14.50
CA LEU C 147 3.13 -11.37 15.55
C LEU C 147 2.12 -10.97 16.63
N ALA C 148 2.14 -9.70 17.01
CA ALA C 148 1.17 -9.18 17.99
C ALA C 148 -0.23 -9.14 17.39
N ALA C 149 -0.35 -8.63 16.15
CA ALA C 149 -1.67 -8.55 15.54
C ALA C 149 -2.29 -9.93 15.34
N GLN C 150 -1.44 -10.93 15.11
CA GLN C 150 -1.95 -12.28 14.91
C GLN C 150 -2.46 -12.96 16.18
N ASP C 151 -2.05 -12.46 17.36
CA ASP C 151 -2.49 -13.05 18.62
C ASP C 151 -4.03 -12.96 18.82
N LYS C 152 -4.66 -14.09 19.17
CA LYS C 152 -6.12 -14.11 19.34
C LYS C 152 -6.63 -13.14 20.39
N ASP C 153 -5.80 -12.81 21.38
CA ASP C 153 -6.25 -11.90 22.43
C ASP C 153 -6.16 -10.40 22.09
N VAL C 154 -5.51 -10.07 20.98
CA VAL C 154 -5.37 -8.68 20.55
C VAL C 154 -6.52 -8.19 19.68
N THR C 155 -7.08 -7.04 20.02
CA THR C 155 -8.17 -6.50 19.21
C THR C 155 -7.65 -5.38 18.34
N ARG C 156 -6.77 -4.55 18.87
CA ARG C 156 -6.23 -3.41 18.12
C ARG C 156 -4.80 -3.10 18.45
N ILE C 157 -4.12 -2.51 17.46
CA ILE C 157 -2.75 -2.07 17.61
C ILE C 157 -2.62 -0.68 16.97
N PHE C 158 -2.38 0.33 17.79
CA PHE C 158 -2.27 1.69 17.26
C PHE C 158 -0.84 2.03 16.88
N VAL C 159 -0.66 2.55 15.67
CA VAL C 159 0.65 2.97 15.19
C VAL C 159 0.41 4.22 14.35
N ASN C 160 1.49 4.89 13.97
CA ASN C 160 1.39 6.07 13.11
C ASN C 160 0.91 5.63 11.69
N PRO C 161 0.13 6.48 11.00
CA PRO C 161 -0.37 6.15 9.65
C PRO C 161 0.78 5.71 8.75
N ALA C 162 1.89 6.43 8.82
CA ALA C 162 3.04 6.09 8.01
C ALA C 162 3.53 4.66 8.25
N ILE C 163 3.39 4.15 9.47
CA ILE C 163 3.84 2.79 9.73
C ILE C 163 2.86 1.74 9.19
N LYS C 164 1.55 1.99 9.33
CA LYS C 164 0.60 1.05 8.81
C LYS C 164 0.74 0.99 7.27
N GLN C 165 1.11 2.14 6.67
CA GLN C 165 1.32 2.25 5.24
C GLN C 165 2.42 1.27 4.82
N GLN C 166 3.49 1.21 5.58
CA GLN C 166 4.58 0.28 5.26
C GLN C 166 4.09 -1.18 5.37
N LEU C 167 3.32 -1.46 6.41
CA LEU C 167 2.80 -2.79 6.65
C LEU C 167 1.85 -3.20 5.54
N CYS C 168 1.05 -2.25 5.06
CA CYS C 168 0.11 -2.53 3.99
C CYS C 168 0.89 -2.96 2.74
N LEU C 169 2.00 -2.29 2.47
CA LEU C 169 2.83 -2.61 1.30
C LEU C 169 3.49 -3.97 1.47
N ASP C 170 4.07 -4.22 2.64
CA ASP C 170 4.80 -5.45 2.89
C ASP C 170 3.94 -6.68 3.15
N ALA C 171 2.68 -6.48 3.45
CA ALA C 171 1.76 -7.58 3.80
C ALA C 171 1.56 -8.69 2.76
N GLY C 172 1.46 -8.32 1.49
CA GLY C 172 1.26 -9.35 0.47
C GLY C 172 -0.12 -10.01 0.60
N THR C 173 -0.21 -11.37 0.46
CA THR C 173 -1.50 -12.12 0.51
C THR C 173 -2.07 -12.34 1.92
N ASP C 174 -1.19 -12.57 2.89
CA ASP C 174 -1.54 -12.78 4.29
C ASP C 174 -1.69 -11.40 4.94
N ARG C 175 -2.89 -10.82 4.86
CA ARG C 175 -3.12 -9.46 5.37
C ARG C 175 -4.32 -9.19 6.25
N ASP C 176 -5.12 -10.22 6.53
CA ASP C 176 -6.31 -10.02 7.36
C ASP C 176 -6.01 -9.34 8.71
N TRP C 177 -4.84 -9.61 9.27
CA TRP C 177 -4.44 -9.04 10.54
C TRP C 177 -4.34 -7.52 10.46
N LEU C 178 -4.10 -6.97 9.22
CA LEU C 178 -4.00 -5.51 9.07
C LEU C 178 -5.18 -4.75 9.67
N ARG C 179 -6.33 -5.40 9.68
CA ARG C 179 -7.56 -4.83 10.21
C ARG C 179 -7.43 -4.39 11.68
N LYS C 180 -6.68 -5.16 12.48
CA LYS C 180 -6.50 -4.81 13.87
C LYS C 180 -5.58 -3.60 14.01
N VAL C 181 -4.79 -3.32 12.99
CA VAL C 181 -3.86 -2.18 13.04
C VAL C 181 -4.61 -0.87 12.80
N ARG C 182 -4.62 -0.02 13.81
CA ARG C 182 -5.34 1.24 13.68
C ARG C 182 -4.41 2.44 13.69
N PRO C 183 -4.65 3.40 12.79
CA PRO C 183 -3.81 4.60 12.69
C PRO C 183 -4.13 5.60 13.80
N TRP C 184 -3.15 6.38 14.21
CA TRP C 184 -3.39 7.40 15.22
C TRP C 184 -2.26 8.40 15.21
N PHE C 185 -2.47 9.52 15.90
CA PHE C 185 -1.46 10.57 16.00
C PHE C 185 -0.27 10.01 16.76
N GLN C 186 0.92 10.54 16.49
CA GLN C 186 2.14 10.08 17.14
C GLN C 186 2.37 8.58 16.90
N HIS C 187 2.73 7.87 17.96
CA HIS C 187 3.00 6.42 17.88
C HIS C 187 3.98 6.21 16.73
N ARG C 188 5.05 7.01 16.76
CA ARG C 188 6.08 6.96 15.74
C ARG C 188 7.23 6.05 16.17
N ALA C 189 7.33 5.75 17.46
CA ALA C 189 8.43 4.93 17.94
C ALA C 189 7.96 3.72 18.74
N HIS C 190 6.64 3.64 18.95
CA HIS C 190 6.09 2.54 19.72
C HIS C 190 4.73 2.14 19.16
N MSE C 191 4.29 0.94 19.50
CA MSE C 191 3.00 0.45 19.05
C MSE C 191 2.14 0.24 20.30
O MSE C 191 2.62 -0.25 21.32
CB MSE C 191 3.16 -0.86 18.28
CG MSE C 191 3.44 -2.06 19.16
SE MSE C 191 3.30 -3.69 18.16
CE MSE C 191 4.84 -4.60 18.88
N HIS C 192 0.86 0.60 20.21
CA HIS C 192 -0.06 0.44 21.33
C HIS C 192 -0.92 -0.80 21.15
N VAL C 193 -0.68 -1.83 21.96
CA VAL C 193 -1.45 -3.06 21.86
C VAL C 193 -2.56 -3.11 22.90
N ARG C 194 -3.77 -3.41 22.46
CA ARG C 194 -4.92 -3.50 23.32
C ARG C 194 -5.49 -4.92 23.21
N LEU C 195 -5.84 -5.52 24.36
CA LEU C 195 -6.39 -6.87 24.42
C LEU C 195 -7.90 -6.82 24.64
N ARG C 196 -8.61 -7.89 24.17
CA ARG C 196 -10.05 -8.03 24.34
C ARG C 196 -10.29 -8.21 25.83
N CYS C 197 -11.49 -7.90 26.27
CA CYS C 197 -11.82 -8.07 27.66
C CYS C 197 -11.70 -9.53 28.09
N PRO C 198 -11.09 -9.79 29.25
CA PRO C 198 -10.94 -11.17 29.74
C PRO C 198 -12.35 -11.77 29.94
N ALA C 199 -12.53 -13.03 29.57
CA ALA C 199 -13.82 -13.70 29.68
C ALA C 199 -14.52 -13.54 31.04
N ASP C 200 -13.80 -13.81 32.13
CA ASP C 200 -14.40 -13.71 33.44
C ASP C 200 -14.44 -12.32 34.09
N SER C 201 -13.93 -11.29 33.43
CA SER C 201 -13.99 -9.93 33.99
C SER C 201 -15.32 -9.37 33.56
N LEU C 202 -16.39 -9.82 34.19
CA LEU C 202 -17.74 -9.41 33.84
C LEU C 202 -18.02 -7.90 33.82
N GLU C 203 -17.26 -7.10 34.60
CA GLU C 203 -17.55 -5.66 34.63
C GLU C 203 -16.70 -4.89 33.63
N CYS C 204 -16.25 -5.54 32.57
CA CYS C 204 -15.34 -4.96 31.57
C CYS C 204 -16.07 -4.66 30.27
N GLU C 205 -15.82 -3.47 29.70
CA GLU C 205 -16.50 -3.05 28.46
C GLU C 205 -15.61 -3.11 27.22
N ASP C 206 -16.04 -3.90 26.25
CA ASP C 206 -15.32 -4.08 24.99
C ASP C 206 -15.68 -3.03 23.95
N GLN C 207 -14.81 -2.86 22.97
CA GLN C 207 -15.05 -1.92 21.88
C GLN C 207 -15.59 -2.73 20.70
N PRO C 208 -16.42 -2.12 19.87
CA PRO C 208 -16.94 -2.85 18.71
C PRO C 208 -15.71 -3.22 17.87
N LEU C 209 -15.87 -4.14 16.91
CA LEU C 209 -14.76 -4.52 16.07
C LEU C 209 -14.42 -3.30 15.21
N PRO C 210 -13.20 -3.24 14.67
CA PRO C 210 -12.79 -2.12 13.83
C PRO C 210 -13.53 -2.24 12.50
N PRO C 211 -13.41 -1.22 11.63
CA PRO C 211 -14.10 -1.28 10.34
C PRO C 211 -13.55 -2.47 9.53
N SER C 212 -14.32 -2.93 8.54
CA SER C 212 -13.88 -4.08 7.74
C SER C 212 -12.81 -3.75 6.70
N GLY C 213 -12.12 -4.79 6.25
CA GLY C 213 -11.06 -4.62 5.26
C GLY C 213 -9.76 -4.24 5.90
N ASP C 214 -8.66 -4.37 5.16
CA ASP C 214 -7.37 -4.04 5.70
C ASP C 214 -7.26 -2.56 6.06
N GLY C 215 -8.23 -1.77 5.65
CA GLY C 215 -8.23 -0.35 5.95
C GLY C 215 -7.13 0.47 5.31
N CYS C 216 -6.41 -0.14 4.37
CA CYS C 216 -5.31 0.55 3.73
C CYS C 216 -5.74 1.63 2.75
N GLY C 217 -7.01 1.63 2.38
CA GLY C 217 -7.49 2.62 1.42
C GLY C 217 -7.86 4.02 1.90
N ALA C 218 -9.12 4.40 1.69
CA ALA C 218 -9.59 5.72 2.07
C ALA C 218 -9.27 6.13 3.52
N GLU C 219 -9.55 5.23 4.47
CA GLU C 219 -9.31 5.55 5.87
C GLU C 219 -7.87 6.01 6.08
N LEU C 220 -6.94 5.10 5.82
CA LEU C 220 -5.53 5.41 5.96
C LEU C 220 -5.16 6.72 5.28
N GLN C 221 -5.68 6.93 4.07
CA GLN C 221 -5.36 8.13 3.32
C GLN C 221 -5.92 9.43 3.92
N SER C 222 -7.00 9.35 4.69
CA SER C 222 -7.55 10.56 5.31
C SER C 222 -6.58 11.07 6.37
N TRP C 223 -5.67 10.21 6.81
CA TRP C 223 -4.66 10.57 7.80
C TRP C 223 -3.45 11.32 7.25
N PHE C 224 -3.26 11.29 5.94
CA PHE C 224 -2.12 11.99 5.34
C PHE C 224 -2.52 13.37 4.85
N GLU C 225 -3.71 13.82 5.24
CA GLU C 225 -4.18 15.13 4.87
C GLU C 225 -5.01 15.70 6.00
N PRO C 240 -16.88 12.48 32.22
CA PRO C 240 -17.64 11.21 32.30
C PRO C 240 -17.41 10.52 33.64
N PRO C 241 -18.49 10.08 34.29
CA PRO C 241 -18.42 9.41 35.59
C PRO C 241 -17.59 8.13 35.61
N LEU C 242 -16.95 7.91 36.74
CA LEU C 242 -16.15 6.72 36.96
C LEU C 242 -17.11 5.55 37.12
N PRO C 243 -16.65 4.33 36.81
CA PRO C 243 -17.56 3.19 36.99
C PRO C 243 -17.84 3.11 38.48
N PRO C 244 -19.07 2.72 38.87
CA PRO C 244 -19.41 2.63 40.30
C PRO C 244 -18.41 1.82 41.10
N SER C 245 -18.12 0.61 40.62
CA SER C 245 -17.19 -0.28 41.30
C SER C 245 -15.85 0.36 41.61
N CYS C 246 -15.27 1.07 40.64
CA CYS C 246 -13.98 1.75 40.85
C CYS C 246 -14.16 2.87 41.86
N GLN C 247 -15.28 3.59 41.72
CA GLN C 247 -15.56 4.68 42.64
C GLN C 247 -15.68 4.13 44.05
N ALA C 248 -16.32 2.95 44.18
CA ALA C 248 -16.49 2.29 45.49
C ALA C 248 -15.16 2.01 46.17
N LEU C 249 -14.16 1.68 45.36
CA LEU C 249 -12.81 1.42 45.88
C LEU C 249 -12.27 2.71 46.48
N LEU C 250 -12.51 3.83 45.80
CA LEU C 250 -12.04 5.11 46.27
C LEU C 250 -12.75 5.50 47.56
N ASP C 251 -14.07 5.36 47.58
CA ASP C 251 -14.86 5.72 48.74
C ASP C 251 -14.47 4.98 50.02
N GLU C 252 -13.97 3.76 49.87
CA GLU C 252 -13.58 2.97 51.03
C GLU C 252 -12.06 2.96 51.26
N HIS C 253 -11.36 3.83 50.56
CA HIS C 253 -9.90 3.98 50.71
C HIS C 253 -9.10 2.69 50.47
N VAL C 254 -9.55 1.90 49.51
CA VAL C 254 -8.90 0.64 49.15
C VAL C 254 -7.70 0.92 48.26
N ILE C 255 -7.61 2.14 47.74
CA ILE C 255 -6.55 2.50 46.82
C ILE C 255 -5.33 3.16 47.46
N ALA D 1 13.67 10.83 -38.84
CA ALA D 1 14.85 10.50 -39.68
C ALA D 1 14.77 9.10 -40.31
N THR D 2 14.40 8.08 -39.54
CA THR D 2 14.30 6.73 -40.10
C THR D 2 13.07 6.62 -41.00
N PRO D 3 13.03 5.63 -41.90
CA PRO D 3 11.86 5.48 -42.77
C PRO D 3 10.60 5.18 -41.98
N TRP D 4 10.74 4.51 -40.84
CA TRP D 4 9.58 4.16 -40.01
C TRP D 4 8.87 5.40 -39.47
N GLN D 5 9.65 6.43 -39.22
CA GLN D 5 9.16 7.71 -38.71
C GLN D 5 8.58 8.63 -39.82
N LYS D 6 8.76 8.25 -41.09
CA LYS D 6 8.23 9.06 -42.20
C LYS D 6 7.00 8.49 -42.86
N ILE D 7 6.92 7.18 -42.97
CA ILE D 7 5.77 6.56 -43.61
C ILE D 7 4.49 7.12 -42.98
N THR D 8 3.41 7.21 -43.76
CA THR D 8 2.15 7.78 -43.24
C THR D 8 0.95 6.86 -43.37
N GLN D 9 1.13 5.76 -44.08
CA GLN D 9 0.04 4.81 -44.27
C GLN D 9 0.54 3.44 -43.90
N PRO D 10 -0.30 2.62 -43.30
CA PRO D 10 0.13 1.27 -42.92
C PRO D 10 0.57 0.49 -44.14
N VAL D 11 1.20 -0.65 -43.89
CA VAL D 11 1.62 -1.55 -44.95
C VAL D 11 0.41 -2.46 -45.16
N PRO D 12 -0.18 -2.45 -46.36
CA PRO D 12 -1.34 -3.32 -46.58
C PRO D 12 -1.06 -4.81 -46.41
N GLY D 13 -2.08 -5.57 -46.04
CA GLY D 13 -1.89 -6.99 -45.88
C GLY D 13 -2.45 -7.49 -44.57
N SER D 14 -2.22 -8.77 -44.30
CA SER D 14 -2.71 -9.36 -43.07
C SER D 14 -1.88 -8.85 -41.89
N ALA D 15 -2.54 -8.33 -40.86
CA ALA D 15 -1.84 -7.84 -39.69
C ALA D 15 -0.84 -8.87 -39.15
N GLN D 16 0.38 -8.41 -38.95
CA GLN D 16 1.42 -9.25 -38.40
C GLN D 16 2.34 -8.40 -37.57
N SER D 17 2.46 -8.73 -36.29
CA SER D 17 3.38 -8.00 -35.40
C SER D 17 4.68 -8.77 -35.56
N ILE D 18 5.75 -8.07 -35.89
CA ILE D 18 7.01 -8.74 -36.12
C ILE D 18 8.14 -8.30 -35.19
N GLY D 19 8.61 -9.25 -34.40
CA GLY D 19 9.69 -8.99 -33.48
C GLY D 19 9.25 -8.76 -32.05
N SER D 20 9.99 -7.92 -31.34
CA SER D 20 9.68 -7.63 -29.95
C SER D 20 9.21 -6.18 -29.77
N PHE D 21 8.62 -5.94 -28.61
CA PHE D 21 8.05 -4.64 -28.26
C PHE D 21 9.02 -3.48 -28.43
N SER D 22 10.29 -3.78 -28.22
CA SER D 22 11.37 -2.82 -28.29
C SER D 22 12.27 -2.98 -29.49
N ASN D 23 11.83 -3.73 -30.48
CA ASN D 23 12.62 -3.91 -31.70
C ASN D 23 11.84 -4.71 -32.71
N GLY D 24 11.03 -4.02 -33.49
CA GLY D 24 10.25 -4.74 -34.47
C GLY D 24 9.46 -3.78 -35.32
N CYS D 25 8.46 -4.31 -36.00
CA CYS D 25 7.60 -3.49 -36.83
C CYS D 25 6.27 -4.22 -36.90
N ILE D 26 5.35 -3.67 -37.66
CA ILE D 26 4.09 -4.34 -37.85
C ILE D 26 3.59 -4.05 -39.25
N VAL D 27 3.12 -5.12 -39.89
CA VAL D 27 2.56 -5.10 -41.23
C VAL D 27 1.04 -5.31 -41.08
N GLY D 28 0.28 -4.55 -41.85
CA GLY D 28 -1.16 -4.69 -41.84
C GLY D 28 -1.77 -4.07 -40.62
N ALA D 29 -1.15 -3.01 -40.14
CA ALA D 29 -1.61 -2.32 -38.95
C ALA D 29 -2.96 -1.69 -39.17
N ASP D 30 -3.80 -1.76 -38.14
CA ASP D 30 -5.13 -1.18 -38.16
C ASP D 30 -5.00 0.29 -37.66
N THR D 31 -6.02 1.09 -37.90
CA THR D 31 -6.07 2.49 -37.44
C THR D 31 -7.15 2.58 -36.36
N LEU D 32 -6.91 3.28 -35.27
CA LEU D 32 -7.95 3.43 -34.26
C LEU D 32 -8.89 4.50 -34.79
N PRO D 33 -10.21 4.24 -34.90
CA PRO D 33 -11.12 5.29 -35.41
C PRO D 33 -11.03 6.52 -34.50
N ILE D 34 -10.79 7.69 -35.09
CA ILE D 34 -10.67 8.91 -34.29
C ILE D 34 -11.95 9.23 -33.53
N GLN D 35 -13.11 9.06 -34.19
CA GLN D 35 -14.39 9.34 -33.57
C GLN D 35 -14.94 8.13 -32.83
N SER D 36 -15.30 8.33 -31.57
CA SER D 36 -15.87 7.26 -30.76
C SER D 36 -16.60 7.87 -29.60
N GLU D 37 -17.64 7.19 -29.13
CA GLU D 37 -18.40 7.70 -28.00
C GLU D 37 -17.75 7.29 -26.70
N HIS D 38 -16.83 6.34 -26.74
CA HIS D 38 -16.22 5.91 -25.52
C HIS D 38 -14.79 6.38 -25.29
N TYR D 39 -14.17 7.00 -26.30
CA TYR D 39 -12.82 7.52 -26.13
C TYR D 39 -12.48 8.61 -27.12
N GLN D 40 -11.36 9.29 -26.87
CA GLN D 40 -10.87 10.33 -27.76
C GLN D 40 -9.36 10.14 -27.94
N VAL D 41 -8.85 10.48 -29.11
CA VAL D 41 -7.43 10.31 -29.38
C VAL D 41 -6.60 11.60 -29.24
N MSE D 42 -5.59 11.57 -28.39
CA MSE D 42 -4.74 12.74 -28.20
C MSE D 42 -3.60 12.74 -29.21
O MSE D 42 -3.24 11.68 -29.77
CB MSE D 42 -4.15 12.75 -26.78
CG MSE D 42 -5.18 12.73 -25.67
SE MSE D 42 -4.29 12.72 -23.91
CE MSE D 42 -3.68 10.84 -23.91
N ARG D 43 -3.06 13.93 -29.45
CA ARG D 43 -1.95 14.14 -30.38
C ARG D 43 -2.00 13.32 -31.66
N THR D 44 -3.08 13.47 -32.44
CA THR D 44 -3.23 12.75 -33.68
C THR D 44 -2.20 13.24 -34.67
N ASP D 45 -1.67 14.42 -34.38
CA ASP D 45 -0.67 15.07 -35.19
C ASP D 45 0.65 14.30 -35.21
N GLN D 46 0.87 13.41 -34.24
CA GLN D 46 2.11 12.64 -34.26
C GLN D 46 1.90 11.37 -35.08
N ARG D 47 0.66 11.13 -35.49
CA ARG D 47 0.35 9.97 -36.31
C ARG D 47 0.83 8.69 -35.63
N ARG D 48 0.44 8.55 -34.37
CA ARG D 48 0.80 7.37 -33.61
C ARG D 48 -0.46 6.68 -33.08
N TYR D 49 -1.48 6.61 -33.92
CA TYR D 49 -2.72 5.99 -33.53
C TYR D 49 -2.98 4.77 -34.39
N PHE D 50 -1.93 4.01 -34.66
CA PHE D 50 -2.04 2.78 -35.46
C PHE D 50 -1.53 1.60 -34.62
N GLY D 51 -2.06 0.41 -34.85
CA GLY D 51 -1.62 -0.76 -34.11
C GLY D 51 -2.23 -2.04 -34.65
N HIS D 52 -2.00 -3.14 -33.95
CA HIS D 52 -2.57 -4.41 -34.38
C HIS D 52 -4.08 -4.41 -34.09
N PRO D 53 -4.86 -5.12 -34.89
CA PRO D 53 -6.31 -5.14 -34.63
C PRO D 53 -6.66 -5.56 -33.19
N ASP D 54 -5.81 -6.35 -32.56
CA ASP D 54 -6.03 -6.72 -31.15
C ASP D 54 -5.86 -5.51 -30.23
N LEU D 55 -4.94 -4.61 -30.57
CA LEU D 55 -4.76 -3.42 -29.73
C LEU D 55 -5.99 -2.53 -29.89
N VAL D 56 -6.42 -2.33 -31.12
CA VAL D 56 -7.60 -1.55 -31.42
C VAL D 56 -8.84 -2.12 -30.72
N MSE D 57 -9.03 -3.45 -30.72
CA MSE D 57 -10.19 -4.04 -30.04
C MSE D 57 -10.08 -3.95 -28.53
O MSE D 57 -11.08 -3.80 -27.84
CB MSE D 57 -10.38 -5.49 -30.45
CG MSE D 57 -10.99 -5.61 -31.84
SE MSE D 57 -11.37 -7.48 -32.34
CE MSE D 57 -9.51 -8.05 -32.83
N PHE D 58 -8.86 -4.03 -28.02
CA PHE D 58 -8.68 -3.90 -26.59
C PHE D 58 -9.10 -2.49 -26.18
N ILE D 59 -8.70 -1.47 -26.93
CA ILE D 59 -9.07 -0.11 -26.57
C ILE D 59 -10.58 0.10 -26.63
N GLN D 60 -11.23 -0.47 -27.64
CA GLN D 60 -12.69 -0.28 -27.74
C GLN D 60 -13.38 -1.05 -26.63
N ARG D 61 -12.77 -2.15 -26.21
CA ARG D 61 -13.31 -3.00 -25.17
C ARG D 61 -13.22 -2.31 -23.82
N LEU D 62 -12.08 -1.72 -23.55
CA LEU D 62 -11.81 -1.01 -22.30
C LEU D 62 -12.57 0.32 -22.21
N SER D 63 -12.53 1.11 -23.27
CA SER D 63 -13.26 2.37 -23.31
C SER D 63 -14.76 2.15 -23.13
N SER D 64 -15.26 1.06 -23.68
CA SER D 64 -16.68 0.76 -23.58
C SER D 64 -17.06 0.53 -22.13
N GLN D 65 -16.30 -0.33 -21.46
CA GLN D 65 -16.59 -0.65 -20.06
C GLN D 65 -16.53 0.60 -19.16
N VAL D 66 -15.49 1.40 -19.30
CA VAL D 66 -15.35 2.60 -18.49
C VAL D 66 -16.52 3.57 -18.71
N SER D 67 -16.89 3.77 -19.98
CA SER D 67 -18.03 4.63 -20.28
C SER D 67 -19.36 4.03 -19.75
N ASN D 68 -19.57 2.73 -19.91
CA ASN D 68 -20.80 2.11 -19.41
C ASN D 68 -20.91 2.14 -17.89
N LEU D 69 -19.80 2.36 -17.20
CA LEU D 69 -19.85 2.44 -15.74
C LEU D 69 -20.07 3.89 -15.34
N GLY D 70 -20.13 4.76 -16.36
CA GLY D 70 -20.33 6.18 -16.12
C GLY D 70 -19.14 6.83 -15.44
N MSE D 71 -17.94 6.38 -15.74
CA MSE D 71 -16.74 6.93 -15.13
C MSE D 71 -16.12 8.05 -15.98
O MSE D 71 -15.22 8.75 -15.53
CB MSE D 71 -15.70 5.84 -14.91
CG MSE D 71 -16.21 4.65 -14.12
SE MSE D 71 -14.80 3.40 -13.67
CE MSE D 71 -14.66 2.44 -15.33
N GLY D 72 -16.60 8.17 -17.22
CA GLY D 72 -16.07 9.21 -18.09
C GLY D 72 -15.55 8.67 -19.41
N THR D 73 -14.78 9.50 -20.11
CA THR D 73 -14.23 9.13 -21.41
C THR D 73 -12.73 8.84 -21.35
N VAL D 74 -12.33 7.75 -21.97
CA VAL D 74 -10.91 7.36 -22.00
C VAL D 74 -10.09 8.17 -22.99
N LEU D 75 -8.93 8.60 -22.56
CA LEU D 75 -8.05 9.39 -23.42
C LEU D 75 -6.90 8.50 -23.86
N ILE D 76 -6.76 8.35 -25.16
CA ILE D 76 -5.76 7.50 -25.77
C ILE D 76 -4.51 8.23 -26.24
N GLY D 77 -3.36 7.79 -25.74
CA GLY D 77 -2.10 8.41 -26.11
C GLY D 77 -1.40 7.63 -27.21
N ASP D 78 -0.08 7.52 -27.12
CA ASP D 78 0.70 6.83 -28.13
C ASP D 78 0.39 5.33 -28.26
N MSE D 79 0.19 4.90 -29.50
CA MSE D 79 -0.06 3.49 -29.80
C MSE D 79 1.17 3.05 -30.59
O MSE D 79 2.13 2.53 -30.02
CB MSE D 79 -1.32 3.33 -30.65
CG MSE D 79 -2.62 3.41 -29.85
SE MSE D 79 -4.22 3.62 -30.93
CE MSE D 79 -4.46 1.78 -31.51
N GLY D 80 1.14 3.29 -31.90
CA GLY D 80 2.26 2.91 -32.74
C GLY D 80 2.22 3.66 -34.04
N MSE D 81 3.35 3.70 -34.73
CA MSE D 81 3.45 4.38 -36.01
C MSE D 81 2.81 3.46 -37.06
O MSE D 81 2.59 2.28 -36.80
CB MSE D 81 4.90 4.69 -36.34
CG MSE D 81 5.54 5.61 -35.30
SE MSE D 81 7.30 6.27 -35.76
CE MSE D 81 8.28 4.62 -35.54
N PRO D 82 2.52 3.98 -38.26
CA PRO D 82 1.89 3.18 -39.32
C PRO D 82 2.46 1.75 -39.44
N ALA D 83 3.78 1.65 -39.53
CA ALA D 83 4.46 0.36 -39.66
C ALA D 83 5.23 0.01 -38.41
N GLY D 84 4.85 0.57 -37.27
CA GLY D 84 5.61 0.22 -36.07
C GLY D 84 6.97 0.88 -36.05
N GLY D 85 7.95 0.27 -35.38
CA GLY D 85 9.27 0.86 -35.34
C GLY D 85 9.47 1.75 -34.15
N ARG D 86 10.71 2.16 -33.93
CA ARG D 86 11.02 3.00 -32.80
C ARG D 86 10.62 4.44 -33.00
N PHE D 87 10.10 5.01 -31.92
CA PHE D 87 9.63 6.40 -31.85
C PHE D 87 10.82 7.33 -31.77
N ASN D 88 10.64 8.56 -32.26
CA ASN D 88 11.69 9.56 -32.15
C ASN D 88 11.04 10.48 -31.12
N GLY D 89 11.26 10.18 -29.85
CA GLY D 89 10.67 10.98 -28.80
C GLY D 89 9.59 10.14 -28.13
N GLY D 90 9.77 9.91 -26.84
CA GLY D 90 8.81 9.10 -26.11
C GLY D 90 9.34 7.74 -25.66
N HIS D 91 8.40 6.87 -25.30
CA HIS D 91 8.69 5.50 -24.84
C HIS D 91 9.48 4.74 -25.87
N ALA D 92 10.28 3.80 -25.35
CA ALA D 92 11.21 3.02 -26.20
C ALA D 92 10.63 1.79 -26.89
N SER D 93 9.44 1.33 -26.51
CA SER D 93 8.85 0.16 -27.17
C SER D 93 7.77 0.60 -28.17
N HIS D 94 6.55 0.09 -28.07
CA HIS D 94 5.47 0.49 -29.03
C HIS D 94 5.80 0.13 -30.49
N GLN D 95 6.83 -0.69 -30.70
CA GLN D 95 7.26 -1.02 -32.04
C GLN D 95 6.48 -2.07 -32.84
N THR D 96 5.69 -2.92 -32.18
CA THR D 96 4.93 -3.95 -32.90
C THR D 96 3.44 -3.71 -32.91
N GLY D 97 2.99 -2.52 -32.46
CA GLY D 97 1.57 -2.23 -32.45
C GLY D 97 0.81 -2.96 -31.33
N LEU D 98 1.52 -3.32 -30.25
CA LEU D 98 0.90 -4.04 -29.14
C LEU D 98 0.95 -3.29 -27.79
N ASP D 99 1.48 -2.08 -27.86
CA ASP D 99 1.62 -1.18 -26.71
C ASP D 99 0.76 0.08 -26.85
N VAL D 100 0.10 0.48 -25.76
CA VAL D 100 -0.69 1.71 -25.77
C VAL D 100 -0.61 2.53 -24.47
N ASP D 101 -0.37 3.83 -24.59
CA ASP D 101 -0.30 4.69 -23.43
C ASP D 101 -1.69 5.29 -23.23
N ILE D 102 -2.19 5.21 -22.01
CA ILE D 102 -3.51 5.72 -21.70
C ILE D 102 -3.35 6.76 -20.61
N PHE D 103 -3.95 7.93 -20.87
CA PHE D 103 -3.92 9.07 -19.96
C PHE D 103 -4.64 8.78 -18.66
N LEU D 104 -3.97 8.95 -17.53
CA LEU D 104 -4.59 8.71 -16.23
C LEU D 104 -5.52 9.86 -15.79
N GLN D 105 -6.45 10.22 -16.66
CA GLN D 105 -7.41 11.27 -16.37
C GLN D 105 -8.68 10.90 -17.12
N LEU D 106 -9.81 10.83 -16.44
CA LEU D 106 -11.05 10.48 -17.12
C LEU D 106 -11.99 11.67 -17.16
N PRO D 107 -11.99 12.41 -18.27
CA PRO D 107 -12.88 13.58 -18.37
C PRO D 107 -14.34 13.18 -18.47
N LYS D 108 -15.20 13.92 -17.78
CA LYS D 108 -16.61 13.60 -17.81
C LYS D 108 -17.29 14.37 -18.92
N THR D 109 -16.51 15.20 -19.58
CA THR D 109 -16.97 15.99 -20.70
C THR D 109 -15.94 15.83 -21.82
N ARG D 110 -16.41 15.41 -22.99
CA ARG D 110 -15.49 15.23 -24.12
C ARG D 110 -14.63 16.44 -24.31
N TRP D 111 -13.34 16.23 -24.58
CA TRP D 111 -12.41 17.32 -24.79
C TRP D 111 -12.66 17.85 -26.20
N THR D 112 -12.08 19.00 -26.50
CA THR D 112 -12.22 19.60 -27.80
C THR D 112 -11.05 19.09 -28.61
N SER D 113 -11.02 19.46 -29.89
CA SER D 113 -9.94 19.05 -30.75
C SER D 113 -8.66 19.66 -30.23
N ALA D 114 -8.73 20.93 -29.86
CA ALA D 114 -7.59 21.68 -29.40
C ALA D 114 -6.96 21.11 -28.16
N GLN D 115 -7.78 20.60 -27.25
CA GLN D 115 -7.28 20.04 -26.01
C GLN D 115 -6.56 18.73 -26.26
N LEU D 116 -7.09 17.95 -27.20
CA LEU D 116 -6.49 16.67 -27.56
C LEU D 116 -5.17 16.88 -28.28
N LEU D 117 -5.01 18.03 -28.93
CA LEU D 117 -3.80 18.34 -29.67
C LEU D 117 -2.63 18.81 -28.80
N ARG D 118 -2.94 19.47 -27.69
CA ARG D 118 -1.88 19.92 -26.79
C ARG D 118 -2.31 19.55 -25.40
N PRO D 119 -2.07 18.29 -24.98
CA PRO D 119 -2.43 17.75 -23.66
C PRO D 119 -1.74 18.37 -22.45
N GLN D 120 -2.53 18.58 -21.42
CA GLN D 120 -1.97 19.16 -20.22
C GLN D 120 -1.68 18.05 -19.22
N ALA D 121 -0.41 17.67 -19.17
CA ALA D 121 0.05 16.59 -18.28
C ALA D 121 -0.26 16.83 -16.81
N LEU D 122 -1.20 16.04 -16.31
CA LEU D 122 -1.62 16.11 -14.92
C LEU D 122 -0.68 15.18 -14.16
N ASP D 123 0.50 15.67 -13.80
CA ASP D 123 1.48 14.88 -13.05
C ASP D 123 0.94 14.38 -11.70
N LEU D 124 0.66 13.09 -11.63
CA LEU D 124 0.10 12.46 -10.43
C LEU D 124 1.08 12.16 -9.31
N VAL D 125 2.37 12.07 -9.63
CA VAL D 125 3.35 11.75 -8.60
C VAL D 125 3.83 12.94 -7.77
N SER D 126 3.86 12.74 -6.45
CA SER D 126 4.29 13.77 -5.52
C SER D 126 5.72 14.19 -5.83
N ARG D 127 6.11 15.31 -5.25
CA ARG D 127 7.42 15.88 -5.46
C ARG D 127 8.58 14.97 -5.05
N ASP D 128 8.42 14.18 -4.00
CA ASP D 128 9.53 13.31 -3.61
C ASP D 128 9.49 11.97 -4.33
N GLY D 129 8.40 11.68 -5.04
CA GLY D 129 8.29 10.44 -5.79
C GLY D 129 7.87 9.16 -5.08
N LYS D 130 7.39 9.26 -3.84
CA LYS D 130 6.99 8.05 -3.12
C LYS D 130 5.49 7.90 -2.93
N HIS D 131 4.72 8.87 -3.41
CA HIS D 131 3.28 8.77 -3.30
C HIS D 131 2.56 9.61 -4.35
N VAL D 132 1.24 9.47 -4.45
CA VAL D 132 0.49 10.26 -5.41
C VAL D 132 -0.15 11.45 -4.73
N VAL D 133 -0.19 12.57 -5.42
CA VAL D 133 -0.80 13.78 -4.88
C VAL D 133 -2.27 13.49 -4.56
N SER D 134 -2.57 13.36 -3.28
CA SER D 134 -3.92 13.03 -2.82
C SER D 134 -5.06 13.82 -3.44
N THR D 135 -4.77 15.04 -3.90
CA THR D 135 -5.85 15.85 -4.48
C THR D 135 -6.09 15.70 -5.98
N LEU D 136 -5.23 14.97 -6.68
CA LEU D 136 -5.38 14.76 -8.12
C LEU D 136 -5.77 13.31 -8.44
N TRP D 137 -5.60 12.45 -7.46
CA TRP D 137 -5.92 11.04 -7.62
C TRP D 137 -7.41 10.80 -7.38
N LYS D 138 -8.11 10.30 -8.39
CA LYS D 138 -9.53 10.00 -8.24
C LYS D 138 -9.71 8.49 -8.20
N PRO D 139 -10.74 8.02 -7.50
CA PRO D 139 -10.97 6.56 -7.42
C PRO D 139 -11.12 5.95 -8.83
N GLU D 140 -11.68 6.74 -9.74
CA GLU D 140 -11.87 6.27 -11.10
C GLU D 140 -10.55 5.80 -11.73
N ILE D 141 -9.45 6.45 -11.37
CA ILE D 141 -8.15 6.11 -11.93
C ILE D 141 -7.76 4.72 -11.45
N PHE D 142 -8.09 4.42 -10.19
CA PHE D 142 -7.82 3.09 -9.64
C PHE D 142 -8.57 2.05 -10.45
N SER D 143 -9.86 2.30 -10.71
CA SER D 143 -10.71 1.36 -11.46
C SER D 143 -10.26 1.24 -12.92
N LEU D 144 -9.79 2.33 -13.48
CA LEU D 144 -9.32 2.31 -14.86
C LEU D 144 -8.18 1.33 -15.02
N ILE D 145 -7.18 1.44 -14.13
CA ILE D 145 -6.01 0.59 -14.19
C ILE D 145 -6.34 -0.84 -13.82
N LYS D 146 -7.29 -1.02 -12.90
CA LYS D 146 -7.70 -2.35 -12.49
C LYS D 146 -8.39 -3.07 -13.63
N LEU D 147 -9.32 -2.39 -14.29
CA LEU D 147 -10.06 -2.98 -15.41
C LEU D 147 -9.14 -3.38 -16.53
N ALA D 148 -8.14 -2.56 -16.78
CA ALA D 148 -7.18 -2.82 -17.84
C ALA D 148 -6.32 -4.03 -17.42
N ALA D 149 -5.81 -4.01 -16.19
CA ALA D 149 -4.98 -5.11 -15.72
C ALA D 149 -5.73 -6.47 -15.67
N GLN D 150 -7.04 -6.41 -15.48
CA GLN D 150 -7.84 -7.64 -15.44
C GLN D 150 -8.12 -8.26 -16.84
N ASP D 151 -8.06 -7.45 -17.91
CA ASP D 151 -8.30 -7.99 -19.24
C ASP D 151 -7.29 -9.12 -19.48
N LYS D 152 -7.76 -10.22 -20.05
CA LYS D 152 -6.93 -11.41 -20.33
C LYS D 152 -5.85 -11.18 -21.37
N ASP D 153 -6.05 -10.20 -22.25
CA ASP D 153 -5.06 -9.90 -23.27
C ASP D 153 -3.86 -9.09 -22.80
N VAL D 154 -3.99 -8.42 -21.64
CA VAL D 154 -2.92 -7.57 -21.08
C VAL D 154 -1.94 -8.39 -20.27
N THR D 155 -0.64 -8.22 -20.53
CA THR D 155 0.42 -8.95 -19.81
C THR D 155 1.10 -8.05 -18.80
N ARG D 156 1.28 -6.79 -19.16
CA ARG D 156 1.92 -5.83 -18.28
C ARG D 156 1.38 -4.41 -18.44
N ILE D 157 1.42 -3.66 -17.36
CA ILE D 157 1.02 -2.26 -17.35
C ILE D 157 2.13 -1.55 -16.59
N PHE D 158 2.74 -0.56 -17.23
CA PHE D 158 3.81 0.21 -16.64
C PHE D 158 3.29 1.57 -16.18
N VAL D 159 3.68 1.92 -14.96
CA VAL D 159 3.31 3.17 -14.30
C VAL D 159 4.42 3.58 -13.33
N ASN D 160 4.44 4.84 -12.92
CA ASN D 160 5.45 5.29 -11.96
C ASN D 160 5.29 4.48 -10.67
N PRO D 161 6.39 4.25 -9.95
CA PRO D 161 6.34 3.49 -8.68
C PRO D 161 5.35 4.06 -7.66
N ALA D 162 5.21 5.38 -7.62
CA ALA D 162 4.28 5.99 -6.67
C ALA D 162 2.86 5.60 -7.03
N ILE D 163 2.59 5.43 -8.32
CA ILE D 163 1.24 5.04 -8.70
C ILE D 163 1.03 3.58 -8.31
N LYS D 164 2.01 2.72 -8.58
CA LYS D 164 1.81 1.35 -8.17
C LYS D 164 1.60 1.31 -6.64
N GLN D 165 2.35 2.14 -5.92
CA GLN D 165 2.23 2.20 -4.47
C GLN D 165 0.78 2.49 -4.03
N GLN D 166 0.12 3.44 -4.71
CA GLN D 166 -1.27 3.81 -4.38
C GLN D 166 -2.24 2.67 -4.70
N LEU D 167 -1.97 1.93 -5.76
CA LEU D 167 -2.80 0.79 -6.15
C LEU D 167 -2.64 -0.35 -5.12
N CYS D 168 -1.43 -0.51 -4.57
CA CYS D 168 -1.19 -1.54 -3.57
C CYS D 168 -2.02 -1.23 -2.33
N LEU D 169 -2.12 0.06 -1.99
CA LEU D 169 -2.87 0.46 -0.82
C LEU D 169 -4.37 0.28 -1.01
N ASP D 170 -4.85 0.58 -2.21
CA ASP D 170 -6.28 0.49 -2.52
C ASP D 170 -6.80 -0.87 -2.94
N ALA D 171 -5.92 -1.78 -3.36
CA ALA D 171 -6.37 -3.11 -3.81
C ALA D 171 -7.20 -3.92 -2.81
N GLY D 172 -6.80 -3.93 -1.54
CA GLY D 172 -7.55 -4.68 -0.56
C GLY D 172 -7.33 -6.18 -0.74
N THR D 173 -8.38 -6.96 -0.80
CA THR D 173 -8.23 -8.42 -0.91
C THR D 173 -8.12 -9.02 -2.32
N ASP D 174 -8.62 -8.30 -3.33
CA ASP D 174 -8.59 -8.76 -4.75
C ASP D 174 -7.40 -8.18 -5.49
N ARG D 175 -6.20 -8.44 -4.93
CA ARG D 175 -4.94 -7.81 -5.39
C ARG D 175 -3.97 -8.62 -6.31
N ASP D 176 -4.48 -9.63 -7.02
CA ASP D 176 -3.64 -10.45 -7.92
C ASP D 176 -3.22 -9.66 -9.14
N TRP D 177 -4.18 -8.96 -9.72
CA TRP D 177 -3.95 -8.17 -10.91
C TRP D 177 -2.72 -7.27 -10.75
N LEU D 178 -2.39 -6.93 -9.51
CA LEU D 178 -1.24 -6.08 -9.24
C LEU D 178 0.05 -6.67 -9.80
N ARG D 179 0.08 -7.98 -10.02
CA ARG D 179 1.28 -8.60 -10.56
C ARG D 179 1.62 -8.04 -11.96
N LYS D 180 0.59 -7.77 -12.75
CA LYS D 180 0.79 -7.22 -14.09
C LYS D 180 1.34 -5.78 -14.07
N VAL D 181 1.01 -5.02 -13.04
CA VAL D 181 1.48 -3.65 -12.92
C VAL D 181 2.96 -3.63 -12.57
N ARG D 182 3.75 -2.95 -13.40
CA ARG D 182 5.19 -2.89 -13.19
C ARG D 182 5.68 -1.44 -13.04
N PRO D 183 6.63 -1.24 -12.13
CA PRO D 183 7.19 0.09 -11.87
C PRO D 183 8.20 0.53 -12.92
N TRP D 184 8.19 1.80 -13.29
CA TRP D 184 9.18 2.28 -14.26
C TRP D 184 9.38 3.80 -14.15
N PHE D 185 10.48 4.27 -14.75
CA PHE D 185 10.81 5.70 -14.75
C PHE D 185 9.72 6.48 -15.44
N GLN D 186 9.46 7.69 -14.95
CA GLN D 186 8.43 8.52 -15.52
C GLN D 186 7.07 7.85 -15.43
N HIS D 187 6.31 7.83 -16.53
CA HIS D 187 4.98 7.25 -16.52
C HIS D 187 4.21 7.85 -15.34
N ARG D 188 4.29 9.17 -15.23
CA ARG D 188 3.64 9.89 -14.17
C ARG D 188 2.23 10.33 -14.51
N ALA D 189 1.94 10.43 -15.80
CA ALA D 189 0.61 10.86 -16.26
C ALA D 189 -0.06 9.85 -17.18
N HIS D 190 0.68 8.79 -17.53
CA HIS D 190 0.13 7.76 -18.42
C HIS D 190 0.41 6.37 -17.86
N MSE D 191 -0.44 5.42 -18.23
CA MSE D 191 -0.23 4.04 -17.83
C MSE D 191 0.07 3.36 -19.15
O MSE D 191 -0.67 3.52 -20.12
CB MSE D 191 -1.50 3.45 -17.18
CG MSE D 191 -2.51 2.87 -18.17
SE MSE D 191 -3.79 1.70 -17.33
CE MSE D 191 -5.40 2.68 -17.77
N HIS D 192 1.17 2.63 -19.22
CA HIS D 192 1.55 1.94 -20.45
C HIS D 192 1.04 0.50 -20.46
N VAL D 193 0.13 0.19 -21.37
CA VAL D 193 -0.43 -1.15 -21.46
C VAL D 193 0.21 -1.95 -22.59
N ARG D 194 0.59 -3.19 -22.27
CA ARG D 194 1.20 -4.09 -23.23
C ARG D 194 0.37 -5.35 -23.40
N LEU D 195 0.01 -5.70 -24.64
CA LEU D 195 -0.77 -6.92 -24.91
C LEU D 195 0.14 -8.09 -25.24
N ARG D 196 -0.42 -9.30 -25.20
CA ARG D 196 0.33 -10.51 -25.53
C ARG D 196 0.41 -10.61 -27.05
N CYS D 197 1.36 -11.39 -27.54
CA CYS D 197 1.50 -11.53 -28.97
C CYS D 197 0.22 -12.18 -29.52
N PRO D 198 -0.28 -11.66 -30.65
CA PRO D 198 -1.50 -12.23 -31.24
C PRO D 198 -1.20 -13.69 -31.61
N ALA D 199 -2.21 -14.55 -31.51
CA ALA D 199 -2.03 -15.97 -31.80
C ALA D 199 -1.44 -16.30 -33.16
N ASP D 200 -1.96 -15.68 -34.22
CA ASP D 200 -1.45 -15.96 -35.56
C ASP D 200 -0.22 -15.16 -36.01
N SER D 201 0.41 -14.46 -35.07
CA SER D 201 1.61 -13.67 -35.37
C SER D 201 2.80 -14.55 -35.01
N LEU D 202 3.20 -15.40 -35.96
CA LEU D 202 4.28 -16.34 -35.71
C LEU D 202 5.68 -15.75 -35.46
N GLU D 203 5.94 -14.54 -35.95
CA GLU D 203 7.24 -13.91 -35.73
C GLU D 203 7.21 -12.86 -34.62
N CYS D 204 6.23 -12.97 -33.73
CA CYS D 204 6.10 -12.03 -32.61
C CYS D 204 6.70 -12.68 -31.37
N GLU D 205 7.61 -11.96 -30.72
CA GLU D 205 8.28 -12.48 -29.53
C GLU D 205 7.71 -12.03 -28.20
N ASP D 206 7.25 -13.00 -27.41
CA ASP D 206 6.64 -12.78 -26.09
C ASP D 206 7.66 -12.66 -24.94
N GLN D 207 7.23 -12.03 -23.87
CA GLN D 207 8.05 -11.86 -22.68
C GLN D 207 7.63 -12.90 -21.67
N PRO D 208 8.52 -13.22 -20.73
CA PRO D 208 8.18 -14.22 -19.69
C PRO D 208 7.17 -13.52 -18.76
N LEU D 209 6.49 -14.28 -17.91
CA LEU D 209 5.53 -13.66 -16.98
C LEU D 209 6.33 -12.82 -16.00
N PRO D 210 5.71 -11.84 -15.35
CA PRO D 210 6.43 -11.00 -14.39
C PRO D 210 6.64 -11.78 -13.13
N PRO D 211 7.54 -11.33 -12.25
CA PRO D 211 7.80 -12.04 -10.99
C PRO D 211 6.49 -12.33 -10.24
N SER D 212 6.53 -13.27 -9.30
CA SER D 212 5.33 -13.61 -8.56
C SER D 212 4.98 -12.63 -7.44
N GLY D 213 3.74 -12.70 -6.99
CA GLY D 213 3.29 -11.82 -5.92
C GLY D 213 2.81 -10.44 -6.38
N ASP D 214 2.23 -9.68 -5.47
CA ASP D 214 1.74 -8.37 -5.86
C ASP D 214 2.91 -7.46 -6.20
N GLY D 215 4.08 -7.80 -5.69
CA GLY D 215 5.26 -7.00 -5.98
C GLY D 215 5.30 -5.70 -5.21
N CYS D 216 4.46 -5.61 -4.18
CA CYS D 216 4.39 -4.39 -3.40
C CYS D 216 5.45 -4.30 -2.31
N GLY D 217 6.22 -5.37 -2.14
CA GLY D 217 7.25 -5.37 -1.11
C GLY D 217 8.61 -4.85 -1.55
N ALA D 218 9.64 -5.66 -1.30
CA ALA D 218 11.02 -5.31 -1.62
C ALA D 218 11.27 -4.68 -3.00
N GLU D 219 10.72 -5.27 -4.05
CA GLU D 219 10.94 -4.72 -5.39
C GLU D 219 10.39 -3.30 -5.59
N LEU D 220 9.12 -3.09 -5.23
CA LEU D 220 8.52 -1.79 -5.37
C LEU D 220 9.35 -0.76 -4.59
N GLN D 221 9.68 -1.12 -3.36
CA GLN D 221 10.47 -0.26 -2.48
C GLN D 221 11.82 0.16 -3.05
N SER D 222 12.47 -0.77 -3.76
CA SER D 222 13.78 -0.49 -4.36
C SER D 222 13.76 0.73 -5.27
N TRP D 223 12.61 1.01 -5.87
CA TRP D 223 12.47 2.15 -6.76
C TRP D 223 12.42 3.43 -5.98
N PHE D 224 12.12 3.33 -4.69
CA PHE D 224 12.04 4.53 -3.87
C PHE D 224 13.40 5.04 -3.43
N GLU D 225 14.44 4.32 -3.81
CA GLU D 225 15.80 4.75 -3.52
C GLU D 225 16.54 4.87 -4.87
N PRO D 240 21.60 -4.33 -31.47
CA PRO D 240 20.20 -4.77 -31.72
C PRO D 240 19.77 -4.69 -33.19
N PRO D 241 20.16 -5.68 -34.00
CA PRO D 241 19.77 -5.64 -35.41
C PRO D 241 18.26 -5.83 -35.53
N LEU D 242 17.70 -5.41 -36.64
CA LEU D 242 16.27 -5.50 -36.86
C LEU D 242 15.87 -6.91 -37.31
N PRO D 243 14.65 -7.35 -36.98
CA PRO D 243 14.23 -8.69 -37.41
C PRO D 243 14.28 -8.70 -38.94
N PRO D 244 14.67 -9.82 -39.56
CA PRO D 244 14.76 -9.95 -41.01
C PRO D 244 13.49 -9.59 -41.75
N SER D 245 12.35 -9.95 -41.18
CA SER D 245 11.09 -9.64 -41.82
C SER D 245 10.91 -8.14 -41.97
N CYS D 246 11.25 -7.41 -40.91
CA CYS D 246 11.15 -5.94 -40.92
C CYS D 246 12.18 -5.37 -41.86
N GLN D 247 13.34 -6.00 -41.93
CA GLN D 247 14.39 -5.49 -42.80
C GLN D 247 13.92 -5.66 -44.23
N ALA D 248 13.30 -6.81 -44.51
CA ALA D 248 12.80 -7.14 -45.83
C ALA D 248 11.97 -6.00 -46.39
N LEU D 249 11.11 -5.43 -45.57
CA LEU D 249 10.28 -4.31 -46.01
C LEU D 249 11.14 -3.13 -46.49
N LEU D 250 12.25 -2.86 -45.79
CA LEU D 250 13.13 -1.78 -46.24
C LEU D 250 13.77 -2.18 -47.59
N ASP D 251 14.24 -3.43 -47.67
CA ASP D 251 14.89 -3.93 -48.87
C ASP D 251 14.02 -3.89 -50.12
N GLU D 252 12.71 -3.96 -49.91
CA GLU D 252 11.79 -3.91 -51.02
C GLU D 252 11.14 -2.54 -51.17
N HIS D 253 11.55 -1.61 -50.32
CA HIS D 253 11.03 -0.25 -50.36
C HIS D 253 9.52 -0.14 -50.17
N VAL D 254 8.97 -0.99 -49.31
CA VAL D 254 7.54 -1.01 -49.00
C VAL D 254 7.21 -0.08 -47.83
N ILE D 255 8.22 0.58 -47.28
CA ILE D 255 8.03 1.41 -46.10
C ILE D 255 7.92 2.92 -46.31
N ALA E 1 35.30 17.81 16.43
CA ALA E 1 34.70 18.37 17.68
C ALA E 1 33.76 17.38 18.39
N THR E 2 33.51 16.21 17.81
CA THR E 2 32.66 15.21 18.50
C THR E 2 33.51 14.47 19.56
N PRO E 3 32.85 13.82 20.52
CA PRO E 3 33.62 13.09 21.54
C PRO E 3 34.42 11.98 20.90
N TRP E 4 33.90 11.46 19.80
CA TRP E 4 34.54 10.39 19.08
C TRP E 4 35.88 10.82 18.50
N GLN E 5 35.96 12.09 18.13
CA GLN E 5 37.15 12.67 17.53
C GLN E 5 38.12 13.23 18.56
N LYS E 6 37.81 13.09 19.84
CA LYS E 6 38.72 13.59 20.87
C LYS E 6 39.39 12.49 21.65
N ILE E 7 38.62 11.46 21.97
CA ILE E 7 39.13 10.33 22.72
C ILE E 7 40.50 9.91 22.14
N THR E 8 41.42 9.48 23.00
CA THR E 8 42.76 9.08 22.53
C THR E 8 43.03 7.61 22.76
N GLN E 9 42.28 7.02 23.69
CA GLN E 9 42.47 5.62 24.03
C GLN E 9 41.20 4.90 23.71
N PRO E 10 41.30 3.59 23.40
CA PRO E 10 40.11 2.79 23.08
C PRO E 10 39.25 2.63 24.33
N VAL E 11 37.95 2.43 24.14
CA VAL E 11 37.04 2.16 25.25
C VAL E 11 37.28 0.71 25.64
N PRO E 12 37.72 0.45 26.88
CA PRO E 12 37.96 -0.95 27.28
C PRO E 12 36.74 -1.84 27.29
N GLY E 13 36.96 -3.13 27.06
CA GLY E 13 35.86 -4.10 27.04
C GLY E 13 36.10 -5.09 25.93
N SER E 14 35.15 -5.99 25.70
CA SER E 14 35.29 -6.98 24.62
C SER E 14 35.25 -6.20 23.31
N ALA E 15 35.79 -6.79 22.25
CA ALA E 15 35.78 -6.12 20.96
C ALA E 15 34.36 -6.23 20.41
N GLN E 16 33.72 -5.09 20.20
CA GLN E 16 32.36 -5.09 19.66
C GLN E 16 32.12 -4.02 18.61
N SER E 17 31.95 -4.45 17.36
CA SER E 17 31.67 -3.52 16.29
C SER E 17 30.18 -3.25 16.44
N ILE E 18 29.80 -1.98 16.48
CA ILE E 18 28.40 -1.63 16.68
C ILE E 18 27.82 -0.69 15.63
N GLY E 19 26.73 -1.13 14.99
CA GLY E 19 26.10 -0.29 13.99
C GLY E 19 26.55 -0.63 12.58
N SER E 20 26.56 0.37 11.70
CA SER E 20 26.99 0.15 10.33
C SER E 20 28.25 0.92 10.03
N PHE E 21 28.90 0.56 8.93
CA PHE E 21 30.16 1.18 8.52
C PHE E 21 30.14 2.72 8.45
N SER E 22 28.98 3.29 8.15
CA SER E 22 28.83 4.74 8.07
C SER E 22 27.97 5.34 9.17
N ASN E 23 27.87 4.61 10.28
CA ASN E 23 27.12 5.07 11.44
C ASN E 23 27.20 4.06 12.58
N GLY E 24 28.28 4.13 13.33
CA GLY E 24 28.45 3.22 14.45
C GLY E 24 29.63 3.64 15.29
N CYS E 25 30.15 2.68 16.05
CA CYS E 25 31.31 2.94 16.90
C CYS E 25 31.85 1.56 17.20
N ILE E 26 32.95 1.50 17.95
CA ILE E 26 33.51 0.21 18.33
C ILE E 26 34.02 0.22 19.75
N VAL E 27 33.72 -0.84 20.51
CA VAL E 27 34.16 -0.95 21.88
C VAL E 27 35.30 -1.96 21.92
N GLY E 28 36.27 -1.71 22.78
CA GLY E 28 37.41 -2.59 22.91
C GLY E 28 38.17 -2.68 21.59
N ALA E 29 38.36 -1.56 20.91
CA ALA E 29 39.10 -1.59 19.65
C ALA E 29 40.54 -2.03 19.91
N ASP E 30 41.11 -2.70 18.91
CA ASP E 30 42.46 -3.24 18.99
C ASP E 30 43.34 -2.18 18.38
N THR E 31 44.65 -2.28 18.61
CA THR E 31 45.56 -1.32 18.03
C THR E 31 46.51 -2.05 17.10
N LEU E 32 46.73 -1.49 15.93
CA LEU E 32 47.64 -2.10 14.97
C LEU E 32 49.08 -1.86 15.42
N PRO E 33 49.85 -2.94 15.70
CA PRO E 33 51.23 -2.72 16.13
C PRO E 33 51.90 -1.76 15.15
N ILE E 34 52.58 -0.74 15.66
CA ILE E 34 53.23 0.22 14.80
C ILE E 34 54.44 -0.42 14.13
N GLN E 35 55.20 -1.23 14.85
CA GLN E 35 56.36 -1.84 14.24
C GLN E 35 56.03 -3.20 13.67
N SER E 36 56.53 -3.46 12.47
CA SER E 36 56.28 -4.72 11.77
C SER E 36 57.25 -4.77 10.61
N GLU E 37 57.60 -5.98 10.21
CA GLU E 37 58.51 -6.14 9.10
C GLU E 37 57.77 -6.31 7.78
N HIS E 38 56.44 -6.27 7.82
CA HIS E 38 55.65 -6.41 6.59
C HIS E 38 54.90 -5.15 6.20
N TYR E 39 54.67 -4.25 7.15
CA TYR E 39 53.95 -3.02 6.84
C TYR E 39 54.43 -1.88 7.72
N GLN E 40 54.03 -0.68 7.38
CA GLN E 40 54.37 0.55 8.11
C GLN E 40 53.11 1.37 8.12
N VAL E 41 52.93 2.14 9.19
CA VAL E 41 51.74 2.96 9.35
C VAL E 41 51.91 4.48 9.08
N MSE E 42 51.09 4.99 8.17
CA MSE E 42 51.11 6.39 7.78
C MSE E 42 50.27 7.25 8.70
O MSE E 42 49.34 6.77 9.31
CB MSE E 42 50.62 6.54 6.37
CG MSE E 42 51.27 5.53 5.45
SE MSE E 42 50.97 6.02 3.59
CE MSE E 42 49.00 5.89 3.52
N ARG E 43 50.65 8.53 8.78
CA ARG E 43 49.95 9.53 9.58
C ARG E 43 49.49 9.08 10.99
N THR E 44 50.39 8.45 11.74
CA THR E 44 50.03 8.00 13.08
C THR E 44 49.63 9.14 14.00
N ASP E 45 49.92 10.38 13.59
CA ASP E 45 49.56 11.54 14.39
C ASP E 45 48.04 11.67 14.46
N GLN E 46 47.35 11.14 13.44
CA GLN E 46 45.88 11.23 13.40
C GLN E 46 45.24 10.23 14.33
N ARG E 47 46.04 9.34 14.91
CA ARG E 47 45.49 8.33 15.82
C ARG E 47 44.33 7.60 15.17
N ARG E 48 44.52 7.17 13.94
CA ARG E 48 43.49 6.44 13.23
C ARG E 48 44.01 5.06 12.87
N TYR E 49 44.71 4.43 13.82
CA TYR E 49 45.23 3.09 13.60
C TYR E 49 44.60 2.06 14.53
N PHE E 50 43.34 2.25 14.85
CA PHE E 50 42.60 1.33 15.72
C PHE E 50 41.49 0.64 14.93
N GLY E 51 41.02 -0.49 15.45
CA GLY E 51 39.95 -1.21 14.77
C GLY E 51 39.61 -2.52 15.43
N HIS E 52 38.73 -3.30 14.79
CA HIS E 52 38.37 -4.60 15.33
C HIS E 52 39.54 -5.57 15.16
N PRO E 53 39.73 -6.50 16.10
CA PRO E 53 40.83 -7.47 16.00
C PRO E 53 40.88 -8.18 14.63
N ASP E 54 39.72 -8.41 14.02
CA ASP E 54 39.68 -9.02 12.70
C ASP E 54 40.32 -8.11 11.62
N LEU E 55 40.23 -6.79 11.81
CA LEU E 55 40.81 -5.82 10.85
C LEU E 55 42.32 -5.89 11.01
N VAL E 56 42.74 -5.99 12.28
CA VAL E 56 44.16 -6.11 12.60
C VAL E 56 44.70 -7.42 12.02
N MSE E 57 44.02 -8.52 12.23
CA MSE E 57 44.49 -9.79 11.68
C MSE E 57 44.51 -9.80 10.17
O MSE E 57 45.44 -10.36 9.59
CB MSE E 57 43.64 -10.94 12.18
CG MSE E 57 43.93 -11.28 13.64
SE MSE E 57 42.93 -12.89 14.12
CE MSE E 57 41.15 -12.04 14.47
N PHE E 58 43.51 -9.17 9.54
CA PHE E 58 43.47 -9.07 8.10
C PHE E 58 44.74 -8.36 7.55
N ILE E 59 45.10 -7.24 8.13
CA ILE E 59 46.28 -6.49 7.69
C ILE E 59 47.53 -7.31 7.89
N GLN E 60 47.66 -7.95 9.04
CA GLN E 60 48.84 -8.79 9.31
C GLN E 60 48.93 -9.90 8.29
N ARG E 61 47.80 -10.56 8.04
CA ARG E 61 47.70 -11.68 7.10
C ARG E 61 48.00 -11.25 5.64
N LEU E 62 47.43 -10.13 5.21
CA LEU E 62 47.68 -9.61 3.86
C LEU E 62 49.14 -9.18 3.74
N SER E 63 49.58 -8.33 4.66
CA SER E 63 50.96 -7.82 4.66
C SER E 63 51.94 -8.97 4.60
N SER E 64 51.72 -9.98 5.43
CA SER E 64 52.59 -11.15 5.42
C SER E 64 52.64 -11.82 4.02
N GLN E 65 51.49 -11.98 3.37
CA GLN E 65 51.46 -12.56 2.03
C GLN E 65 52.27 -11.75 1.05
N VAL E 66 52.00 -10.44 1.00
CA VAL E 66 52.72 -9.57 0.10
C VAL E 66 54.22 -9.76 0.35
N SER E 67 54.58 -9.69 1.60
CA SER E 67 55.98 -9.84 2.01
C SER E 67 56.62 -11.09 1.44
N ASN E 68 55.98 -12.23 1.62
CA ASN E 68 56.49 -13.50 1.11
C ASN E 68 56.44 -13.66 -0.41
N LEU E 69 55.86 -12.68 -1.09
CA LEU E 69 55.80 -12.71 -2.54
C LEU E 69 56.83 -11.71 -3.04
N GLY E 70 57.66 -11.23 -2.11
CA GLY E 70 58.70 -10.28 -2.43
C GLY E 70 58.22 -9.05 -3.17
N MSE E 71 56.99 -8.62 -2.92
CA MSE E 71 56.43 -7.46 -3.60
C MSE E 71 56.75 -6.13 -2.89
O MSE E 71 56.59 -5.07 -3.47
CB MSE E 71 54.92 -7.59 -3.74
CG MSE E 71 54.49 -8.73 -4.63
SE MSE E 71 52.58 -8.79 -4.83
CE MSE E 71 52.17 -9.74 -3.22
N GLY E 72 57.18 -6.21 -1.64
CA GLY E 72 57.51 -4.99 -0.92
C GLY E 72 56.75 -4.80 0.38
N THR E 73 56.84 -3.60 0.93
CA THR E 73 56.18 -3.27 2.18
C THR E 73 54.85 -2.56 1.98
N VAL E 74 53.84 -3.01 2.73
CA VAL E 74 52.50 -2.42 2.67
C VAL E 74 52.44 -1.14 3.48
N LEU E 75 51.74 -0.17 2.93
CA LEU E 75 51.58 1.12 3.59
C LEU E 75 50.12 1.24 4.01
N ILE E 76 49.90 1.33 5.32
CA ILE E 76 48.55 1.40 5.87
C ILE E 76 48.12 2.85 6.17
N GLY E 77 46.90 3.19 5.74
CA GLY E 77 46.37 4.52 5.97
C GLY E 77 45.32 4.47 7.07
N ASP E 78 44.26 5.25 6.91
CA ASP E 78 43.19 5.29 7.91
C ASP E 78 42.50 3.95 8.15
N MSE E 79 42.20 3.70 9.42
CA MSE E 79 41.51 2.50 9.86
C MSE E 79 40.28 3.01 10.59
O MSE E 79 39.19 3.09 10.02
CB MSE E 79 42.39 1.69 10.81
CG MSE E 79 43.39 0.79 10.11
SE MSE E 79 44.70 0.01 11.29
CE MSE E 79 43.55 -1.16 12.30
N GLY E 80 40.47 3.37 11.85
CA GLY E 80 39.37 3.89 12.64
C GLY E 80 39.92 4.64 13.84
N MSE E 81 39.08 5.46 14.46
CA MSE E 81 39.50 6.22 15.63
C MSE E 81 39.38 5.28 16.83
O MSE E 81 38.79 4.22 16.72
CB MSE E 81 38.61 7.46 15.78
CG MSE E 81 38.67 8.37 14.55
SE MSE E 81 37.95 10.15 14.78
CE MSE E 81 36.08 9.73 14.59
N PRO E 82 39.95 5.67 17.98
CA PRO E 82 39.90 4.83 19.18
C PRO E 82 38.60 4.06 19.43
N ALA E 83 37.48 4.74 19.24
CA ALA E 83 36.17 4.13 19.44
C ALA E 83 35.30 4.23 18.20
N GLY E 84 35.93 4.35 17.04
CA GLY E 84 35.17 4.46 15.81
C GLY E 84 34.50 5.81 15.71
N GLY E 85 33.38 5.83 14.98
CA GLY E 85 32.66 7.07 14.81
C GLY E 85 33.12 7.76 13.55
N ARG E 86 32.41 8.82 13.18
CA ARG E 86 32.71 9.53 11.97
C ARG E 86 33.96 10.43 11.98
N PHE E 87 34.77 10.26 10.94
CA PHE E 87 35.99 11.03 10.75
C PHE E 87 35.67 12.50 10.52
N ASN E 88 36.52 13.38 11.01
CA ASN E 88 36.34 14.81 10.78
C ASN E 88 37.35 15.05 9.68
N GLY E 89 36.99 14.61 8.48
CA GLY E 89 37.89 14.74 7.36
C GLY E 89 38.28 13.32 6.97
N GLY E 90 38.11 13.01 5.70
CA GLY E 90 38.43 11.66 5.22
C GLY E 90 37.19 10.95 4.69
N HIS E 91 37.25 9.62 4.55
CA HIS E 91 36.08 8.88 4.08
C HIS E 91 34.91 8.92 5.08
N ALA E 92 33.71 8.66 4.57
CA ALA E 92 32.52 8.73 5.43
C ALA E 92 32.22 7.54 6.32
N SER E 93 32.90 6.42 6.07
CA SER E 93 32.68 5.23 6.85
C SER E 93 33.83 5.07 7.81
N HIS E 94 34.37 3.86 7.96
CA HIS E 94 35.47 3.62 8.90
C HIS E 94 34.97 3.76 10.35
N GLN E 95 33.66 3.74 10.53
CA GLN E 95 33.07 3.94 11.83
C GLN E 95 32.98 2.76 12.78
N THR E 96 33.08 1.55 12.27
CA THR E 96 32.96 0.38 13.14
C THR E 96 34.24 -0.47 13.26
N GLY E 97 35.39 0.12 12.90
CA GLY E 97 36.66 -0.59 12.97
C GLY E 97 36.76 -1.77 12.00
N LEU E 98 36.09 -1.68 10.85
CA LEU E 98 36.12 -2.76 9.85
C LEU E 98 36.53 -2.27 8.44
N ASP E 99 36.93 -1.02 8.36
CA ASP E 99 37.37 -0.43 7.10
C ASP E 99 38.85 -0.03 7.21
N VAL E 100 39.62 -0.27 6.16
CA VAL E 100 41.02 0.14 6.17
C VAL E 100 41.51 0.64 4.80
N ASP E 101 42.16 1.80 4.78
CA ASP E 101 42.70 2.33 3.52
C ASP E 101 44.14 1.90 3.40
N ILE E 102 44.48 1.36 2.24
CA ILE E 102 45.83 0.90 1.95
C ILE E 102 46.38 1.71 0.76
N PHE E 103 47.56 2.26 0.94
CA PHE E 103 48.22 3.09 -0.06
C PHE E 103 48.59 2.21 -1.24
N LEU E 104 48.30 2.67 -2.45
CA LEU E 104 48.59 1.86 -3.62
C LEU E 104 50.02 2.03 -4.10
N GLN E 105 50.95 1.73 -3.20
CA GLN E 105 52.38 1.86 -3.50
C GLN E 105 53.06 0.85 -2.60
N LEU E 106 54.04 0.12 -3.15
CA LEU E 106 54.76 -0.89 -2.39
C LEU E 106 56.29 -0.68 -2.34
N PRO E 107 56.73 0.21 -1.45
CA PRO E 107 58.15 0.49 -1.29
C PRO E 107 59.05 -0.73 -1.06
N LYS E 108 60.14 -0.79 -1.82
CA LYS E 108 61.07 -1.88 -1.66
C LYS E 108 62.11 -1.54 -0.59
N THR E 109 61.88 -0.39 0.04
CA THR E 109 62.71 0.10 1.13
C THR E 109 61.71 0.70 2.11
N ARG E 110 61.92 0.44 3.40
CA ARG E 110 61.05 1.00 4.42
C ARG E 110 61.21 2.53 4.44
N TRP E 111 60.08 3.23 4.57
CA TRP E 111 60.07 4.70 4.61
C TRP E 111 60.55 5.20 5.98
N THR E 112 61.02 6.46 6.06
CA THR E 112 61.45 7.04 7.34
C THR E 112 60.19 7.48 8.11
N SER E 113 60.35 7.85 9.37
CA SER E 113 59.20 8.28 10.17
C SER E 113 58.58 9.51 9.60
N ALA E 114 59.45 10.43 9.17
CA ALA E 114 59.02 11.70 8.59
C ALA E 114 58.16 11.44 7.36
N GLN E 115 58.65 10.61 6.45
CA GLN E 115 57.93 10.27 5.23
C GLN E 115 56.57 9.70 5.58
N LEU E 116 56.54 8.84 6.60
CA LEU E 116 55.31 8.19 7.05
C LEU E 116 54.32 9.20 7.61
N LEU E 117 54.85 10.18 8.33
CA LEU E 117 54.02 11.20 8.94
C LEU E 117 53.44 12.17 7.92
N ARG E 118 54.11 12.53 6.86
CA ARG E 118 53.67 13.46 5.81
C ARG E 118 53.74 12.73 4.47
N PRO E 119 52.90 11.72 4.29
CA PRO E 119 52.90 10.94 3.05
C PRO E 119 52.76 11.80 1.82
N GLN E 120 53.35 11.33 0.73
CA GLN E 120 53.24 12.06 -0.52
C GLN E 120 52.32 11.25 -1.41
N ALA E 121 51.03 11.57 -1.38
CA ALA E 121 50.04 10.87 -2.19
C ALA E 121 50.50 10.78 -3.64
N LEU E 122 50.54 9.56 -4.17
CA LEU E 122 50.97 9.34 -5.55
C LEU E 122 49.79 9.14 -6.50
N ASP E 123 48.90 10.16 -6.78
CA ASP E 123 47.67 10.11 -7.53
C ASP E 123 47.84 9.17 -8.73
N LEU E 124 47.10 8.06 -8.72
CA LEU E 124 47.20 7.06 -9.79
C LEU E 124 46.33 7.31 -11.00
N VAL E 125 45.36 8.19 -10.87
CA VAL E 125 44.44 8.46 -11.95
C VAL E 125 44.81 9.65 -12.79
N SER E 126 44.65 9.53 -14.09
CA SER E 126 44.96 10.62 -14.98
C SER E 126 44.14 11.87 -14.64
N ARG E 127 44.56 12.99 -15.21
CA ARG E 127 43.89 14.26 -15.03
C ARG E 127 42.44 14.25 -15.56
N ASP E 128 42.19 13.50 -16.64
CA ASP E 128 40.83 13.46 -17.19
C ASP E 128 39.96 12.41 -16.54
N GLY E 129 40.56 11.60 -15.68
CA GLY E 129 39.83 10.56 -14.98
C GLY E 129 39.36 9.32 -15.73
N LYS E 130 39.96 9.00 -16.88
CA LYS E 130 39.50 7.86 -17.67
C LYS E 130 40.40 6.61 -17.62
N HIS E 131 41.56 6.71 -16.93
CA HIS E 131 42.57 5.65 -16.94
C HIS E 131 43.71 5.98 -16.04
N VAL E 132 44.51 4.97 -15.71
CA VAL E 132 45.65 5.16 -14.81
C VAL E 132 46.88 5.64 -15.55
N VAL E 133 47.72 6.38 -14.84
CA VAL E 133 48.97 6.88 -15.38
C VAL E 133 49.81 5.63 -15.59
N SER E 134 49.96 5.20 -16.84
CA SER E 134 50.70 3.98 -17.17
C SER E 134 52.08 3.89 -16.53
N THR E 135 52.72 5.03 -16.34
CA THR E 135 54.06 5.07 -15.75
C THR E 135 54.09 4.89 -14.22
N LEU E 136 52.89 4.99 -13.72
CA LEU E 136 52.84 4.84 -12.27
C LEU E 136 52.14 3.53 -11.91
N TRP E 137 51.50 2.92 -12.91
CA TRP E 137 50.81 1.67 -12.69
C TRP E 137 51.83 0.54 -12.80
N LYS E 138 51.85 -0.32 -11.80
CA LYS E 138 52.79 -1.44 -11.78
C LYS E 138 52.00 -2.74 -11.60
N PRO E 139 52.59 -3.88 -11.95
CA PRO E 139 51.87 -5.13 -11.78
C PRO E 139 51.67 -5.45 -10.30
N GLU E 140 52.58 -4.97 -9.44
CA GLU E 140 52.46 -5.20 -8.01
C GLU E 140 51.18 -4.58 -7.46
N ILE E 141 50.78 -3.42 -7.99
CA ILE E 141 49.55 -2.78 -7.55
C ILE E 141 48.35 -3.64 -7.92
N PHE E 142 48.43 -4.32 -9.07
CA PHE E 142 47.36 -5.18 -9.55
C PHE E 142 47.23 -6.34 -8.57
N SER E 143 48.38 -6.96 -8.25
CA SER E 143 48.44 -8.09 -7.34
C SER E 143 47.99 -7.77 -5.93
N LEU E 144 48.26 -6.53 -5.50
CA LEU E 144 47.89 -6.11 -4.16
C LEU E 144 46.38 -6.10 -3.98
N ILE E 145 45.68 -5.49 -4.93
CA ILE E 145 44.23 -5.40 -4.85
C ILE E 145 43.58 -6.77 -5.03
N LYS E 146 44.15 -7.60 -5.90
CA LYS E 146 43.61 -8.94 -6.14
C LYS E 146 43.80 -9.79 -4.86
N LEU E 147 45.00 -9.75 -4.32
CA LEU E 147 45.28 -10.47 -3.09
C LEU E 147 44.30 -10.12 -1.98
N ALA E 148 44.01 -8.84 -1.78
CA ALA E 148 43.04 -8.43 -0.75
C ALA E 148 41.61 -8.86 -1.12
N ALA E 149 41.26 -8.70 -2.39
CA ALA E 149 39.93 -9.08 -2.86
C ALA E 149 39.67 -10.58 -2.71
N GLN E 150 40.72 -11.37 -2.77
CA GLN E 150 40.59 -12.82 -2.64
C GLN E 150 40.41 -13.32 -1.21
N ASP E 151 40.79 -12.52 -0.23
CA ASP E 151 40.65 -12.90 1.18
C ASP E 151 39.15 -13.07 1.47
N LYS E 152 38.76 -14.20 2.08
CA LYS E 152 37.35 -14.44 2.38
C LYS E 152 36.68 -13.40 3.30
N ASP E 153 37.44 -12.76 4.18
CA ASP E 153 36.88 -11.74 5.08
C ASP E 153 36.53 -10.43 4.37
N VAL E 154 37.07 -10.22 3.18
CA VAL E 154 36.78 -8.99 2.47
C VAL E 154 35.49 -9.12 1.69
N THR E 155 34.65 -8.11 1.83
CA THR E 155 33.37 -8.07 1.15
C THR E 155 33.45 -7.09 -0.01
N ARG E 156 34.08 -5.94 0.23
CA ARG E 156 34.21 -4.89 -0.78
C ARG E 156 35.51 -4.15 -0.72
N ILE E 157 35.93 -3.60 -1.87
CA ILE E 157 37.13 -2.80 -1.97
C ILE E 157 36.77 -1.61 -2.88
N PHE E 158 36.86 -0.39 -2.35
CA PHE E 158 36.56 0.77 -3.18
C PHE E 158 37.84 1.35 -3.78
N VAL E 159 37.76 1.66 -5.06
CA VAL E 159 38.85 2.24 -5.81
C VAL E 159 38.21 3.13 -6.85
N ASN E 160 39.00 4.05 -7.39
CA ASN E 160 38.52 4.94 -8.43
C ASN E 160 38.15 4.13 -9.68
N PRO E 161 37.14 4.60 -10.41
CA PRO E 161 36.67 3.93 -11.63
C PRO E 161 37.78 3.58 -12.61
N ALA E 162 38.73 4.49 -12.76
CA ALA E 162 39.86 4.30 -13.69
C ALA E 162 40.74 3.15 -13.23
N ILE E 163 40.73 2.91 -11.92
CA ILE E 163 41.53 1.81 -11.38
C ILE E 163 40.81 0.47 -11.65
N LYS E 164 39.50 0.42 -11.45
CA LYS E 164 38.82 -0.84 -11.73
C LYS E 164 38.85 -1.07 -13.23
N GLN E 165 38.79 0.01 -14.01
CA GLN E 165 38.84 -0.13 -15.46
C GLN E 165 40.19 -0.76 -15.82
N GLN E 166 41.28 -0.32 -15.18
CA GLN E 166 42.56 -0.90 -15.53
C GLN E 166 42.69 -2.34 -15.06
N LEU E 167 42.08 -2.65 -13.92
CA LEU E 167 42.13 -4.00 -13.40
C LEU E 167 41.41 -4.97 -14.35
N CYS E 168 40.21 -4.59 -14.78
CA CYS E 168 39.44 -5.42 -15.70
C CYS E 168 40.24 -5.80 -16.94
N LEU E 169 41.11 -4.91 -17.42
CA LEU E 169 41.93 -5.22 -18.60
C LEU E 169 43.03 -6.25 -18.33
N ASP E 170 43.61 -6.19 -17.14
CA ASP E 170 44.68 -7.10 -16.75
C ASP E 170 44.19 -8.42 -16.17
N ALA E 171 42.91 -8.49 -15.82
CA ALA E 171 42.34 -9.69 -15.21
C ALA E 171 42.62 -11.02 -15.92
N GLY E 172 42.27 -11.10 -17.19
CA GLY E 172 42.49 -12.35 -17.89
C GLY E 172 41.31 -13.26 -17.60
N THR E 173 41.60 -14.52 -17.26
CA THR E 173 40.55 -15.49 -16.99
C THR E 173 40.13 -15.54 -15.55
N ASP E 174 41.09 -15.32 -14.66
CA ASP E 174 40.83 -15.32 -13.23
C ASP E 174 40.31 -13.92 -12.93
N ARG E 175 38.99 -13.74 -12.98
CA ARG E 175 38.40 -12.43 -12.75
C ARG E 175 37.18 -12.34 -11.84
N ASP E 176 36.82 -13.44 -11.19
CA ASP E 176 35.67 -13.43 -10.30
C ASP E 176 35.85 -12.47 -9.14
N TRP E 177 37.10 -12.34 -8.67
CA TRP E 177 37.42 -11.46 -7.55
C TRP E 177 37.02 -10.01 -7.86
N LEU E 178 37.02 -9.63 -9.12
CA LEU E 178 36.62 -8.29 -9.52
C LEU E 178 35.25 -7.88 -8.96
N ARG E 179 34.42 -8.85 -8.64
CA ARG E 179 33.10 -8.53 -8.12
C ARG E 179 33.17 -7.65 -6.89
N LYS E 180 34.14 -7.90 -6.02
CA LYS E 180 34.29 -7.16 -4.77
C LYS E 180 34.78 -5.73 -4.99
N VAL E 181 35.52 -5.51 -6.08
CA VAL E 181 36.03 -4.18 -6.40
C VAL E 181 34.84 -3.35 -6.88
N ARG E 182 34.66 -2.19 -6.25
CA ARG E 182 33.55 -1.30 -6.54
C ARG E 182 34.06 0.12 -6.83
N PRO E 183 33.51 0.76 -7.87
CA PRO E 183 33.88 2.12 -8.28
C PRO E 183 33.39 3.18 -7.31
N TRP E 184 34.16 4.25 -7.15
CA TRP E 184 33.74 5.36 -6.29
C TRP E 184 34.60 6.58 -6.47
N PHE E 185 34.03 7.74 -6.16
CA PHE E 185 34.73 9.00 -6.25
C PHE E 185 36.05 8.94 -5.51
N GLN E 186 37.01 9.71 -5.99
CA GLN E 186 38.34 9.74 -5.41
C GLN E 186 38.95 8.35 -5.37
N HIS E 187 39.59 8.02 -4.25
CA HIS E 187 40.26 6.74 -4.11
C HIS E 187 41.26 6.64 -5.24
N ARG E 188 41.99 7.72 -5.48
CA ARG E 188 42.98 7.71 -6.54
C ARG E 188 44.35 7.20 -6.07
N ALA E 189 44.58 7.19 -4.76
CA ALA E 189 45.86 6.77 -4.22
C ALA E 189 45.74 5.60 -3.25
N HIS E 190 44.58 5.48 -2.59
CA HIS E 190 44.37 4.39 -1.65
C HIS E 190 43.28 3.46 -2.16
N MSE E 191 43.22 2.27 -1.58
CA MSE E 191 42.18 1.31 -1.91
C MSE E 191 41.45 1.13 -0.58
O MSE E 191 42.08 0.94 0.46
CB MSE E 191 42.79 -0.02 -2.38
CG MSE E 191 43.19 -0.99 -1.29
SE MSE E 191 43.51 -2.79 -1.95
CE MSE E 191 45.25 -3.07 -1.16
N HIS E 192 40.12 1.23 -0.60
CA HIS E 192 39.34 1.08 0.61
C HIS E 192 38.85 -0.35 0.80
N VAL E 193 39.35 -1.01 1.83
CA VAL E 193 38.98 -2.40 2.11
C VAL E 193 37.96 -2.49 3.25
N ARG E 194 36.87 -3.20 2.99
CA ARG E 194 35.81 -3.39 3.98
C ARG E 194 35.64 -4.88 4.28
N LEU E 195 35.65 -5.23 5.56
CA LEU E 195 35.48 -6.60 6.04
C LEU E 195 34.01 -6.88 6.41
N ARG E 196 33.64 -8.15 6.46
CA ARG E 196 32.28 -8.53 6.85
C ARG E 196 32.22 -8.34 8.37
N CYS E 197 31.03 -8.21 8.92
CA CYS E 197 30.88 -8.04 10.36
C CYS E 197 31.39 -9.25 11.17
N PRO E 198 32.06 -9.03 12.30
CA PRO E 198 32.55 -10.16 13.11
C PRO E 198 31.34 -10.94 13.63
N ALA E 199 31.40 -12.27 13.53
CA ALA E 199 30.30 -13.14 13.96
C ALA E 199 29.73 -12.81 15.31
N ASP E 200 30.60 -12.57 16.29
CA ASP E 200 30.14 -12.28 17.64
C ASP E 200 29.83 -10.82 18.01
N SER E 201 29.78 -9.93 17.01
CA SER E 201 29.43 -8.54 17.24
C SER E 201 27.95 -8.48 16.83
N LEU E 202 27.08 -8.80 17.77
CA LEU E 202 25.65 -8.84 17.51
C LEU E 202 24.97 -7.55 17.05
N GLU E 203 25.52 -6.41 17.39
CA GLU E 203 24.90 -5.17 16.97
C GLU E 203 25.51 -4.62 15.69
N CYS E 204 26.35 -5.41 15.04
CA CYS E 204 26.99 -5.01 13.79
C CYS E 204 26.04 -5.30 12.63
N GLU E 205 25.93 -4.36 11.71
CA GLU E 205 25.07 -4.52 10.56
C GLU E 205 25.81 -4.69 9.24
N ASP E 206 25.50 -5.79 8.56
CA ASP E 206 26.12 -6.11 7.28
C ASP E 206 25.38 -5.52 6.09
N GLN E 207 26.08 -5.47 4.95
CA GLN E 207 25.52 -4.94 3.73
C GLN E 207 25.21 -6.13 2.84
N PRO E 208 24.39 -5.91 1.80
CA PRO E 208 24.05 -7.01 0.90
C PRO E 208 25.24 -7.27 -0.02
N LEU E 209 25.17 -8.36 -0.76
CA LEU E 209 26.26 -8.65 -1.68
C LEU E 209 26.29 -7.62 -2.79
N PRO E 210 27.44 -7.48 -3.44
CA PRO E 210 27.60 -6.53 -4.54
C PRO E 210 26.89 -7.12 -5.75
N PRO E 211 26.46 -6.28 -6.70
CA PRO E 211 25.78 -6.78 -7.90
C PRO E 211 26.52 -8.02 -8.41
N SER E 212 25.86 -8.85 -9.22
CA SER E 212 26.50 -10.05 -9.73
C SER E 212 27.39 -9.75 -10.92
N GLY E 213 28.34 -10.65 -11.19
CA GLY E 213 29.26 -10.46 -12.31
C GLY E 213 30.49 -9.67 -11.92
N ASP E 214 31.40 -9.43 -12.86
CA ASP E 214 32.61 -8.67 -12.54
C ASP E 214 32.39 -7.17 -12.51
N GLY E 215 31.22 -6.72 -12.93
CA GLY E 215 30.92 -5.30 -12.93
C GLY E 215 31.80 -4.45 -13.82
N CYS E 216 32.47 -5.08 -14.79
CA CYS E 216 33.34 -4.37 -15.71
C CYS E 216 32.62 -3.79 -16.93
N GLY E 217 31.38 -4.17 -17.13
CA GLY E 217 30.64 -3.69 -18.29
C GLY E 217 29.95 -2.35 -18.18
N ALA E 218 28.62 -2.39 -18.27
CA ALA E 218 27.77 -1.20 -18.23
C ALA E 218 27.92 -0.36 -16.96
N GLU E 219 27.75 -1.00 -15.79
CA GLU E 219 27.84 -0.30 -14.52
C GLU E 219 29.14 0.49 -14.45
N LEU E 220 30.25 -0.15 -14.83
CA LEU E 220 31.54 0.52 -14.80
C LEU E 220 31.69 1.63 -15.84
N GLN E 221 31.30 1.36 -17.07
CA GLN E 221 31.45 2.36 -18.10
C GLN E 221 30.68 3.66 -17.87
N SER E 222 29.55 3.57 -17.15
CA SER E 222 28.75 4.77 -16.88
C SER E 222 29.44 5.77 -15.97
N TRP E 223 30.36 5.27 -15.15
CA TRP E 223 31.09 6.13 -14.23
C TRP E 223 31.94 7.13 -14.96
N PHE E 224 32.17 6.87 -16.24
CA PHE E 224 33.00 7.72 -17.09
C PHE E 224 32.26 8.79 -17.88
N GLU E 225 30.93 8.80 -17.79
CA GLU E 225 30.18 9.82 -18.49
C GLU E 225 29.68 10.91 -17.52
N PRO E 240 21.64 11.18 10.96
CA PRO E 240 21.44 9.73 11.18
C PRO E 240 21.57 9.43 12.67
N PRO E 241 20.47 8.97 13.30
CA PRO E 241 20.57 8.68 14.74
C PRO E 241 21.63 7.63 15.01
N LEU E 242 22.43 7.88 16.03
CA LEU E 242 23.49 6.99 16.45
C LEU E 242 22.87 5.72 17.01
N PRO E 243 23.54 4.57 16.86
CA PRO E 243 22.97 3.33 17.39
C PRO E 243 22.88 3.46 18.92
N PRO E 244 21.81 2.93 19.52
CA PRO E 244 21.59 2.97 20.97
C PRO E 244 22.83 2.74 21.82
N SER E 245 23.59 1.69 21.52
CA SER E 245 24.79 1.38 22.32
C SER E 245 25.88 2.45 22.24
N CYS E 246 26.03 3.04 21.06
CA CYS E 246 27.02 4.10 20.89
C CYS E 246 26.52 5.33 21.63
N GLN E 247 25.23 5.62 21.46
CA GLN E 247 24.63 6.76 22.12
C GLN E 247 24.80 6.63 23.63
N ALA E 248 24.60 5.42 24.15
CA ALA E 248 24.73 5.16 25.58
C ALA E 248 26.10 5.53 26.09
N LEU E 249 27.12 5.31 25.27
CA LEU E 249 28.49 5.64 25.66
C LEU E 249 28.64 7.12 25.95
N LEU E 250 27.87 7.93 25.23
CA LEU E 250 27.91 9.37 25.40
C LEU E 250 27.09 9.74 26.62
N ASP E 251 25.88 9.18 26.68
CA ASP E 251 24.94 9.45 27.75
C ASP E 251 25.47 9.11 29.13
N GLU E 252 26.43 8.20 29.20
CA GLU E 252 27.01 7.81 30.48
C GLU E 252 28.44 8.33 30.68
N HIS E 253 28.91 9.17 29.77
CA HIS E 253 30.24 9.78 29.83
C HIS E 253 31.43 8.82 29.75
N VAL E 254 31.25 7.70 29.04
CA VAL E 254 32.31 6.72 28.87
C VAL E 254 33.27 7.09 27.74
N ILE E 255 32.85 8.00 26.87
CA ILE E 255 33.68 8.41 25.74
C ILE E 255 34.55 9.59 26.10
N ALA F 1 54.04 12.38 -59.70
CA ALA F 1 54.96 12.44 -60.87
C ALA F 1 54.84 11.17 -61.71
N THR F 2 54.40 10.08 -61.09
CA THR F 2 54.29 8.82 -61.80
C THR F 2 53.13 8.87 -62.77
N PRO F 3 53.09 7.91 -63.71
CA PRO F 3 52.02 7.83 -64.72
C PRO F 3 50.66 7.51 -64.05
N TRP F 4 50.73 6.78 -62.95
CA TRP F 4 49.55 6.40 -62.20
C TRP F 4 48.87 7.62 -61.59
N GLN F 5 49.66 8.62 -61.18
CA GLN F 5 49.12 9.82 -60.56
C GLN F 5 48.71 10.89 -61.55
N LYS F 6 48.88 10.65 -62.84
CA LYS F 6 48.52 11.64 -63.86
C LYS F 6 47.30 11.26 -64.68
N ILE F 7 47.11 9.98 -64.88
CA ILE F 7 45.98 9.50 -65.65
C ILE F 7 44.68 10.01 -65.01
N THR F 8 43.71 10.43 -65.81
CA THR F 8 42.46 10.92 -65.25
C THR F 8 41.30 9.97 -65.52
N GLN F 9 41.43 9.07 -66.48
CA GLN F 9 40.36 8.13 -66.83
C GLN F 9 40.76 6.68 -66.56
N PRO F 10 39.84 5.86 -66.08
CA PRO F 10 40.12 4.46 -65.80
C PRO F 10 40.49 3.74 -67.08
N VAL F 11 41.38 2.76 -66.96
CA VAL F 11 41.81 1.97 -68.11
C VAL F 11 40.65 1.08 -68.52
N PRO F 12 40.08 1.30 -69.71
CA PRO F 12 38.96 0.45 -70.14
C PRO F 12 39.30 -1.03 -70.11
N GLY F 13 38.33 -1.83 -69.69
CA GLY F 13 38.58 -3.25 -69.63
C GLY F 13 37.77 -3.95 -68.55
N SER F 14 37.88 -5.28 -68.47
CA SER F 14 37.16 -6.04 -67.46
C SER F 14 37.77 -5.68 -66.11
N ALA F 15 36.94 -5.39 -65.12
CA ALA F 15 37.47 -5.01 -63.79
C ALA F 15 38.44 -6.05 -63.25
N GLN F 16 39.65 -5.61 -62.90
CA GLN F 16 40.65 -6.55 -62.39
C GLN F 16 41.57 -5.88 -61.39
N SER F 17 41.62 -6.39 -60.18
CA SER F 17 42.50 -5.83 -59.16
C SER F 17 43.77 -6.62 -59.28
N ILE F 18 44.84 -5.95 -59.63
CA ILE F 18 46.14 -6.56 -59.85
C ILE F 18 47.17 -6.27 -58.78
N GLY F 19 47.71 -7.31 -58.17
CA GLY F 19 48.73 -7.11 -57.16
C GLY F 19 48.20 -7.19 -55.75
N SER F 20 48.87 -6.50 -54.84
CA SER F 20 48.47 -6.48 -53.46
C SER F 20 48.09 -5.03 -53.14
N PHE F 21 47.43 -4.85 -52.00
CA PHE F 21 46.94 -3.54 -51.56
C PHE F 21 47.98 -2.41 -51.49
N SER F 22 49.25 -2.77 -51.31
CA SER F 22 50.34 -1.80 -51.21
C SER F 22 51.29 -1.88 -52.40
N ASN F 23 50.90 -2.64 -53.41
CA ASN F 23 51.74 -2.72 -54.60
C ASN F 23 50.99 -3.37 -55.72
N GLY F 24 50.35 -2.55 -56.55
CA GLY F 24 49.59 -3.09 -57.66
C GLY F 24 48.84 -1.99 -58.35
N CYS F 25 47.82 -2.38 -59.09
CA CYS F 25 47.03 -1.39 -59.80
C CYS F 25 45.67 -2.00 -60.05
N ILE F 26 44.88 -1.35 -60.90
CA ILE F 26 43.59 -1.90 -61.24
C ILE F 26 43.14 -1.50 -62.64
N VAL F 27 42.72 -2.51 -63.39
CA VAL F 27 42.23 -2.34 -64.74
C VAL F 27 40.72 -2.30 -64.66
N GLY F 28 40.09 -1.54 -65.55
CA GLY F 28 38.65 -1.49 -65.54
C GLY F 28 38.03 -0.99 -64.24
N ALA F 29 38.64 0.01 -63.61
CA ALA F 29 38.08 0.54 -62.37
C ALA F 29 36.76 1.19 -62.66
N ASP F 30 35.92 1.27 -61.62
CA ASP F 30 34.61 1.88 -61.69
C ASP F 30 34.73 3.23 -60.99
N THR F 31 33.76 4.11 -61.22
CA THR F 31 33.76 5.46 -60.62
C THR F 31 32.58 5.66 -59.65
N LEU F 32 32.88 6.01 -58.41
CA LEU F 32 31.82 6.22 -57.43
C LEU F 32 31.00 7.37 -57.91
N PRO F 33 29.66 7.20 -57.97
CA PRO F 33 28.81 8.29 -58.43
C PRO F 33 28.95 9.39 -57.38
N ILE F 34 29.07 10.64 -57.83
CA ILE F 34 29.24 11.79 -56.95
C ILE F 34 27.93 12.13 -56.26
N GLN F 35 26.81 12.12 -56.99
CA GLN F 35 25.53 12.44 -56.39
C GLN F 35 24.87 11.19 -55.82
N SER F 36 24.51 11.26 -54.54
CA SER F 36 23.88 10.15 -53.86
C SER F 36 23.05 10.66 -52.68
N GLU F 37 22.01 9.91 -52.34
CA GLU F 37 21.15 10.28 -51.23
C GLU F 37 21.69 9.79 -49.90
N HIS F 38 22.64 8.86 -49.94
CA HIS F 38 23.15 8.29 -48.73
C HIS F 38 24.58 8.62 -48.34
N TYR F 39 25.35 9.20 -49.25
CA TYR F 39 26.72 9.56 -48.97
C TYR F 39 27.16 10.74 -49.78
N GLN F 40 28.32 11.28 -49.41
CA GLN F 40 28.92 12.40 -50.11
C GLN F 40 30.42 12.14 -50.26
N VAL F 41 31.02 12.66 -51.33
CA VAL F 41 32.43 12.45 -51.62
C VAL F 41 33.33 13.66 -51.31
N MSE F 42 34.29 13.42 -50.43
CA MSE F 42 35.22 14.45 -50.04
C MSE F 42 36.39 14.52 -51.01
O MSE F 42 36.63 13.56 -51.76
CB MSE F 42 35.72 14.15 -48.63
CG MSE F 42 34.62 14.09 -47.60
SE MSE F 42 35.39 13.90 -45.79
CE MSE F 42 36.26 12.13 -45.97
N ARG F 43 37.07 15.67 -50.98
CA ARG F 43 38.24 15.96 -51.81
C ARG F 43 38.24 15.38 -53.21
N THR F 44 37.20 15.65 -53.98
CA THR F 44 37.14 15.11 -55.31
C THR F 44 38.24 15.69 -56.18
N ASP F 45 38.83 16.80 -55.75
CA ASP F 45 39.90 17.42 -56.52
C ASP F 45 41.09 16.46 -56.59
N GLN F 46 41.23 15.60 -55.58
CA GLN F 46 42.32 14.62 -55.60
C GLN F 46 42.11 13.52 -56.62
N ARG F 47 40.87 13.35 -57.08
CA ARG F 47 40.56 12.30 -58.04
C ARG F 47 40.95 10.91 -57.53
N ARG F 48 40.42 10.56 -56.35
CA ARG F 48 40.69 9.28 -55.73
C ARG F 48 39.37 8.62 -55.36
N TYR F 49 38.37 8.81 -56.22
CA TYR F 49 37.07 8.23 -55.99
C TYR F 49 36.76 7.11 -56.97
N PHE F 50 37.78 6.36 -57.33
CA PHE F 50 37.70 5.24 -58.28
C PHE F 50 38.10 3.97 -57.55
N GLY F 51 37.63 2.83 -58.03
CA GLY F 51 37.95 1.57 -57.40
C GLY F 51 37.19 0.43 -58.04
N HIS F 52 37.40 -0.77 -57.51
CA HIS F 52 36.74 -1.94 -58.05
C HIS F 52 35.23 -1.84 -57.83
N PRO F 53 34.44 -2.36 -58.77
CA PRO F 53 32.97 -2.34 -58.66
C PRO F 53 32.52 -2.82 -57.26
N ASP F 54 33.22 -3.81 -56.72
CA ASP F 54 32.88 -4.31 -55.38
C ASP F 54 33.03 -3.17 -54.34
N LEU F 55 34.06 -2.34 -54.52
CA LEU F 55 34.25 -1.24 -53.58
C LEU F 55 33.11 -0.25 -53.72
N VAL F 56 32.76 0.11 -54.95
CA VAL F 56 31.64 1.02 -55.16
C VAL F 56 30.39 0.40 -54.54
N MSE F 57 30.15 -0.89 -54.76
CA MSE F 57 28.94 -1.50 -54.20
C MSE F 57 28.91 -1.57 -52.69
O MSE F 57 27.85 -1.39 -52.08
CB MSE F 57 28.70 -2.87 -54.82
CG MSE F 57 28.24 -2.72 -56.26
SE MSE F 57 27.75 -4.41 -57.16
CE MSE F 57 29.58 -5.25 -57.18
N PHE F 58 30.07 -1.82 -52.10
CA PHE F 58 30.16 -1.85 -50.64
C PHE F 58 29.75 -0.46 -50.09
N ILE F 59 30.24 0.59 -50.73
CA ILE F 59 29.93 1.95 -50.26
C ILE F 59 28.44 2.23 -50.39
N GLN F 60 27.86 1.91 -51.53
CA GLN F 60 26.42 2.16 -51.71
C GLN F 60 25.57 1.37 -50.72
N ARG F 61 25.98 0.13 -50.46
CA ARG F 61 25.26 -0.77 -49.56
C ARG F 61 25.35 -0.27 -48.10
N LEU F 62 26.54 0.12 -47.70
CA LEU F 62 26.76 0.61 -46.34
C LEU F 62 26.00 1.96 -46.13
N SER F 63 26.21 2.90 -47.03
CA SER F 63 25.55 4.21 -46.93
C SER F 63 24.00 4.10 -46.85
N SER F 64 23.46 3.12 -47.56
CA SER F 64 22.02 2.87 -47.58
C SER F 64 21.56 2.34 -46.22
N GLN F 65 22.34 1.42 -45.64
CA GLN F 65 22.00 0.86 -44.35
C GLN F 65 22.01 1.98 -43.31
N VAL F 66 23.10 2.73 -43.29
CA VAL F 66 23.23 3.83 -42.35
C VAL F 66 22.00 4.74 -42.46
N SER F 67 21.62 5.03 -43.70
CA SER F 67 20.49 5.91 -43.92
C SER F 67 19.17 5.31 -43.41
N ASN F 68 18.95 4.03 -43.64
CA ASN F 68 17.72 3.44 -43.15
C ASN F 68 17.67 3.38 -41.62
N LEU F 69 18.79 3.66 -40.98
CA LEU F 69 18.85 3.70 -39.52
C LEU F 69 18.77 5.16 -39.10
N GLY F 70 18.58 6.03 -40.08
CA GLY F 70 18.48 7.45 -39.83
C GLY F 70 19.64 8.00 -39.03
N MSE F 71 20.85 7.54 -39.30
CA MSE F 71 22.02 7.99 -38.57
C MSE F 71 22.75 9.16 -39.23
O MSE F 71 23.65 9.75 -38.64
CB MSE F 71 22.99 6.83 -38.35
CG MSE F 71 22.37 5.62 -37.67
SE MSE F 71 23.66 4.25 -37.23
CE MSE F 71 23.96 3.54 -39.00
N GLY F 72 22.37 9.47 -40.47
CA GLY F 72 23.01 10.57 -41.17
C GLY F 72 23.68 10.20 -42.47
N THR F 73 24.43 11.13 -43.03
CA THR F 73 25.13 10.93 -44.30
C THR F 73 26.55 10.40 -44.13
N VAL F 74 26.92 9.45 -44.98
CA VAL F 74 28.26 8.87 -44.94
C VAL F 74 29.18 9.77 -45.77
N LEU F 75 30.41 9.95 -45.29
CA LEU F 75 31.40 10.77 -45.97
C LEU F 75 32.55 9.89 -46.45
N ILE F 76 32.74 9.90 -47.76
CA ILE F 76 33.73 9.08 -48.42
C ILE F 76 35.06 9.80 -48.74
N GLY F 77 36.15 9.27 -48.19
CA GLY F 77 37.47 9.83 -48.41
C GLY F 77 38.21 9.12 -49.54
N ASP F 78 39.50 8.86 -49.34
CA ASP F 78 40.30 8.20 -50.35
C ASP F 78 39.91 6.77 -50.70
N MSE F 79 39.82 6.50 -52.00
CA MSE F 79 39.49 5.18 -52.52
C MSE F 79 40.72 4.75 -53.30
O MSE F 79 41.68 4.22 -52.74
CB MSE F 79 38.26 5.23 -53.42
CG MSE F 79 36.94 5.33 -52.67
SE MSE F 79 35.41 5.59 -53.82
CE MSE F 79 35.51 3.93 -54.79
N GLY F 80 40.70 5.02 -54.60
CA GLY F 80 41.82 4.69 -55.45
C GLY F 80 41.84 5.59 -56.66
N MSE F 81 43.03 5.77 -57.23
CA MSE F 81 43.18 6.61 -58.42
C MSE F 81 42.60 5.85 -59.61
O MSE F 81 42.40 4.64 -59.54
CB MSE F 81 44.65 6.96 -58.65
CG MSE F 81 45.26 7.76 -57.51
SE MSE F 81 47.03 8.45 -57.89
CE MSE F 81 48.03 6.82 -57.66
N PRO F 82 42.34 6.56 -60.72
CA PRO F 82 41.77 5.91 -61.91
C PRO F 82 42.27 4.49 -62.24
N ALA F 83 43.57 4.25 -62.11
CA ALA F 83 44.10 2.92 -62.38
C ALA F 83 44.89 2.38 -61.21
N GLY F 84 44.59 2.87 -60.01
CA GLY F 84 45.29 2.43 -58.81
C GLY F 84 46.70 3.01 -58.77
N GLY F 85 47.59 2.34 -58.05
CA GLY F 85 48.95 2.81 -57.93
C GLY F 85 49.15 3.53 -56.61
N ARG F 86 50.39 3.81 -56.26
CA ARG F 86 50.72 4.48 -55.02
C ARG F 86 50.36 5.96 -55.01
N PHE F 87 49.79 6.37 -53.87
CA PHE F 87 49.39 7.75 -53.61
C PHE F 87 50.61 8.59 -53.32
N ASN F 88 50.63 9.82 -53.81
CA ASN F 88 51.74 10.72 -53.49
C ASN F 88 51.17 11.50 -52.31
N GLY F 89 51.20 10.87 -51.14
CA GLY F 89 50.66 11.49 -49.95
C GLY F 89 49.38 10.75 -49.63
N GLY F 90 49.22 10.37 -48.36
CA GLY F 90 48.04 9.64 -47.95
C GLY F 90 48.49 8.27 -47.49
N HIS F 91 47.58 7.33 -47.31
CA HIS F 91 47.99 6.00 -46.88
C HIS F 91 48.81 5.31 -47.98
N ALA F 92 49.61 4.33 -47.59
CA ALA F 92 50.44 3.62 -48.54
C ALA F 92 49.74 2.51 -49.35
N SER F 93 48.56 2.06 -48.90
CA SER F 93 47.88 1.01 -49.65
C SER F 93 46.98 1.67 -50.67
N HIS F 94 45.71 1.25 -50.75
CA HIS F 94 44.76 1.83 -51.72
C HIS F 94 45.19 1.62 -53.16
N GLN F 95 46.18 0.79 -53.39
CA GLN F 95 46.68 0.59 -54.72
C GLN F 95 45.88 -0.31 -55.65
N THR F 96 44.93 -1.08 -55.12
CA THR F 96 44.19 -2.00 -55.99
C THR F 96 42.69 -1.80 -56.11
N GLY F 97 42.21 -0.67 -55.59
CA GLY F 97 40.79 -0.37 -55.67
C GLY F 97 39.91 -1.17 -54.71
N LEU F 98 40.50 -1.60 -53.60
CA LEU F 98 39.80 -2.39 -52.59
C LEU F 98 39.92 -1.76 -51.20
N ASP F 99 40.46 -0.54 -51.15
CA ASP F 99 40.63 0.18 -49.90
C ASP F 99 39.82 1.49 -49.96
N VAL F 100 39.09 1.81 -48.90
CA VAL F 100 38.36 3.07 -48.84
C VAL F 100 38.41 3.69 -47.43
N ASP F 101 38.70 4.98 -47.36
CA ASP F 101 38.77 5.69 -46.09
C ASP F 101 37.41 6.34 -45.86
N ILE F 102 36.88 6.18 -44.65
CA ILE F 102 35.58 6.77 -44.38
C ILE F 102 35.69 7.65 -43.17
N PHE F 103 35.17 8.85 -43.30
CA PHE F 103 35.20 9.81 -42.22
C PHE F 103 34.42 9.24 -41.05
N LEU F 104 34.92 9.49 -39.83
CA LEU F 104 34.25 8.99 -38.64
C LEU F 104 33.35 10.06 -38.07
N GLN F 105 32.45 10.54 -38.92
CA GLN F 105 31.51 11.58 -38.56
C GLN F 105 30.29 11.43 -39.46
N LEU F 106 29.10 11.52 -38.88
CA LEU F 106 27.89 11.38 -39.66
C LEU F 106 27.03 12.63 -39.60
N PRO F 107 27.33 13.63 -40.45
CA PRO F 107 26.53 14.86 -40.42
C PRO F 107 25.06 14.53 -40.73
N LYS F 108 24.14 15.27 -40.10
CA LYS F 108 22.71 15.04 -40.32
C LYS F 108 22.13 15.98 -41.36
N THR F 109 22.97 16.89 -41.82
CA THR F 109 22.60 17.85 -42.86
C THR F 109 23.73 17.70 -43.86
N ARG F 110 23.40 17.59 -45.14
CA ARG F 110 24.43 17.45 -46.17
C ARG F 110 25.47 18.57 -46.14
N TRP F 111 26.72 18.19 -46.36
CA TRP F 111 27.82 19.14 -46.39
C TRP F 111 27.76 19.90 -47.73
N THR F 112 28.40 21.05 -47.78
CA THR F 112 28.45 21.88 -48.99
C THR F 112 29.66 21.42 -49.82
N SER F 113 29.74 21.85 -51.07
CA SER F 113 30.90 21.49 -51.90
C SER F 113 32.19 21.96 -51.23
N ALA F 114 32.14 23.20 -50.71
CA ALA F 114 33.27 23.83 -50.03
C ALA F 114 33.75 22.99 -48.85
N GLN F 115 32.82 22.53 -48.02
CA GLN F 115 33.18 21.69 -46.87
C GLN F 115 33.73 20.32 -47.29
N LEU F 116 33.22 19.77 -48.39
CA LEU F 116 33.66 18.46 -48.90
C LEU F 116 35.06 18.59 -49.50
N LEU F 117 35.30 19.73 -50.15
CA LEU F 117 36.58 20.03 -50.77
C LEU F 117 37.65 20.18 -49.72
N ARG F 118 37.32 20.87 -48.62
CA ARG F 118 38.28 21.08 -47.54
C ARG F 118 37.69 20.62 -46.23
N PRO F 119 37.63 19.30 -46.02
CA PRO F 119 37.09 18.63 -44.84
C PRO F 119 37.81 19.04 -43.57
N GLN F 120 37.03 19.31 -42.53
CA GLN F 120 37.59 19.68 -41.24
C GLN F 120 37.66 18.41 -40.41
N ALA F 121 38.86 17.84 -40.35
CA ALA F 121 39.11 16.62 -39.61
C ALA F 121 38.64 16.75 -38.18
N LEU F 122 37.87 15.77 -37.73
CA LEU F 122 37.37 15.78 -36.36
C LEU F 122 38.12 14.72 -35.57
N ASP F 123 39.27 15.09 -35.00
CA ASP F 123 40.11 14.19 -34.21
C ASP F 123 39.40 13.57 -32.99
N LEU F 124 39.13 12.27 -33.08
CA LEU F 124 38.43 11.55 -32.02
C LEU F 124 39.30 11.09 -30.87
N VAL F 125 40.59 10.91 -31.11
CA VAL F 125 41.46 10.44 -30.04
C VAL F 125 42.02 11.56 -29.19
N SER F 126 42.00 11.36 -27.87
CA SER F 126 42.52 12.34 -26.94
C SER F 126 44.01 12.55 -27.18
N ARG F 127 44.52 13.65 -26.66
CA ARG F 127 45.92 14.03 -26.79
C ARG F 127 46.88 12.99 -26.25
N ASP F 128 46.45 12.15 -25.30
CA ASP F 128 47.36 11.13 -24.78
C ASP F 128 47.23 9.81 -25.52
N GLY F 129 46.26 9.74 -26.43
CA GLY F 129 46.04 8.57 -27.25
C GLY F 129 45.66 7.28 -26.54
N LYS F 130 45.12 7.39 -25.35
CA LYS F 130 44.72 6.22 -24.59
C LYS F 130 43.21 5.94 -24.69
N HIS F 131 42.44 6.95 -25.08
CA HIS F 131 41.01 6.82 -25.19
C HIS F 131 40.45 7.79 -26.21
N VAL F 132 39.13 7.76 -26.38
CA VAL F 132 38.48 8.65 -27.30
C VAL F 132 37.89 9.83 -26.54
N VAL F 133 37.78 10.96 -27.21
CA VAL F 133 37.20 12.15 -26.61
C VAL F 133 35.71 11.87 -26.43
N SER F 134 35.32 11.64 -25.19
CA SER F 134 33.93 11.29 -24.86
C SER F 134 32.84 12.24 -25.35
N THR F 135 33.17 13.51 -25.56
CA THR F 135 32.16 14.44 -26.04
C THR F 135 32.11 14.47 -27.56
N LEU F 136 32.97 13.69 -28.21
CA LEU F 136 32.98 13.64 -29.65
C LEU F 136 32.52 12.28 -30.15
N TRP F 137 32.53 11.30 -29.25
CA TRP F 137 32.15 9.94 -29.57
C TRP F 137 30.63 9.76 -29.47
N LYS F 138 30.02 9.31 -30.55
CA LYS F 138 28.59 9.10 -30.57
C LYS F 138 28.24 7.63 -30.85
N PRO F 139 27.05 7.19 -30.42
CA PRO F 139 26.63 5.81 -30.65
C PRO F 139 26.66 5.49 -32.14
N GLU F 140 26.30 6.49 -32.95
CA GLU F 140 26.30 6.32 -34.42
C GLU F 140 27.66 5.87 -35.01
N ILE F 141 28.75 6.35 -34.43
CA ILE F 141 30.09 5.97 -34.93
C ILE F 141 30.36 4.52 -34.62
N PHE F 142 29.96 4.08 -33.42
CA PHE F 142 30.13 2.69 -33.03
C PHE F 142 29.43 1.87 -34.13
N SER F 143 28.17 2.22 -34.40
CA SER F 143 27.35 1.55 -35.40
C SER F 143 27.89 1.56 -36.82
N LEU F 144 28.56 2.64 -37.16
CA LEU F 144 29.13 2.77 -38.49
C LEU F 144 30.26 1.75 -38.70
N ILE F 145 31.13 1.63 -37.70
CA ILE F 145 32.25 0.73 -37.81
C ILE F 145 31.71 -0.70 -37.78
N LYS F 146 30.74 -0.94 -36.91
CA LYS F 146 30.14 -2.27 -36.76
C LYS F 146 29.50 -2.75 -38.05
N LEU F 147 28.70 -1.89 -38.67
CA LEU F 147 28.02 -2.20 -39.92
C LEU F 147 29.01 -2.58 -41.01
N ALA F 148 30.12 -1.85 -41.10
CA ALA F 148 31.11 -2.16 -42.12
C ALA F 148 31.80 -3.47 -41.77
N ALA F 149 32.14 -3.65 -40.50
CA ALA F 149 32.83 -4.86 -40.06
C ALA F 149 31.99 -6.12 -40.30
N GLN F 150 30.68 -5.94 -40.30
CA GLN F 150 29.76 -7.04 -40.49
C GLN F 150 29.57 -7.45 -41.94
N ASP F 151 30.00 -6.60 -42.87
CA ASP F 151 29.84 -6.91 -44.28
C ASP F 151 30.75 -8.06 -44.65
N LYS F 152 30.21 -9.10 -45.28
CA LYS F 152 31.01 -10.26 -45.64
C LYS F 152 32.20 -9.98 -46.56
N ASP F 153 32.14 -8.88 -47.31
CA ASP F 153 33.21 -8.56 -48.24
C ASP F 153 34.41 -7.88 -47.60
N VAL F 154 34.24 -7.37 -46.39
CA VAL F 154 35.31 -6.70 -45.63
C VAL F 154 36.17 -7.70 -44.82
N THR F 155 37.47 -7.54 -44.87
CA THR F 155 38.37 -8.41 -44.14
C THR F 155 39.06 -7.66 -42.99
N ARG F 156 39.24 -6.36 -43.16
CA ARG F 156 39.94 -5.55 -42.17
C ARG F 156 39.51 -4.08 -42.21
N ILE F 157 39.53 -3.48 -41.02
CA ILE F 157 39.22 -2.07 -40.80
C ILE F 157 40.23 -1.55 -39.80
N PHE F 158 41.06 -0.63 -40.29
CA PHE F 158 42.09 -0.02 -39.48
C PHE F 158 41.61 1.27 -38.83
N VAL F 159 41.74 1.34 -37.51
CA VAL F 159 41.34 2.52 -36.75
C VAL F 159 42.44 2.71 -35.71
N ASN F 160 42.43 3.85 -35.05
CA ASN F 160 43.42 4.13 -34.03
C ASN F 160 43.11 3.24 -32.83
N PRO F 161 44.16 2.71 -32.19
CA PRO F 161 44.01 1.83 -31.01
C PRO F 161 42.94 2.26 -30.00
N ALA F 162 42.91 3.55 -29.67
CA ALA F 162 41.91 4.06 -28.72
C ALA F 162 40.46 3.80 -29.15
N ILE F 163 40.22 3.75 -30.46
CA ILE F 163 38.88 3.55 -30.98
C ILE F 163 38.48 2.09 -30.84
N LYS F 164 39.39 1.17 -31.11
CA LYS F 164 39.02 -0.23 -30.95
C LYS F 164 38.78 -0.47 -29.45
N GLN F 165 39.59 0.17 -28.61
CA GLN F 165 39.42 0.04 -27.16
C GLN F 165 37.98 0.38 -26.83
N GLN F 166 37.53 1.54 -27.30
CA GLN F 166 36.17 2.01 -27.08
C GLN F 166 35.12 1.07 -27.67
N LEU F 167 35.42 0.53 -28.85
CA LEU F 167 34.52 -0.41 -29.49
C LEU F 167 34.42 -1.66 -28.62
N CYS F 168 35.55 -2.09 -28.07
CA CYS F 168 35.61 -3.27 -27.23
C CYS F 168 34.80 -3.10 -25.97
N LEU F 169 34.78 -1.88 -25.42
CA LEU F 169 34.03 -1.58 -24.19
C LEU F 169 32.52 -1.55 -24.46
N ASP F 170 32.14 -0.89 -25.55
CA ASP F 170 30.74 -0.78 -25.93
C ASP F 170 30.18 -2.05 -26.56
N ALA F 171 31.04 -2.83 -27.20
CA ALA F 171 30.62 -4.04 -27.93
C ALA F 171 29.59 -4.91 -27.26
N GLY F 172 29.79 -5.23 -25.99
CA GLY F 172 28.82 -6.09 -25.33
C GLY F 172 29.03 -7.55 -25.70
N THR F 173 27.95 -8.31 -25.80
CA THR F 173 28.02 -9.73 -26.12
C THR F 173 28.25 -10.02 -27.62
N ASP F 174 27.70 -9.16 -28.46
CA ASP F 174 27.85 -9.29 -29.91
C ASP F 174 29.19 -8.62 -30.22
N ARG F 175 30.25 -9.42 -30.38
CA ARG F 175 31.57 -8.83 -30.61
C ARG F 175 32.56 -9.59 -31.50
N ASP F 176 32.11 -10.57 -32.27
CA ASP F 176 33.02 -11.32 -33.13
C ASP F 176 33.55 -10.44 -34.27
N TRP F 177 32.76 -9.43 -34.62
CA TRP F 177 33.13 -8.51 -35.69
C TRP F 177 34.38 -7.73 -35.30
N LEU F 178 34.66 -7.63 -33.99
CA LEU F 178 35.83 -6.91 -33.50
C LEU F 178 37.14 -7.48 -34.05
N ARG F 179 37.08 -8.72 -34.52
CA ARG F 179 38.26 -9.35 -35.08
C ARG F 179 38.78 -8.60 -36.32
N LYS F 180 37.85 -8.13 -37.14
CA LYS F 180 38.24 -7.40 -38.35
C LYS F 180 38.81 -6.00 -38.08
N VAL F 181 38.59 -5.48 -36.89
CA VAL F 181 39.09 -4.15 -36.55
C VAL F 181 40.52 -4.29 -36.03
N ARG F 182 41.46 -3.64 -36.69
CA ARG F 182 42.86 -3.72 -36.32
C ARG F 182 43.41 -2.33 -35.96
N PRO F 183 44.26 -2.27 -34.93
CA PRO F 183 44.86 -1.02 -34.46
C PRO F 183 46.04 -0.61 -35.36
N TRP F 184 46.18 0.70 -35.55
CA TRP F 184 47.29 1.23 -36.32
C TRP F 184 47.47 2.71 -36.00
N PHE F 185 48.66 3.21 -36.30
CA PHE F 185 49.01 4.61 -36.07
C PHE F 185 48.00 5.49 -36.80
N GLN F 186 47.79 6.67 -36.27
CA GLN F 186 46.85 7.59 -36.89
C GLN F 186 45.44 6.98 -37.01
N HIS F 187 44.82 7.17 -38.17
CA HIS F 187 43.46 6.68 -38.38
C HIS F 187 42.65 7.19 -37.20
N ARG F 188 42.79 8.48 -36.94
CA ARG F 188 42.12 9.14 -35.83
C ARG F 188 40.80 9.76 -36.25
N ALA F 189 40.71 10.15 -37.51
CA ALA F 189 39.50 10.78 -38.03
C ALA F 189 38.82 9.90 -39.08
N HIS F 190 39.57 8.94 -39.62
CA HIS F 190 39.02 8.04 -40.62
C HIS F 190 39.18 6.60 -40.17
N MSE F 191 38.42 5.73 -40.83
CA MSE F 191 38.51 4.31 -40.58
C MSE F 191 38.88 3.78 -41.96
O MSE F 191 38.29 4.16 -42.97
CB MSE F 191 37.16 3.74 -40.13
CG MSE F 191 36.22 3.32 -41.25
SE MSE F 191 34.64 2.37 -40.63
CE MSE F 191 33.31 3.69 -41.07
N HIS F 192 39.90 2.94 -42.03
CA HIS F 192 40.33 2.38 -43.31
C HIS F 192 39.70 1.02 -43.53
N VAL F 193 38.83 0.92 -44.54
CA VAL F 193 38.16 -0.35 -44.84
C VAL F 193 38.85 -1.07 -46.00
N ARG F 194 39.09 -2.36 -45.83
CA ARG F 194 39.73 -3.17 -46.87
C ARG F 194 38.88 -4.37 -47.26
N LEU F 195 38.62 -4.52 -48.55
CA LEU F 195 37.82 -5.61 -49.08
C LEU F 195 38.68 -6.84 -49.47
N ARG F 196 38.16 -8.09 -49.32
CA ARG F 196 38.82 -9.33 -49.77
C ARG F 196 39.00 -9.26 -51.30
N CYS F 197 39.91 -10.03 -51.87
CA CYS F 197 40.07 -10.02 -53.31
C CYS F 197 38.79 -10.51 -54.01
N PRO F 198 38.37 -9.81 -55.06
CA PRO F 198 37.17 -10.21 -55.80
C PRO F 198 37.40 -11.63 -56.36
N ALA F 199 36.37 -12.48 -56.30
CA ALA F 199 36.46 -13.86 -56.78
C ALA F 199 37.07 -14.02 -58.17
N ASP F 200 36.59 -13.26 -59.15
CA ASP F 200 37.10 -13.39 -60.50
C ASP F 200 38.38 -12.60 -60.84
N SER F 201 38.93 -11.86 -59.89
CA SER F 201 40.16 -11.15 -60.15
C SER F 201 41.31 -12.09 -59.84
N LEU F 202 41.77 -12.85 -60.81
CA LEU F 202 42.81 -13.84 -60.58
C LEU F 202 44.19 -13.31 -60.24
N GLU F 203 44.52 -12.10 -60.68
CA GLU F 203 45.86 -11.56 -60.37
C GLU F 203 45.91 -10.76 -59.07
N CYS F 204 44.87 -10.90 -58.26
CA CYS F 204 44.76 -10.21 -56.97
C CYS F 204 45.38 -11.09 -55.89
N GLU F 205 46.16 -10.49 -54.99
CA GLU F 205 46.79 -11.24 -53.90
C GLU F 205 46.19 -10.86 -52.52
N ASP F 206 45.60 -11.82 -51.83
CA ASP F 206 44.93 -11.67 -50.54
C ASP F 206 45.89 -11.74 -49.34
N GLN F 207 45.42 -11.26 -48.20
CA GLN F 207 46.18 -11.33 -46.97
C GLN F 207 45.63 -12.47 -46.14
N PRO F 208 46.40 -12.91 -45.15
CA PRO F 208 45.94 -14.01 -44.29
C PRO F 208 44.93 -13.43 -43.33
N LEU F 209 44.18 -14.29 -42.63
CA LEU F 209 43.20 -13.81 -41.69
C LEU F 209 43.92 -13.19 -40.50
N PRO F 210 43.24 -12.27 -39.79
CA PRO F 210 43.84 -11.62 -38.61
C PRO F 210 43.99 -12.60 -37.45
N PRO F 211 44.64 -12.18 -36.36
CA PRO F 211 44.79 -13.06 -35.19
C PRO F 211 43.40 -13.40 -34.65
N SER F 212 43.21 -14.64 -34.23
CA SER F 212 41.92 -15.09 -33.71
C SER F 212 41.41 -14.31 -32.48
N GLY F 213 40.09 -14.36 -32.26
CA GLY F 213 39.48 -13.64 -31.15
C GLY F 213 39.17 -12.19 -31.50
N ASP F 214 38.63 -11.43 -30.56
CA ASP F 214 38.30 -10.03 -30.80
C ASP F 214 39.53 -9.13 -30.80
N GLY F 215 40.63 -9.62 -30.20
CA GLY F 215 41.87 -8.84 -30.13
C GLY F 215 41.87 -7.69 -29.13
N CYS F 216 40.95 -7.72 -28.19
CA CYS F 216 40.84 -6.69 -27.20
C CYS F 216 41.75 -6.92 -25.97
N GLY F 217 42.48 -8.02 -25.96
CA GLY F 217 43.38 -8.29 -24.83
C GLY F 217 44.79 -7.76 -25.03
N ALA F 218 45.77 -8.61 -24.79
CA ALA F 218 47.18 -8.27 -24.90
C ALA F 218 47.58 -7.46 -26.15
N GLU F 219 47.26 -7.98 -27.32
CA GLU F 219 47.62 -7.30 -28.56
C GLU F 219 47.18 -5.84 -28.55
N LEU F 220 45.93 -5.58 -28.14
CA LEU F 220 45.44 -4.20 -28.12
C LEU F 220 46.09 -3.36 -27.01
N GLN F 221 46.11 -3.90 -25.80
CA GLN F 221 46.68 -3.18 -24.67
C GLN F 221 48.11 -2.79 -24.90
N SER F 222 48.80 -3.54 -25.75
CA SER F 222 50.19 -3.27 -26.03
C SER F 222 50.37 -2.00 -26.86
N TRP F 223 49.32 -1.57 -27.55
CA TRP F 223 49.39 -0.35 -28.37
C TRP F 223 49.39 0.90 -27.51
N PHE F 224 49.34 0.70 -26.21
CA PHE F 224 49.33 1.83 -25.32
C PHE F 224 50.63 1.90 -24.53
N GLU F 225 51.73 1.76 -25.26
CA GLU F 225 53.05 1.80 -24.67
C GLU F 225 54.18 1.99 -25.69
N PRO F 241 59.37 -4.12 -56.67
CA PRO F 241 59.08 -4.08 -58.12
C PRO F 241 57.57 -4.17 -58.33
N LEU F 242 57.12 -3.79 -59.52
CA LEU F 242 55.70 -3.78 -59.84
C LEU F 242 55.22 -5.06 -60.54
N PRO F 243 53.99 -5.48 -60.27
CA PRO F 243 53.48 -6.69 -60.91
C PRO F 243 53.64 -6.54 -62.42
N PRO F 244 54.03 -7.63 -63.12
CA PRO F 244 54.23 -7.58 -64.57
C PRO F 244 53.07 -6.96 -65.36
N SER F 245 51.85 -7.31 -64.98
CA SER F 245 50.69 -6.76 -65.66
C SER F 245 50.62 -5.25 -65.54
N CYS F 246 50.80 -4.73 -64.33
CA CYS F 246 50.78 -3.27 -64.11
C CYS F 246 51.97 -2.65 -64.88
N GLN F 247 53.10 -3.32 -64.82
CA GLN F 247 54.28 -2.85 -65.53
C GLN F 247 53.99 -2.86 -67.01
N ALA F 248 53.24 -3.85 -67.45
CA ALA F 248 52.87 -4.01 -68.85
C ALA F 248 52.05 -2.82 -69.34
N LEU F 249 51.18 -2.28 -68.47
CA LEU F 249 50.36 -1.14 -68.88
C LEU F 249 51.27 0.06 -69.15
N LEU F 250 52.35 0.17 -68.40
CA LEU F 250 53.31 1.25 -68.56
C LEU F 250 54.13 1.04 -69.85
N ASP F 251 54.75 -0.13 -69.97
CA ASP F 251 55.60 -0.44 -71.12
C ASP F 251 54.85 -0.28 -72.45
N GLU F 252 53.56 -0.59 -72.46
CA GLU F 252 52.79 -0.48 -73.69
C GLU F 252 52.11 0.85 -73.89
N HIS F 253 52.30 1.77 -72.96
CA HIS F 253 51.70 3.10 -73.07
C HIS F 253 50.17 3.08 -73.02
N VAL F 254 49.63 2.20 -72.19
CA VAL F 254 48.19 2.10 -72.05
C VAL F 254 47.75 3.07 -70.96
N ILE F 255 48.69 3.48 -70.11
CA ILE F 255 48.37 4.36 -69.00
C ILE F 255 48.37 5.84 -69.37
ZN ZN G . -41.32 1.85 46.48
S SO4 H . -35.19 6.28 41.60
O1 SO4 H . -36.16 6.06 42.59
O2 SO4 H . -34.03 7.06 42.07
O3 SO4 H . -35.63 7.03 40.52
O4 SO4 H . -34.59 5.06 41.29
ZN ZN I . -34.46 9.93 23.10
ZN ZN J . -35.80 2.51 -1.73
S SO4 K . -35.69 9.41 3.78
O1 SO4 K . -35.30 8.56 2.76
O2 SO4 K . -35.48 10.85 3.48
O3 SO4 K . -34.97 9.28 4.99
O4 SO4 K . -37.08 9.38 3.91
ZN ZN L . -0.48 3.34 25.10
S SO4 M . 5.73 8.18 20.10
O1 SO4 M . 4.71 8.00 21.05
O2 SO4 M . 6.82 9.03 20.62
O3 SO4 M . 5.35 8.86 18.97
O4 SO4 M . 6.40 6.98 19.84
ZN ZN N . 4.22 3.72 -23.72
S SO4 O . 4.67 10.70 -18.36
O1 SO4 O . 5.13 9.84 -19.36
O2 SO4 O . 4.70 12.11 -18.77
O3 SO4 O . 5.43 10.69 -17.20
O4 SO4 O . 3.30 10.50 -18.18
ZN ZN P . 6.83 11.63 0.95
ZN ZN Q . 38.53 4.49 3.44
S SO4 R . 42.58 9.46 -2.46
O1 SO4 R . 41.76 9.27 -1.38
O2 SO4 R . 43.50 10.61 -2.32
O3 SO4 R . 41.93 9.77 -3.66
O4 SO4 R . 43.50 8.40 -2.57
ZN ZN S . 43.41 10.55 -20.85
ZN ZN T . 43.26 4.44 -46.17
S SO4 U . 43.70 10.48 -39.70
O1 SO4 U . 44.12 9.71 -40.79
O2 SO4 U . 43.92 11.93 -39.88
O3 SO4 U . 44.37 10.23 -38.50
O4 SO4 U . 42.30 10.45 -39.61
#